data_4KP0
# 
_entry.id   4KP0 
# 
_audit_conform.dict_name       mmcif_pdbx.dic 
_audit_conform.dict_version    5.399 
_audit_conform.dict_location   http://mmcif.pdb.org/dictionaries/ascii/mmcif_pdbx.dic 
# 
loop_
_database_2.database_id 
_database_2.database_code 
_database_2.pdbx_database_accession 
_database_2.pdbx_DOI 
PDB   4KP0         pdb_00004kp0 10.2210/pdb4kp0/pdb 
RCSB  RCSB079613   ?            ?                   
WWPDB D_1000079613 ?            ?                   
# 
loop_
_pdbx_audit_revision_history.ordinal 
_pdbx_audit_revision_history.data_content_type 
_pdbx_audit_revision_history.major_revision 
_pdbx_audit_revision_history.minor_revision 
_pdbx_audit_revision_history.revision_date 
1 'Structure model' 1 0 2013-10-30 
2 'Structure model' 1 1 2023-11-08 
3 'Structure model' 1 2 2024-11-20 
# 
_pdbx_audit_revision_details.ordinal             1 
_pdbx_audit_revision_details.revision_ordinal    1 
_pdbx_audit_revision_details.data_content_type   'Structure model' 
_pdbx_audit_revision_details.provider            repository 
_pdbx_audit_revision_details.type                'Initial release' 
_pdbx_audit_revision_details.description         ? 
_pdbx_audit_revision_details.details             ? 
# 
loop_
_pdbx_audit_revision_group.ordinal 
_pdbx_audit_revision_group.revision_ordinal 
_pdbx_audit_revision_group.data_content_type 
_pdbx_audit_revision_group.group 
1 2 'Structure model' 'Data collection'        
2 2 'Structure model' 'Database references'    
3 2 'Structure model' 'Derived calculations'   
4 2 'Structure model' 'Refinement description' 
5 3 'Structure model' 'Structure summary'      
# 
loop_
_pdbx_audit_revision_category.ordinal 
_pdbx_audit_revision_category.revision_ordinal 
_pdbx_audit_revision_category.data_content_type 
_pdbx_audit_revision_category.category 
1 2 'Structure model' chem_comp_atom                
2 2 'Structure model' chem_comp_bond                
3 2 'Structure model' database_2                    
4 2 'Structure model' pdbx_initial_refinement_model 
5 2 'Structure model' struct_site                   
6 3 'Structure model' pdbx_entry_details            
7 3 'Structure model' pdbx_modification_feature     
# 
loop_
_pdbx_audit_revision_item.ordinal 
_pdbx_audit_revision_item.revision_ordinal 
_pdbx_audit_revision_item.data_content_type 
_pdbx_audit_revision_item.item 
1 2 'Structure model' '_database_2.pdbx_DOI'                
2 2 'Structure model' '_database_2.pdbx_database_accession' 
3 2 'Structure model' '_struct_site.pdbx_auth_asym_id'      
4 2 'Structure model' '_struct_site.pdbx_auth_comp_id'      
5 2 'Structure model' '_struct_site.pdbx_auth_seq_id'       
# 
_pdbx_database_status.status_code                     REL 
_pdbx_database_status.entry_id                        4KP0 
_pdbx_database_status.recvd_initial_deposition_date   2013-05-12 
_pdbx_database_status.deposit_site                    RCSB 
_pdbx_database_status.process_site                    PDBJ 
_pdbx_database_status.methods_development_category    ? 
_pdbx_database_status.status_code_sf                  REL 
_pdbx_database_status.status_code_mr                  ? 
_pdbx_database_status.SG_entry                        ? 
_pdbx_database_status.status_code_cs                  ? 
_pdbx_database_status.pdb_format_compatible           Y 
_pdbx_database_status.status_code_nmr_data            ? 
# 
loop_
_audit_author.name 
_audit_author.pdbx_ordinal 
'Kakuda, S.'            1 
'Takimoto-Kamimura, M.' 2 
# 
_citation.id                        primary 
_citation.title                     'Crystal structure of a complex of human chymase with its benzimidazole derived inhibitor' 
_citation.journal_abbrev            'J.SYNCHROTRON RADIAT.' 
_citation.journal_volume            20 
_citation.page_first                914 
_citation.page_last                 918 
_citation.year                      2013 
_citation.journal_id_ASTM           JSYRES 
_citation.country                   DK 
_citation.journal_id_ISSN           0909-0495 
_citation.journal_id_CSD            1210 
_citation.book_publisher            ? 
_citation.pdbx_database_id_PubMed   24121339 
_citation.pdbx_database_id_DOI      10.1107/S0909049513020748 
# 
loop_
_citation_author.citation_id 
_citation_author.name 
_citation_author.ordinal 
_citation_author.identifier_ORCID 
primary 'Matsumoto, Y.'         1 ? 
primary 'Kakuda, S.'            2 ? 
primary 'Koizumi, M.'           3 ? 
primary 'Mizuno, T.'            4 ? 
primary 'Muroga, Y.'            5 ? 
primary 'Kawamura, T.'          6 ? 
primary 'Takimoto-Kamimura, M.' 7 ? 
# 
loop_
_entity.id 
_entity.type 
_entity.src_method 
_entity.pdbx_description 
_entity.formula_weight 
_entity.pdbx_number_of_molecules 
_entity.pdbx_ec 
_entity.pdbx_mutation 
_entity.pdbx_fragment 
_entity.details 
1 polymer     man Chymase                                                                                     25066.969 1  
3.4.21.39 ? ? ? 
2 non-polymer syn '4-({1-[(4-methyl-1-benzothiophen-3-yl)methyl]-1H-benzimidazol-2-yl}sulfanyl)butanoic acid' 396.526   1  ? ? ? ? 
3 water       nat water                                                                                       18.015    12 ? ? ? ? 
# 
_entity_name_com.entity_id   1 
_entity_name_com.name        'Alpha-chymase, Mast cell protease I' 
# 
_entity_poly.entity_id                      1 
_entity_poly.type                           'polypeptide(L)' 
_entity_poly.nstd_linkage                   no 
_entity_poly.nstd_monomer                   no 
_entity_poly.pdbx_seq_one_letter_code       
;IIGGTECKPHSRPYMAYLEIVTSNGPSKFCGGFLIRRNFVLTAAHCAGRSITVTLGAHNITEEEDTWQKLEVIKQFRHPK
YNTSTLHHDIMLLKLKEKASLTLAVGTLPFPSQFNFVPPGRMCRVAGWGRTGVLKPGSDTLQEVKLRLMDPQACSHFRDF
DHNLQLCVGNPRKTKSAFKGDSGGPLLCAGVAQGIVSYGRSDAKPPAVFTRISHYRPWINQILQAN
;
_entity_poly.pdbx_seq_one_letter_code_can   
;IIGGTECKPHSRPYMAYLEIVTSNGPSKFCGGFLIRRNFVLTAAHCAGRSITVTLGAHNITEEEDTWQKLEVIKQFRHPK
YNTSTLHHDIMLLKLKEKASLTLAVGTLPFPSQFNFVPPGRMCRVAGWGRTGVLKPGSDTLQEVKLRLMDPQACSHFRDF
DHNLQLCVGNPRKTKSAFKGDSGGPLLCAGVAQGIVSYGRSDAKPPAVFTRISHYRPWINQILQAN
;
_entity_poly.pdbx_strand_id                 A 
_entity_poly.pdbx_target_identifier         ? 
# 
loop_
_pdbx_entity_nonpoly.entity_id 
_pdbx_entity_nonpoly.name 
_pdbx_entity_nonpoly.comp_id 
2 '4-({1-[(4-methyl-1-benzothiophen-3-yl)methyl]-1H-benzimidazol-2-yl}sulfanyl)butanoic acid' KPK 
3 water                                                                                       HOH 
# 
loop_
_entity_poly_seq.entity_id 
_entity_poly_seq.num 
_entity_poly_seq.mon_id 
_entity_poly_seq.hetero 
1 1   ILE n 
1 2   ILE n 
1 3   GLY n 
1 4   GLY n 
1 5   THR n 
1 6   GLU n 
1 7   CYS n 
1 8   LYS n 
1 9   PRO n 
1 10  HIS n 
1 11  SER n 
1 12  ARG n 
1 13  PRO n 
1 14  TYR n 
1 15  MET n 
1 16  ALA n 
1 17  TYR n 
1 18  LEU n 
1 19  GLU n 
1 20  ILE n 
1 21  VAL n 
1 22  THR n 
1 23  SER n 
1 24  ASN n 
1 25  GLY n 
1 26  PRO n 
1 27  SER n 
1 28  LYS n 
1 29  PHE n 
1 30  CYS n 
1 31  GLY n 
1 32  GLY n 
1 33  PHE n 
1 34  LEU n 
1 35  ILE n 
1 36  ARG n 
1 37  ARG n 
1 38  ASN n 
1 39  PHE n 
1 40  VAL n 
1 41  LEU n 
1 42  THR n 
1 43  ALA n 
1 44  ALA n 
1 45  HIS n 
1 46  CYS n 
1 47  ALA n 
1 48  GLY n 
1 49  ARG n 
1 50  SER n 
1 51  ILE n 
1 52  THR n 
1 53  VAL n 
1 54  THR n 
1 55  LEU n 
1 56  GLY n 
1 57  ALA n 
1 58  HIS n 
1 59  ASN n 
1 60  ILE n 
1 61  THR n 
1 62  GLU n 
1 63  GLU n 
1 64  GLU n 
1 65  ASP n 
1 66  THR n 
1 67  TRP n 
1 68  GLN n 
1 69  LYS n 
1 70  LEU n 
1 71  GLU n 
1 72  VAL n 
1 73  ILE n 
1 74  LYS n 
1 75  GLN n 
1 76  PHE n 
1 77  ARG n 
1 78  HIS n 
1 79  PRO n 
1 80  LYS n 
1 81  TYR n 
1 82  ASN n 
1 83  THR n 
1 84  SER n 
1 85  THR n 
1 86  LEU n 
1 87  HIS n 
1 88  HIS n 
1 89  ASP n 
1 90  ILE n 
1 91  MET n 
1 92  LEU n 
1 93  LEU n 
1 94  LYS n 
1 95  LEU n 
1 96  LYS n 
1 97  GLU n 
1 98  LYS n 
1 99  ALA n 
1 100 SER n 
1 101 LEU n 
1 102 THR n 
1 103 LEU n 
1 104 ALA n 
1 105 VAL n 
1 106 GLY n 
1 107 THR n 
1 108 LEU n 
1 109 PRO n 
1 110 PHE n 
1 111 PRO n 
1 112 SER n 
1 113 GLN n 
1 114 PHE n 
1 115 ASN n 
1 116 PHE n 
1 117 VAL n 
1 118 PRO n 
1 119 PRO n 
1 120 GLY n 
1 121 ARG n 
1 122 MET n 
1 123 CYS n 
1 124 ARG n 
1 125 VAL n 
1 126 ALA n 
1 127 GLY n 
1 128 TRP n 
1 129 GLY n 
1 130 ARG n 
1 131 THR n 
1 132 GLY n 
1 133 VAL n 
1 134 LEU n 
1 135 LYS n 
1 136 PRO n 
1 137 GLY n 
1 138 SER n 
1 139 ASP n 
1 140 THR n 
1 141 LEU n 
1 142 GLN n 
1 143 GLU n 
1 144 VAL n 
1 145 LYS n 
1 146 LEU n 
1 147 ARG n 
1 148 LEU n 
1 149 MET n 
1 150 ASP n 
1 151 PRO n 
1 152 GLN n 
1 153 ALA n 
1 154 CYS n 
1 155 SER n 
1 156 HIS n 
1 157 PHE n 
1 158 ARG n 
1 159 ASP n 
1 160 PHE n 
1 161 ASP n 
1 162 HIS n 
1 163 ASN n 
1 164 LEU n 
1 165 GLN n 
1 166 LEU n 
1 167 CYS n 
1 168 VAL n 
1 169 GLY n 
1 170 ASN n 
1 171 PRO n 
1 172 ARG n 
1 173 LYS n 
1 174 THR n 
1 175 LYS n 
1 176 SER n 
1 177 ALA n 
1 178 PHE n 
1 179 LYS n 
1 180 GLY n 
1 181 ASP n 
1 182 SER n 
1 183 GLY n 
1 184 GLY n 
1 185 PRO n 
1 186 LEU n 
1 187 LEU n 
1 188 CYS n 
1 189 ALA n 
1 190 GLY n 
1 191 VAL n 
1 192 ALA n 
1 193 GLN n 
1 194 GLY n 
1 195 ILE n 
1 196 VAL n 
1 197 SER n 
1 198 TYR n 
1 199 GLY n 
1 200 ARG n 
1 201 SER n 
1 202 ASP n 
1 203 ALA n 
1 204 LYS n 
1 205 PRO n 
1 206 PRO n 
1 207 ALA n 
1 208 VAL n 
1 209 PHE n 
1 210 THR n 
1 211 ARG n 
1 212 ILE n 
1 213 SER n 
1 214 HIS n 
1 215 TYR n 
1 216 ARG n 
1 217 PRO n 
1 218 TRP n 
1 219 ILE n 
1 220 ASN n 
1 221 GLN n 
1 222 ILE n 
1 223 LEU n 
1 224 GLN n 
1 225 ALA n 
1 226 ASN n 
# 
_entity_src_gen.entity_id                          1 
_entity_src_gen.pdbx_src_id                        1 
_entity_src_gen.pdbx_alt_source_flag               sample 
_entity_src_gen.pdbx_seq_type                      ? 
_entity_src_gen.pdbx_beg_seq_num                   ? 
_entity_src_gen.pdbx_end_seq_num                   ? 
_entity_src_gen.gene_src_common_name               human 
_entity_src_gen.gene_src_genus                     ? 
_entity_src_gen.pdbx_gene_src_gene                 CMA1 
_entity_src_gen.gene_src_species                   ? 
_entity_src_gen.gene_src_strain                    ? 
_entity_src_gen.gene_src_tissue                    ? 
_entity_src_gen.gene_src_tissue_fraction           ? 
_entity_src_gen.gene_src_details                   ? 
_entity_src_gen.pdbx_gene_src_fragment             ? 
_entity_src_gen.pdbx_gene_src_scientific_name      'Homo sapiens' 
_entity_src_gen.pdbx_gene_src_ncbi_taxonomy_id     9606 
_entity_src_gen.pdbx_gene_src_variant              ? 
_entity_src_gen.pdbx_gene_src_cell_line            ? 
_entity_src_gen.pdbx_gene_src_atcc                 ? 
_entity_src_gen.pdbx_gene_src_organ                ? 
_entity_src_gen.pdbx_gene_src_organelle            ? 
_entity_src_gen.pdbx_gene_src_cell                 ? 
_entity_src_gen.pdbx_gene_src_cellular_location    ? 
_entity_src_gen.host_org_common_name               'fall armyworm' 
_entity_src_gen.pdbx_host_org_scientific_name      'Spodoptera frugiperda' 
_entity_src_gen.pdbx_host_org_ncbi_taxonomy_id     7108 
_entity_src_gen.host_org_genus                     ? 
_entity_src_gen.pdbx_host_org_gene                 ? 
_entity_src_gen.pdbx_host_org_organ                ? 
_entity_src_gen.host_org_species                   ? 
_entity_src_gen.pdbx_host_org_tissue               ? 
_entity_src_gen.pdbx_host_org_tissue_fraction      ? 
_entity_src_gen.pdbx_host_org_strain               ? 
_entity_src_gen.pdbx_host_org_variant              ? 
_entity_src_gen.pdbx_host_org_cell_line            ? 
_entity_src_gen.pdbx_host_org_atcc                 ? 
_entity_src_gen.pdbx_host_org_culture_collection   ? 
_entity_src_gen.pdbx_host_org_cell                 ? 
_entity_src_gen.pdbx_host_org_organelle            ? 
_entity_src_gen.pdbx_host_org_cellular_location    ? 
_entity_src_gen.pdbx_host_org_vector_type          baculovirus 
_entity_src_gen.pdbx_host_org_vector               ? 
_entity_src_gen.host_org_details                   ? 
_entity_src_gen.expression_system_id               ? 
_entity_src_gen.plasmid_name                       ? 
_entity_src_gen.plasmid_details                    ? 
_entity_src_gen.pdbx_description                   ? 
# 
loop_
_chem_comp.id 
_chem_comp.type 
_chem_comp.mon_nstd_flag 
_chem_comp.name 
_chem_comp.pdbx_synonyms 
_chem_comp.formula 
_chem_comp.formula_weight 
ALA 'L-peptide linking' y ALANINE                                                                                     ? 
'C3 H7 N O2'       89.093  
ARG 'L-peptide linking' y ARGININE                                                                                    ? 
'C6 H15 N4 O2 1'   175.209 
ASN 'L-peptide linking' y ASPARAGINE                                                                                  ? 
'C4 H8 N2 O3'      132.118 
ASP 'L-peptide linking' y 'ASPARTIC ACID'                                                                             ? 
'C4 H7 N O4'       133.103 
CYS 'L-peptide linking' y CYSTEINE                                                                                    ? 
'C3 H7 N O2 S'     121.158 
GLN 'L-peptide linking' y GLUTAMINE                                                                                   ? 
'C5 H10 N2 O3'     146.144 
GLU 'L-peptide linking' y 'GLUTAMIC ACID'                                                                             ? 
'C5 H9 N O4'       147.129 
GLY 'peptide linking'   y GLYCINE                                                                                     ? 
'C2 H5 N O2'       75.067  
HIS 'L-peptide linking' y HISTIDINE                                                                                   ? 
'C6 H10 N3 O2 1'   156.162 
HOH non-polymer         . WATER                                                                                       ? 'H2 O' 
18.015  
ILE 'L-peptide linking' y ISOLEUCINE                                                                                  ? 
'C6 H13 N O2'      131.173 
KPK non-polymer         . '4-({1-[(4-methyl-1-benzothiophen-3-yl)methyl]-1H-benzimidazol-2-yl}sulfanyl)butanoic acid' ? 
'C21 H20 N2 O2 S2' 396.526 
LEU 'L-peptide linking' y LEUCINE                                                                                     ? 
'C6 H13 N O2'      131.173 
LYS 'L-peptide linking' y LYSINE                                                                                      ? 
'C6 H15 N2 O2 1'   147.195 
MET 'L-peptide linking' y METHIONINE                                                                                  ? 
'C5 H11 N O2 S'    149.211 
PHE 'L-peptide linking' y PHENYLALANINE                                                                               ? 
'C9 H11 N O2'      165.189 
PRO 'L-peptide linking' y PROLINE                                                                                     ? 
'C5 H9 N O2'       115.130 
SER 'L-peptide linking' y SERINE                                                                                      ? 
'C3 H7 N O3'       105.093 
THR 'L-peptide linking' y THREONINE                                                                                   ? 
'C4 H9 N O3'       119.119 
TRP 'L-peptide linking' y TRYPTOPHAN                                                                                  ? 
'C11 H12 N2 O2'    204.225 
TYR 'L-peptide linking' y TYROSINE                                                                                    ? 
'C9 H11 N O3'      181.189 
VAL 'L-peptide linking' y VALINE                                                                                      ? 
'C5 H11 N O2'      117.146 
# 
loop_
_pdbx_poly_seq_scheme.asym_id 
_pdbx_poly_seq_scheme.entity_id 
_pdbx_poly_seq_scheme.seq_id 
_pdbx_poly_seq_scheme.mon_id 
_pdbx_poly_seq_scheme.ndb_seq_num 
_pdbx_poly_seq_scheme.pdb_seq_num 
_pdbx_poly_seq_scheme.auth_seq_num 
_pdbx_poly_seq_scheme.pdb_mon_id 
_pdbx_poly_seq_scheme.auth_mon_id 
_pdbx_poly_seq_scheme.pdb_strand_id 
_pdbx_poly_seq_scheme.pdb_ins_code 
_pdbx_poly_seq_scheme.hetero 
A 1 1   ILE 1   16  16  ILE ILE A . n 
A 1 2   ILE 2   17  17  ILE ILE A . n 
A 1 3   GLY 3   18  18  GLY GLY A . n 
A 1 4   GLY 4   19  19  GLY GLY A . n 
A 1 5   THR 5   20  20  THR THR A . n 
A 1 6   GLU 6   21  21  GLU GLU A . n 
A 1 7   CYS 7   22  22  CYS CYS A . n 
A 1 8   LYS 8   23  23  LYS LYS A . n 
A 1 9   PRO 9   24  24  PRO PRO A . n 
A 1 10  HIS 10  25  25  HIS HIS A . n 
A 1 11  SER 11  26  26  SER SER A . n 
A 1 12  ARG 12  27  27  ARG ARG A . n 
A 1 13  PRO 13  28  28  PRO PRO A . n 
A 1 14  TYR 14  29  29  TYR TYR A . n 
A 1 15  MET 15  30  30  MET MET A . n 
A 1 16  ALA 16  31  31  ALA ALA A . n 
A 1 17  TYR 17  32  32  TYR TYR A . n 
A 1 18  LEU 18  33  33  LEU LEU A . n 
A 1 19  GLU 19  34  34  GLU GLU A . n 
A 1 20  ILE 20  35  35  ILE ILE A . n 
A 1 21  VAL 21  36  36  VAL VAL A . n 
A 1 22  THR 22  36  36  THR THR A A n 
A 1 23  SER 23  36  36  SER SER A B n 
A 1 24  ASN 24  36  36  ASN ASN A C n 
A 1 25  GLY 25  37  37  GLY GLY A . n 
A 1 26  PRO 26  38  38  PRO PRO A . n 
A 1 27  SER 27  39  39  SER SER A . n 
A 1 28  LYS 28  40  40  LYS LYS A . n 
A 1 29  PHE 29  41  41  PHE PHE A . n 
A 1 30  CYS 30  42  42  CYS CYS A . n 
A 1 31  GLY 31  43  43  GLY GLY A . n 
A 1 32  GLY 32  44  44  GLY GLY A . n 
A 1 33  PHE 33  45  45  PHE PHE A . n 
A 1 34  LEU 34  46  46  LEU LEU A . n 
A 1 35  ILE 35  47  47  ILE ILE A . n 
A 1 36  ARG 36  48  48  ARG ARG A . n 
A 1 37  ARG 37  49  49  ARG ARG A . n 
A 1 38  ASN 38  50  50  ASN ASN A . n 
A 1 39  PHE 39  51  51  PHE PHE A . n 
A 1 40  VAL 40  52  52  VAL VAL A . n 
A 1 41  LEU 41  53  53  LEU LEU A . n 
A 1 42  THR 42  54  54  THR THR A . n 
A 1 43  ALA 43  55  55  ALA ALA A . n 
A 1 44  ALA 44  56  56  ALA ALA A . n 
A 1 45  HIS 45  57  57  HIS HIS A . n 
A 1 46  CYS 46  58  58  CYS CYS A . n 
A 1 47  ALA 47  59  59  ALA ALA A . n 
A 1 48  GLY 48  60  60  GLY GLY A . n 
A 1 49  ARG 49  61  61  ARG ARG A . n 
A 1 50  SER 50  63  63  SER SER A . n 
A 1 51  ILE 51  64  64  ILE ILE A . n 
A 1 52  THR 52  65  65  THR THR A . n 
A 1 53  VAL 53  66  66  VAL VAL A . n 
A 1 54  THR 54  67  67  THR THR A . n 
A 1 55  LEU 55  68  68  LEU LEU A . n 
A 1 56  GLY 56  69  69  GLY GLY A . n 
A 1 57  ALA 57  70  70  ALA ALA A . n 
A 1 58  HIS 58  71  71  HIS HIS A . n 
A 1 59  ASN 59  72  72  ASN ASN A . n 
A 1 60  ILE 60  73  73  ILE ILE A . n 
A 1 61  THR 61  74  74  THR THR A . n 
A 1 62  GLU 62  75  75  GLU GLU A . n 
A 1 63  GLU 63  76  76  GLU GLU A . n 
A 1 64  GLU 64  77  77  GLU GLU A . n 
A 1 65  ASP 65  78  78  ASP ASP A . n 
A 1 66  THR 66  79  79  THR THR A . n 
A 1 67  TRP 67  80  80  TRP TRP A . n 
A 1 68  GLN 68  81  81  GLN GLN A . n 
A 1 69  LYS 69  82  82  LYS LYS A . n 
A 1 70  LEU 70  83  83  LEU LEU A . n 
A 1 71  GLU 71  84  84  GLU GLU A . n 
A 1 72  VAL 72  85  85  VAL VAL A . n 
A 1 73  ILE 73  86  86  ILE ILE A . n 
A 1 74  LYS 74  87  87  LYS LYS A . n 
A 1 75  GLN 75  88  88  GLN GLN A . n 
A 1 76  PHE 76  89  89  PHE PHE A . n 
A 1 77  ARG 77  90  90  ARG ARG A . n 
A 1 78  HIS 78  91  91  HIS HIS A . n 
A 1 79  PRO 79  92  92  PRO PRO A . n 
A 1 80  LYS 80  93  93  LYS LYS A . n 
A 1 81  TYR 81  94  94  TYR TYR A . n 
A 1 82  ASN 82  95  95  ASN ASN A . n 
A 1 83  THR 83  96  96  THR THR A . n 
A 1 84  SER 84  97  97  SER SER A . n 
A 1 85  THR 85  98  98  THR THR A . n 
A 1 86  LEU 86  99  99  LEU LEU A . n 
A 1 87  HIS 87  100 100 HIS HIS A . n 
A 1 88  HIS 88  101 101 HIS HIS A . n 
A 1 89  ASP 89  102 102 ASP ASP A . n 
A 1 90  ILE 90  103 103 ILE ILE A . n 
A 1 91  MET 91  104 104 MET MET A . n 
A 1 92  LEU 92  105 105 LEU LEU A . n 
A 1 93  LEU 93  106 106 LEU LEU A . n 
A 1 94  LYS 94  107 107 LYS LYS A . n 
A 1 95  LEU 95  108 108 LEU LEU A . n 
A 1 96  LYS 96  109 109 LYS LYS A . n 
A 1 97  GLU 97  110 110 GLU GLU A . n 
A 1 98  LYS 98  111 111 LYS LYS A . n 
A 1 99  ALA 99  112 112 ALA ALA A . n 
A 1 100 SER 100 113 113 SER SER A . n 
A 1 101 LEU 101 114 114 LEU LEU A . n 
A 1 102 THR 102 115 115 THR THR A . n 
A 1 103 LEU 103 116 116 LEU LEU A . n 
A 1 104 ALA 104 117 117 ALA ALA A . n 
A 1 105 VAL 105 118 118 VAL VAL A . n 
A 1 106 GLY 106 119 119 GLY GLY A . n 
A 1 107 THR 107 120 120 THR THR A . n 
A 1 108 LEU 108 121 121 LEU LEU A . n 
A 1 109 PRO 109 122 122 PRO PRO A . n 
A 1 110 PHE 110 123 123 PHE PHE A . n 
A 1 111 PRO 111 124 ?   ?   ?   A . n 
A 1 112 SER 112 125 ?   ?   ?   A . n 
A 1 113 GLN 113 126 ?   ?   ?   A . n 
A 1 114 PHE 114 127 ?   ?   ?   A . n 
A 1 115 ASN 115 128 ?   ?   ?   A . n 
A 1 116 PHE 116 129 ?   ?   ?   A . n 
A 1 117 VAL 117 130 130 VAL VAL A . n 
A 1 118 PRO 118 131 131 PRO PRO A . n 
A 1 119 PRO 119 132 132 PRO PRO A . n 
A 1 120 GLY 120 133 133 GLY GLY A . n 
A 1 121 ARG 121 134 134 ARG ARG A . n 
A 1 122 MET 122 135 135 MET MET A . n 
A 1 123 CYS 123 136 136 CYS CYS A . n 
A 1 124 ARG 124 137 137 ARG ARG A . n 
A 1 125 VAL 125 138 138 VAL VAL A . n 
A 1 126 ALA 126 139 139 ALA ALA A . n 
A 1 127 GLY 127 140 140 GLY GLY A . n 
A 1 128 TRP 128 141 141 TRP TRP A . n 
A 1 129 GLY 129 142 142 GLY GLY A . n 
A 1 130 ARG 130 143 143 ARG ARG A . n 
A 1 131 THR 131 144 144 THR THR A . n 
A 1 132 GLY 132 145 145 GLY GLY A . n 
A 1 133 VAL 133 146 146 VAL VAL A . n 
A 1 134 LEU 134 147 147 LEU LEU A . n 
A 1 135 LYS 135 148 148 LYS LYS A . n 
A 1 136 PRO 136 150 150 PRO PRO A . n 
A 1 137 GLY 137 151 151 GLY GLY A . n 
A 1 138 SER 138 152 152 SER SER A . n 
A 1 139 ASP 139 153 153 ASP ASP A . n 
A 1 140 THR 140 154 154 THR THR A . n 
A 1 141 LEU 141 155 155 LEU LEU A . n 
A 1 142 GLN 142 156 156 GLN GLN A . n 
A 1 143 GLU 143 157 157 GLU GLU A . n 
A 1 144 VAL 144 158 158 VAL VAL A . n 
A 1 145 LYS 145 159 159 LYS LYS A . n 
A 1 146 LEU 146 160 160 LEU LEU A . n 
A 1 147 ARG 147 161 161 ARG ARG A . n 
A 1 148 LEU 148 162 162 LEU LEU A . n 
A 1 149 MET 149 163 163 MET MET A . n 
A 1 150 ASP 150 164 164 ASP ASP A . n 
A 1 151 PRO 151 165 165 PRO PRO A . n 
A 1 152 GLN 152 166 166 GLN GLN A . n 
A 1 153 ALA 153 167 167 ALA ALA A . n 
A 1 154 CYS 154 168 168 CYS CYS A . n 
A 1 155 SER 155 169 169 SER SER A . n 
A 1 156 HIS 156 172 172 HIS HIS A . n 
A 1 157 PHE 157 173 173 PHE PHE A . n 
A 1 158 ARG 158 174 174 ARG ARG A . n 
A 1 159 ASP 159 175 175 ASP ASP A . n 
A 1 160 PHE 160 176 176 PHE PHE A . n 
A 1 161 ASP 161 177 177 ASP ASP A . n 
A 1 162 HIS 162 178 178 HIS HIS A . n 
A 1 163 ASN 163 178 178 ASN ASN A A n 
A 1 164 LEU 164 179 179 LEU LEU A . n 
A 1 165 GLN 165 180 180 GLN GLN A . n 
A 1 166 LEU 166 181 181 LEU LEU A . n 
A 1 167 CYS 167 182 182 CYS CYS A . n 
A 1 168 VAL 168 183 183 VAL VAL A . n 
A 1 169 GLY 169 184 184 GLY GLY A . n 
A 1 170 ASN 170 185 185 ASN ASN A . n 
A 1 171 PRO 171 186 186 PRO PRO A . n 
A 1 172 ARG 172 186 186 ARG ARG A A n 
A 1 173 LYS 173 186 186 LYS LYS A B n 
A 1 174 THR 174 187 187 THR THR A . n 
A 1 175 LYS 175 188 188 LYS LYS A . n 
A 1 176 SER 176 189 189 SER SER A . n 
A 1 177 ALA 177 190 190 ALA ALA A . n 
A 1 178 PHE 178 191 191 PHE PHE A . n 
A 1 179 LYS 179 192 192 LYS LYS A . n 
A 1 180 GLY 180 193 193 GLY GLY A . n 
A 1 181 ASP 181 194 194 ASP ASP A . n 
A 1 182 SER 182 195 195 SER SER A . n 
A 1 183 GLY 183 196 196 GLY GLY A . n 
A 1 184 GLY 184 197 197 GLY GLY A . n 
A 1 185 PRO 185 198 198 PRO PRO A . n 
A 1 186 LEU 186 199 199 LEU LEU A . n 
A 1 187 LEU 187 200 200 LEU LEU A . n 
A 1 188 CYS 188 201 201 CYS CYS A . n 
A 1 189 ALA 189 202 202 ALA ALA A . n 
A 1 190 GLY 190 207 207 GLY GLY A . n 
A 1 191 VAL 191 208 208 VAL VAL A . n 
A 1 192 ALA 192 209 209 ALA ALA A . n 
A 1 193 GLN 193 210 210 GLN GLN A . n 
A 1 194 GLY 194 211 211 GLY GLY A . n 
A 1 195 ILE 195 212 212 ILE ILE A . n 
A 1 196 VAL 196 213 213 VAL VAL A . n 
A 1 197 SER 197 214 214 SER SER A . n 
A 1 198 TYR 198 215 215 TYR TYR A . n 
A 1 199 GLY 199 216 216 GLY GLY A . n 
A 1 200 ARG 200 217 217 ARG ARG A . n 
A 1 201 SER 201 218 218 SER SER A . n 
A 1 202 ASP 202 219 219 ASP ASP A . n 
A 1 203 ALA 203 220 220 ALA ALA A . n 
A 1 204 LYS 204 221 221 LYS LYS A . n 
A 1 205 PRO 205 224 224 PRO PRO A . n 
A 1 206 PRO 206 225 225 PRO PRO A . n 
A 1 207 ALA 207 226 226 ALA ALA A . n 
A 1 208 VAL 208 227 227 VAL VAL A . n 
A 1 209 PHE 209 228 228 PHE PHE A . n 
A 1 210 THR 210 229 229 THR THR A . n 
A 1 211 ARG 211 230 230 ARG ARG A . n 
A 1 212 ILE 212 231 231 ILE ILE A . n 
A 1 213 SER 213 232 232 SER SER A . n 
A 1 214 HIS 214 233 233 HIS HIS A . n 
A 1 215 TYR 215 234 234 TYR TYR A . n 
A 1 216 ARG 216 235 235 ARG ARG A . n 
A 1 217 PRO 217 236 236 PRO PRO A . n 
A 1 218 TRP 218 237 237 TRP TRP A . n 
A 1 219 ILE 219 238 238 ILE ILE A . n 
A 1 220 ASN 220 239 239 ASN ASN A . n 
A 1 221 GLN 221 240 240 GLN GLN A . n 
A 1 222 ILE 222 241 241 ILE ILE A . n 
A 1 223 LEU 223 242 242 LEU LEU A . n 
A 1 224 GLN 224 243 243 GLN GLN A . n 
A 1 225 ALA 225 244 244 ALA ALA A . n 
A 1 226 ASN 226 245 245 ASN ASN A . n 
# 
loop_
_pdbx_nonpoly_scheme.asym_id 
_pdbx_nonpoly_scheme.entity_id 
_pdbx_nonpoly_scheme.mon_id 
_pdbx_nonpoly_scheme.ndb_seq_num 
_pdbx_nonpoly_scheme.pdb_seq_num 
_pdbx_nonpoly_scheme.auth_seq_num 
_pdbx_nonpoly_scheme.pdb_mon_id 
_pdbx_nonpoly_scheme.auth_mon_id 
_pdbx_nonpoly_scheme.pdb_strand_id 
_pdbx_nonpoly_scheme.pdb_ins_code 
B 2 KPK 1  301 37 KPK MOL A . 
C 3 HOH 1  401 38 HOH HOH A . 
C 3 HOH 2  402 39 HOH HOH A . 
C 3 HOH 3  403 40 HOH HOH A . 
C 3 HOH 4  404 41 HOH HOH A . 
C 3 HOH 5  405 42 HOH HOH A . 
C 3 HOH 6  406 43 HOH HOH A . 
C 3 HOH 7  407 44 HOH HOH A . 
C 3 HOH 8  408 45 HOH HOH A . 
C 3 HOH 9  409 46 HOH HOH A . 
C 3 HOH 10 410 47 HOH HOH A . 
C 3 HOH 11 411 48 HOH HOH A . 
C 3 HOH 12 412 49 HOH HOH A . 
# 
loop_
_software.name 
_software.classification 
_software.version 
_software.citation_id 
_software.pdbx_ordinal 
HKL-2000 'data collection' .       ? 1 
MOLREP   phasing           .       ? 2 
REFMAC   refinement        5.50109 ? 3 
HKL-2000 'data reduction'  .       ? 4 
HKL-2000 'data scaling'    .       ? 5 
# 
_cell.entry_id           4KP0 
_cell.length_a           56.920 
_cell.length_b           56.920 
_cell.length_c           177.490 
_cell.angle_alpha        90.00 
_cell.angle_beta         90.00 
_cell.angle_gamma        90.00 
_cell.Z_PDB              8 
_cell.pdbx_unique_axis   ? 
_cell.length_a_esd       ? 
_cell.length_b_esd       ? 
_cell.length_c_esd       ? 
_cell.angle_alpha_esd    ? 
_cell.angle_beta_esd     ? 
_cell.angle_gamma_esd    ? 
# 
_symmetry.entry_id                         4KP0 
_symmetry.space_group_name_H-M             'P 43 21 2' 
_symmetry.pdbx_full_space_group_name_H-M   ? 
_symmetry.cell_setting                     ? 
_symmetry.Int_Tables_number                96 
_symmetry.space_group_name_Hall            ? 
# 
_exptl.entry_id          4KP0 
_exptl.method            'X-RAY DIFFRACTION' 
_exptl.crystals_number   1 
# 
_exptl_crystal.id                    1 
_exptl_crystal.density_meas          ? 
_exptl_crystal.density_Matthews      2.87 
_exptl_crystal.density_percent_sol   57.11 
_exptl_crystal.description           ? 
_exptl_crystal.F_000                 ? 
_exptl_crystal.preparation           ? 
# 
_exptl_crystal_grow.crystal_id      1 
_exptl_crystal_grow.method          'VAPOR DIFFUSION, HANGING DROP' 
_exptl_crystal_grow.temp            293 
_exptl_crystal_grow.temp_details    ? 
_exptl_crystal_grow.pH              5.5 
_exptl_crystal_grow.pdbx_details    
'100mM sodium citrate, 15% PEG1500, 20% 2-propanol, pH 5.5, VAPOR DIFFUSION, HANGING DROP, temperature 293K' 
_exptl_crystal_grow.pdbx_pH_range   . 
# 
_diffrn.id                     1 
_diffrn.ambient_temp           ? 
_diffrn.ambient_temp_details   ? 
_diffrn.crystal_id             1 
# 
_diffrn_detector.diffrn_id              1 
_diffrn_detector.detector               CCD 
_diffrn_detector.type                   ? 
_diffrn_detector.pdbx_collection_date   ? 
_diffrn_detector.details                ? 
# 
_diffrn_radiation.diffrn_id                        1 
_diffrn_radiation.wavelength_id                    1 
_diffrn_radiation.pdbx_monochromatic_or_laue_m_l   M 
_diffrn_radiation.monochromator                    ? 
_diffrn_radiation.pdbx_diffrn_protocol             'SINGLE WAVELENGTH' 
_diffrn_radiation.pdbx_scattering_type             x-ray 
# 
_diffrn_radiation_wavelength.id           1 
_diffrn_radiation_wavelength.wavelength   1.000 
_diffrn_radiation_wavelength.wt           1.0 
# 
_diffrn_source.diffrn_id                   1 
_diffrn_source.source                      SYNCHROTRON 
_diffrn_source.type                        'PHOTON FACTORY BEAMLINE AR-NW12A' 
_diffrn_source.pdbx_synchrotron_site       'Photon Factory' 
_diffrn_source.pdbx_synchrotron_beamline   AR-NW12A 
_diffrn_source.pdbx_wavelength             ? 
_diffrn_source.pdbx_wavelength_list        1.000 
# 
_reflns.entry_id                     4KP0 
_reflns.observed_criterion_sigma_I   3 
_reflns.observed_criterion_sigma_F   3 
_reflns.d_resolution_low             50.0 
_reflns.d_resolution_high            2.80 
_reflns.number_obs                   ? 
_reflns.number_all                   ? 
_reflns.percent_possible_obs         100.0 
_reflns.pdbx_Rmerge_I_obs            ? 
_reflns.pdbx_Rsym_value              ? 
_reflns.pdbx_netI_over_sigmaI        ? 
_reflns.B_iso_Wilson_estimate        ? 
_reflns.pdbx_redundancy              15.2 
_reflns.R_free_details               ? 
_reflns.limit_h_max                  ? 
_reflns.limit_h_min                  ? 
_reflns.limit_k_max                  ? 
_reflns.limit_k_min                  ? 
_reflns.limit_l_max                  ? 
_reflns.limit_l_min                  ? 
_reflns.observed_criterion_F_max     ? 
_reflns.observed_criterion_F_min     ? 
_reflns.pdbx_chi_squared             ? 
_reflns.pdbx_scaling_rejects         ? 
_reflns.pdbx_ordinal                 1 
_reflns.pdbx_diffrn_id               1 
# 
_reflns_shell.d_res_high                  2.80 
_reflns_shell.d_res_low                   2.90 
_reflns_shell.percent_possible_all        100.0 
_reflns_shell.Rmerge_I_obs                ? 
_reflns_shell.pdbx_Rsym_value             ? 
_reflns_shell.meanI_over_sigI_obs         30.3 
_reflns_shell.pdbx_redundancy             13.9 
_reflns_shell.percent_possible_obs        ? 
_reflns_shell.number_unique_all           27558 
_reflns_shell.number_measured_all         ? 
_reflns_shell.number_measured_obs         ? 
_reflns_shell.number_unique_obs           ? 
_reflns_shell.pdbx_chi_squared            ? 
_reflns_shell.pdbx_rejects                ? 
_reflns_shell.pdbx_netI_over_sigmaI_obs   ? 
_reflns_shell.number_possible             ? 
_reflns_shell.Rmerge_F_all                ? 
_reflns_shell.Rmerge_F_obs                ? 
_reflns_shell.Rmerge_I_all                ? 
_reflns_shell.meanI_over_sigI_all         ? 
_reflns_shell.pdbx_Rrim_I_all             ? 
_reflns_shell.pdbx_Rpim_I_all             ? 
_reflns_shell.pdbx_ordinal                1 
_reflns_shell.pdbx_diffrn_id              1 
# 
_refine.entry_id                                 4KP0 
_refine.ls_number_reflns_obs                     7391 
_refine.ls_number_reflns_all                     ? 
_refine.pdbx_ls_sigma_I                          ? 
_refine.pdbx_ls_sigma_F                          ? 
_refine.pdbx_data_cutoff_high_absF               ? 
_refine.pdbx_data_cutoff_low_absF                ? 
_refine.pdbx_data_cutoff_high_rms_absF           ? 
_refine.ls_d_res_low                             41.0 
_refine.ls_d_res_high                            2.80 
_refine.ls_percent_reflns_obs                    100.0 
_refine.ls_R_factor_obs                          0.2415 
_refine.ls_R_factor_all                          ? 
_refine.ls_R_factor_R_work                       0.2258 
_refine.ls_R_factor_R_free                       0.3302 
_refine.ls_R_factor_R_free_error                 ? 
_refine.ls_R_factor_R_free_error_details         ? 
_refine.ls_percent_reflns_R_free                 ? 
_refine.ls_number_reflns_R_free                  352 
_refine.ls_number_parameters                     ? 
_refine.ls_number_restraints                     ? 
_refine.occupancy_min                            ? 
_refine.occupancy_max                            ? 
_refine.correlation_coeff_Fo_to_Fc               ? 
_refine.correlation_coeff_Fo_to_Fc_free          ? 
_refine.B_iso_mean                               ? 
_refine.aniso_B[1][1]                            ? 
_refine.aniso_B[2][2]                            ? 
_refine.aniso_B[3][3]                            ? 
_refine.aniso_B[1][2]                            ? 
_refine.aniso_B[1][3]                            ? 
_refine.aniso_B[2][3]                            ? 
_refine.solvent_model_details                    ? 
_refine.solvent_model_param_ksol                 ? 
_refine.solvent_model_param_bsol                 ? 
_refine.pdbx_solvent_vdw_probe_radii             ? 
_refine.pdbx_solvent_ion_probe_radii             ? 
_refine.pdbx_solvent_shrinkage_radii             ? 
_refine.pdbx_ls_cross_valid_method               ? 
_refine.details                                  ? 
_refine.pdbx_starting_model                      'PDB ENTRY 1KLT' 
_refine.pdbx_method_to_determine_struct          'MOLECULAR REPLACEMENT' 
_refine.pdbx_isotropic_thermal_model             ? 
_refine.pdbx_stereochemistry_target_values       'MAXIMUM LIKELIHOOD' 
_refine.pdbx_stereochem_target_val_spec_case     ? 
_refine.pdbx_R_Free_selection_details            RANDOM 
_refine.pdbx_overall_ESU_R                       ? 
_refine.pdbx_overall_ESU_R_Free                  ? 
_refine.overall_SU_ML                            ? 
_refine.pdbx_overall_phase_error                 ? 
_refine.overall_SU_B                             ? 
_refine.overall_SU_R_Cruickshank_DPI             ? 
_refine.ls_redundancy_reflns_obs                 ? 
_refine.B_iso_min                                ? 
_refine.B_iso_max                                ? 
_refine.overall_SU_R_free                        ? 
_refine.ls_wR_factor_R_free                      ? 
_refine.ls_wR_factor_R_work                      ? 
_refine.overall_FOM_free_R_set                   ? 
_refine.overall_FOM_work_R_set                   ? 
_refine.pdbx_diffrn_id                           1 
_refine.pdbx_refine_id                           'X-RAY DIFFRACTION' 
_refine.pdbx_TLS_residual_ADP_flag               ? 
_refine.pdbx_overall_SU_R_free_Cruickshank_DPI   ? 
_refine.pdbx_overall_SU_R_Blow_DPI               ? 
_refine.pdbx_overall_SU_R_free_Blow_DPI          ? 
# 
_refine_hist.pdbx_refine_id                   'X-RAY DIFFRACTION' 
_refine_hist.cycle_id                         LAST 
_refine_hist.pdbx_number_atoms_protein        1709 
_refine_hist.pdbx_number_atoms_nucleic_acid   0 
_refine_hist.pdbx_number_atoms_ligand         27 
_refine_hist.number_atoms_solvent             12 
_refine_hist.number_atoms_total               1748 
_refine_hist.d_res_high                       2.80 
_refine_hist.d_res_low                        41.0 
# 
loop_
_refine_ls_restr.type 
_refine_ls_restr.dev_ideal 
_refine_ls_restr.dev_ideal_target 
_refine_ls_restr.weight 
_refine_ls_restr.number 
_refine_ls_restr.pdbx_restraint_function 
_refine_ls_restr.pdbx_refine_id 
r_bond_refined_d    0.0122 ? ? ? ? 'X-RAY DIFFRACTION' 
r_angle_refined_deg 1.697  ? ? ? ? 'X-RAY DIFFRACTION' 
# 
_struct.entry_id                  4KP0 
_struct.title                     'Crystal Structure of the human Chymase with TJK002' 
_struct.pdbx_model_details        ? 
_struct.pdbx_CASP_flag            ? 
_struct.pdbx_model_type_details   ? 
# 
_struct_keywords.entry_id        4KP0 
_struct_keywords.pdbx_keywords   'HYDROLASE/HYDROLASE INHIBITOR' 
_struct_keywords.text            'Hydrolase, Protease, Serine protease, benzimidazole, HYDROLASE-HYDROLASE INHIBITOR complex' 
# 
loop_
_struct_asym.id 
_struct_asym.pdbx_blank_PDB_chainid_flag 
_struct_asym.pdbx_modified 
_struct_asym.entity_id 
_struct_asym.details 
A N N 1 ? 
B N N 2 ? 
C N N 3 ? 
# 
_struct_ref.id                         1 
_struct_ref.db_name                    UNP 
_struct_ref.db_code                    CMA1_HUMAN 
_struct_ref.pdbx_db_accession          P23946 
_struct_ref.entity_id                  1 
_struct_ref.pdbx_seq_one_letter_code   
;IIGGTECKPHSRPYMAYLEIVTSNGPSKFCGGFLIRRNFVLTAAHCAGRSITVTLGAHNITEEEDTWQKLEVIKQFRHPK
YNTSTLHHDIMLLKLKEKASLTLAVGTLPFPSQFNFVPPGRMCRVAGWGRTGVLKPGSDTLQEVKLRLMDPQACSHFRDF
DHNLQLCVGNPRKTKSAFKGDSGGPLLCAGVAQGIVSYGRSDAKPPAVFTRISHYRPWINQILQAN
;
_struct_ref.pdbx_align_begin           22 
_struct_ref.pdbx_db_isoform            ? 
# 
_struct_ref_seq.align_id                      1 
_struct_ref_seq.ref_id                        1 
_struct_ref_seq.pdbx_PDB_id_code              4KP0 
_struct_ref_seq.pdbx_strand_id                A 
_struct_ref_seq.seq_align_beg                 1 
_struct_ref_seq.pdbx_seq_align_beg_ins_code   ? 
_struct_ref_seq.seq_align_end                 226 
_struct_ref_seq.pdbx_seq_align_end_ins_code   ? 
_struct_ref_seq.pdbx_db_accession             P23946 
_struct_ref_seq.db_align_beg                  22 
_struct_ref_seq.pdbx_db_align_beg_ins_code    ? 
_struct_ref_seq.db_align_end                  247 
_struct_ref_seq.pdbx_db_align_end_ins_code    ? 
_struct_ref_seq.pdbx_auth_seq_align_beg       16 
_struct_ref_seq.pdbx_auth_seq_align_end       245 
# 
_pdbx_struct_assembly.id                   1 
_pdbx_struct_assembly.details              author_and_software_defined_assembly 
_pdbx_struct_assembly.method_details       PISA 
_pdbx_struct_assembly.oligomeric_details   monomeric 
_pdbx_struct_assembly.oligomeric_count     1 
# 
_pdbx_struct_assembly_gen.assembly_id       1 
_pdbx_struct_assembly_gen.oper_expression   1 
_pdbx_struct_assembly_gen.asym_id_list      A,B,C 
# 
_pdbx_struct_oper_list.id                   1 
_pdbx_struct_oper_list.type                 'identity operation' 
_pdbx_struct_oper_list.name                 1_555 
_pdbx_struct_oper_list.symmetry_operation   x,y,z 
_pdbx_struct_oper_list.matrix[1][1]         1.0000000000 
_pdbx_struct_oper_list.matrix[1][2]         0.0000000000 
_pdbx_struct_oper_list.matrix[1][3]         0.0000000000 
_pdbx_struct_oper_list.vector[1]            0.0000000000 
_pdbx_struct_oper_list.matrix[2][1]         0.0000000000 
_pdbx_struct_oper_list.matrix[2][2]         1.0000000000 
_pdbx_struct_oper_list.matrix[2][3]         0.0000000000 
_pdbx_struct_oper_list.vector[2]            0.0000000000 
_pdbx_struct_oper_list.matrix[3][1]         0.0000000000 
_pdbx_struct_oper_list.matrix[3][2]         0.0000000000 
_pdbx_struct_oper_list.matrix[3][3]         1.0000000000 
_pdbx_struct_oper_list.vector[3]            0.0000000000 
# 
_struct_biol.id        1 
_struct_biol.details   ? 
# 
loop_
_struct_conf.conf_type_id 
_struct_conf.id 
_struct_conf.pdbx_PDB_helix_id 
_struct_conf.beg_label_comp_id 
_struct_conf.beg_label_asym_id 
_struct_conf.beg_label_seq_id 
_struct_conf.pdbx_beg_PDB_ins_code 
_struct_conf.end_label_comp_id 
_struct_conf.end_label_asym_id 
_struct_conf.end_label_seq_id 
_struct_conf.pdbx_end_PDB_ins_code 
_struct_conf.beg_auth_comp_id 
_struct_conf.beg_auth_asym_id 
_struct_conf.beg_auth_seq_id 
_struct_conf.end_auth_comp_id 
_struct_conf.end_auth_asym_id 
_struct_conf.end_auth_seq_id 
_struct_conf.pdbx_PDB_helix_class 
_struct_conf.details 
_struct_conf.pdbx_PDB_helix_length 
HELX_P HELX_P1 1 ALA A 43  ? ALA A 47  ? ALA A 55  ALA A 59  5 ? 5 
HELX_P HELX_P2 2 TYR A 215 ? LEU A 223 ? TYR A 234 LEU A 242 1 ? 9 
# 
_struct_conf_type.id          HELX_P 
_struct_conf_type.criteria    ? 
_struct_conf_type.reference   ? 
# 
loop_
_struct_conn.id 
_struct_conn.conn_type_id 
_struct_conn.pdbx_leaving_atom_flag 
_struct_conn.pdbx_PDB_id 
_struct_conn.ptnr1_label_asym_id 
_struct_conn.ptnr1_label_comp_id 
_struct_conn.ptnr1_label_seq_id 
_struct_conn.ptnr1_label_atom_id 
_struct_conn.pdbx_ptnr1_label_alt_id 
_struct_conn.pdbx_ptnr1_PDB_ins_code 
_struct_conn.pdbx_ptnr1_standard_comp_id 
_struct_conn.ptnr1_symmetry 
_struct_conn.ptnr2_label_asym_id 
_struct_conn.ptnr2_label_comp_id 
_struct_conn.ptnr2_label_seq_id 
_struct_conn.ptnr2_label_atom_id 
_struct_conn.pdbx_ptnr2_label_alt_id 
_struct_conn.pdbx_ptnr2_PDB_ins_code 
_struct_conn.ptnr1_auth_asym_id 
_struct_conn.ptnr1_auth_comp_id 
_struct_conn.ptnr1_auth_seq_id 
_struct_conn.ptnr2_auth_asym_id 
_struct_conn.ptnr2_auth_comp_id 
_struct_conn.ptnr2_auth_seq_id 
_struct_conn.ptnr2_symmetry 
_struct_conn.pdbx_ptnr3_label_atom_id 
_struct_conn.pdbx_ptnr3_label_seq_id 
_struct_conn.pdbx_ptnr3_label_comp_id 
_struct_conn.pdbx_ptnr3_label_asym_id 
_struct_conn.pdbx_ptnr3_label_alt_id 
_struct_conn.pdbx_ptnr3_PDB_ins_code 
_struct_conn.details 
_struct_conn.pdbx_dist_value 
_struct_conn.pdbx_value_order 
_struct_conn.pdbx_role 
disulf1 disulf ? ? A CYS 30  SG ? ? ? 1_555 A CYS 46  SG ? ? A CYS 42  A CYS 58  1_555 ? ? ? ? ? ? ? 2.043 ? ? 
disulf2 disulf ? ? A CYS 123 SG ? ? ? 1_555 A CYS 188 SG ? ? A CYS 136 A CYS 201 1_555 ? ? ? ? ? ? ? 2.031 ? ? 
disulf3 disulf ? ? A CYS 154 SG ? ? ? 1_555 A CYS 167 SG ? ? A CYS 168 A CYS 182 1_555 ? ? ? ? ? ? ? 2.070 ? ? 
# 
_struct_conn_type.id          disulf 
_struct_conn_type.criteria    ? 
_struct_conn_type.reference   ? 
# 
loop_
_pdbx_modification_feature.ordinal 
_pdbx_modification_feature.label_comp_id 
_pdbx_modification_feature.label_asym_id 
_pdbx_modification_feature.label_seq_id 
_pdbx_modification_feature.label_alt_id 
_pdbx_modification_feature.modified_residue_label_comp_id 
_pdbx_modification_feature.modified_residue_label_asym_id 
_pdbx_modification_feature.modified_residue_label_seq_id 
_pdbx_modification_feature.modified_residue_label_alt_id 
_pdbx_modification_feature.auth_comp_id 
_pdbx_modification_feature.auth_asym_id 
_pdbx_modification_feature.auth_seq_id 
_pdbx_modification_feature.PDB_ins_code 
_pdbx_modification_feature.symmetry 
_pdbx_modification_feature.modified_residue_auth_comp_id 
_pdbx_modification_feature.modified_residue_auth_asym_id 
_pdbx_modification_feature.modified_residue_auth_seq_id 
_pdbx_modification_feature.modified_residue_PDB_ins_code 
_pdbx_modification_feature.modified_residue_symmetry 
_pdbx_modification_feature.comp_id_linking_atom 
_pdbx_modification_feature.modified_residue_id_linking_atom 
_pdbx_modification_feature.modified_residue_id 
_pdbx_modification_feature.ref_pcm_id 
_pdbx_modification_feature.ref_comp_id 
_pdbx_modification_feature.type 
_pdbx_modification_feature.category 
1 CYS A 30  ? CYS A 46  ? CYS A 42  ? 1_555 CYS A 58  ? 1_555 SG SG . . . None 'Disulfide bridge' 
2 CYS A 123 ? CYS A 188 ? CYS A 136 ? 1_555 CYS A 201 ? 1_555 SG SG . . . None 'Disulfide bridge' 
3 CYS A 154 ? CYS A 167 ? CYS A 168 ? 1_555 CYS A 182 ? 1_555 SG SG . . . None 'Disulfide bridge' 
# 
loop_
_struct_mon_prot_cis.pdbx_id 
_struct_mon_prot_cis.label_comp_id 
_struct_mon_prot_cis.label_seq_id 
_struct_mon_prot_cis.label_asym_id 
_struct_mon_prot_cis.label_alt_id 
_struct_mon_prot_cis.pdbx_PDB_ins_code 
_struct_mon_prot_cis.auth_comp_id 
_struct_mon_prot_cis.auth_seq_id 
_struct_mon_prot_cis.auth_asym_id 
_struct_mon_prot_cis.pdbx_label_comp_id_2 
_struct_mon_prot_cis.pdbx_label_seq_id_2 
_struct_mon_prot_cis.pdbx_label_asym_id_2 
_struct_mon_prot_cis.pdbx_PDB_ins_code_2 
_struct_mon_prot_cis.pdbx_auth_comp_id_2 
_struct_mon_prot_cis.pdbx_auth_seq_id_2 
_struct_mon_prot_cis.pdbx_auth_asym_id_2 
_struct_mon_prot_cis.pdbx_PDB_model_num 
_struct_mon_prot_cis.pdbx_omega_angle 
1 PRO 119 A . ? PRO 132 A GLY 120 A ? GLY 133 A 1 -21.66 
2 PRO 205 A . ? PRO 224 A PRO 206 A ? PRO 225 A 1 5.22   
# 
loop_
_struct_sheet.id 
_struct_sheet.type 
_struct_sheet.number_strands 
_struct_sheet.details 
A ? 7 ? 
B ? 7 ? 
# 
loop_
_struct_sheet_order.sheet_id 
_struct_sheet_order.range_id_1 
_struct_sheet_order.range_id_2 
_struct_sheet_order.offset 
_struct_sheet_order.sense 
A 1 2 ? anti-parallel 
A 2 3 ? anti-parallel 
A 3 4 ? anti-parallel 
A 4 5 ? anti-parallel 
A 5 6 ? anti-parallel 
A 6 7 ? anti-parallel 
B 1 2 ? anti-parallel 
B 2 3 ? anti-parallel 
B 3 4 ? anti-parallel 
B 4 5 ? anti-parallel 
B 5 6 ? anti-parallel 
B 6 7 ? anti-parallel 
# 
loop_
_struct_sheet_range.sheet_id 
_struct_sheet_range.id 
_struct_sheet_range.beg_label_comp_id 
_struct_sheet_range.beg_label_asym_id 
_struct_sheet_range.beg_label_seq_id 
_struct_sheet_range.pdbx_beg_PDB_ins_code 
_struct_sheet_range.end_label_comp_id 
_struct_sheet_range.end_label_asym_id 
_struct_sheet_range.end_label_seq_id 
_struct_sheet_range.pdbx_end_PDB_ins_code 
_struct_sheet_range.beg_auth_comp_id 
_struct_sheet_range.beg_auth_asym_id 
_struct_sheet_range.beg_auth_seq_id 
_struct_sheet_range.end_auth_comp_id 
_struct_sheet_range.end_auth_asym_id 
_struct_sheet_range.end_auth_seq_id 
A 1 THR A 5   ? GLU A 6   ? THR A 20  GLU A 21  
A 2 GLN A 142 ? ARG A 147 ? GLN A 156 ARG A 161 
A 3 MET A 122 ? GLY A 127 ? MET A 135 GLY A 140 
A 4 PRO A 185 ? CYS A 188 ? PRO A 198 CYS A 201 
A 5 VAL A 191 ? TYR A 198 ? VAL A 208 TYR A 215 
A 6 ALA A 207 ? ARG A 211 ? ALA A 226 ARG A 230 
A 7 GLN A 165 ? VAL A 168 ? GLN A 180 VAL A 183 
B 1 MET A 15  ? VAL A 21  ? MET A 30  VAL A 36  
B 2 LYS A 28  ? ARG A 36  ? LYS A 40  ARG A 48  
B 3 PHE A 39  ? THR A 42  ? PHE A 51  THR A 54  
B 4 MET A 91  ? LEU A 95  ? MET A 104 LEU A 108 
B 5 GLN A 68  ? ARG A 77  ? GLN A 81  ARG A 90  
B 6 SER A 50  ? LEU A 55  ? SER A 63  LEU A 68  
B 7 MET A 15  ? VAL A 21  ? MET A 30  VAL A 36  
# 
loop_
_pdbx_struct_sheet_hbond.sheet_id 
_pdbx_struct_sheet_hbond.range_id_1 
_pdbx_struct_sheet_hbond.range_id_2 
_pdbx_struct_sheet_hbond.range_1_label_atom_id 
_pdbx_struct_sheet_hbond.range_1_label_comp_id 
_pdbx_struct_sheet_hbond.range_1_label_asym_id 
_pdbx_struct_sheet_hbond.range_1_label_seq_id 
_pdbx_struct_sheet_hbond.range_1_PDB_ins_code 
_pdbx_struct_sheet_hbond.range_1_auth_atom_id 
_pdbx_struct_sheet_hbond.range_1_auth_comp_id 
_pdbx_struct_sheet_hbond.range_1_auth_asym_id 
_pdbx_struct_sheet_hbond.range_1_auth_seq_id 
_pdbx_struct_sheet_hbond.range_2_label_atom_id 
_pdbx_struct_sheet_hbond.range_2_label_comp_id 
_pdbx_struct_sheet_hbond.range_2_label_asym_id 
_pdbx_struct_sheet_hbond.range_2_label_seq_id 
_pdbx_struct_sheet_hbond.range_2_PDB_ins_code 
_pdbx_struct_sheet_hbond.range_2_auth_atom_id 
_pdbx_struct_sheet_hbond.range_2_auth_comp_id 
_pdbx_struct_sheet_hbond.range_2_auth_asym_id 
_pdbx_struct_sheet_hbond.range_2_auth_seq_id 
A 1 2 N THR A 5   ? N THR A 20  O GLU A 143 ? O GLU A 157 
A 2 3 O VAL A 144 ? O VAL A 158 N VAL A 125 ? N VAL A 138 
A 3 4 N ARG A 124 ? N ARG A 137 O LEU A 187 ? O LEU A 200 
A 4 5 N CYS A 188 ? N CYS A 201 O VAL A 191 ? O VAL A 208 
A 5 6 N ILE A 195 ? N ILE A 212 O THR A 210 ? O THR A 229 
A 6 7 O PHE A 209 ? O PHE A 228 N LEU A 166 ? N LEU A 181 
B 1 2 N LEU A 18  ? N LEU A 33  O CYS A 30  ? O CYS A 42  
B 2 3 N ILE A 35  ? N ILE A 47  O PHE A 39  ? O PHE A 51  
B 3 4 N THR A 42  ? N THR A 54  O MET A 91  ? O MET A 104 
B 4 5 O LEU A 92  ? O LEU A 105 N PHE A 76  ? N PHE A 89  
B 5 6 O GLN A 68  ? O GLN A 81  N LEU A 55  ? N LEU A 68  
B 6 7 O THR A 54  ? O THR A 67  N TYR A 17  ? N TYR A 32  
# 
_struct_site.id                   AC1 
_struct_site.pdbx_evidence_code   Software 
_struct_site.pdbx_auth_asym_id    A 
_struct_site.pdbx_auth_comp_id    KPK 
_struct_site.pdbx_auth_seq_id     301 
_struct_site.pdbx_auth_ins_code   ? 
_struct_site.pdbx_num_residues    11 
_struct_site.details              'BINDING SITE FOR RESIDUE KPK A 301' 
# 
loop_
_struct_site_gen.id 
_struct_site_gen.site_id 
_struct_site_gen.pdbx_num_res 
_struct_site_gen.label_comp_id 
_struct_site_gen.label_asym_id 
_struct_site_gen.label_seq_id 
_struct_site_gen.pdbx_auth_ins_code 
_struct_site_gen.auth_comp_id 
_struct_site_gen.auth_asym_id 
_struct_site_gen.auth_seq_id 
_struct_site_gen.label_atom_id 
_struct_site_gen.label_alt_id 
_struct_site_gen.symmetry 
_struct_site_gen.details 
1  AC1 11 HIS A 45  ? HIS A 57  . ? 1_555 ? 
2  AC1 11 ASP A 65  ? ASP A 78  . ? 5_544 ? 
3  AC1 11 ALA A 177 ? ALA A 190 . ? 1_555 ? 
4  AC1 11 PHE A 178 ? PHE A 191 . ? 1_555 ? 
5  AC1 11 LYS A 179 ? LYS A 192 . ? 1_555 ? 
6  AC1 11 GLY A 180 ? GLY A 193 . ? 1_555 ? 
7  AC1 11 SER A 182 ? SER A 195 . ? 1_555 ? 
8  AC1 11 VAL A 196 ? VAL A 213 . ? 1_555 ? 
9  AC1 11 SER A 197 ? SER A 214 . ? 1_555 ? 
10 AC1 11 GLY A 199 ? GLY A 216 . ? 1_555 ? 
11 AC1 11 ARG A 200 ? ARG A 217 . ? 1_555 ? 
# 
_pdbx_entry_details.entry_id                   4KP0 
_pdbx_entry_details.compound_details           ? 
_pdbx_entry_details.source_details             ? 
_pdbx_entry_details.nonpolymer_details         ? 
_pdbx_entry_details.sequence_details           ? 
_pdbx_entry_details.has_ligand_of_interest     ? 
_pdbx_entry_details.has_protein_modification   Y 
# 
loop_
_pdbx_validate_rmsd_angle.id 
_pdbx_validate_rmsd_angle.PDB_model_num 
_pdbx_validate_rmsd_angle.auth_atom_id_1 
_pdbx_validate_rmsd_angle.auth_asym_id_1 
_pdbx_validate_rmsd_angle.auth_comp_id_1 
_pdbx_validate_rmsd_angle.auth_seq_id_1 
_pdbx_validate_rmsd_angle.PDB_ins_code_1 
_pdbx_validate_rmsd_angle.label_alt_id_1 
_pdbx_validate_rmsd_angle.auth_atom_id_2 
_pdbx_validate_rmsd_angle.auth_asym_id_2 
_pdbx_validate_rmsd_angle.auth_comp_id_2 
_pdbx_validate_rmsd_angle.auth_seq_id_2 
_pdbx_validate_rmsd_angle.PDB_ins_code_2 
_pdbx_validate_rmsd_angle.label_alt_id_2 
_pdbx_validate_rmsd_angle.auth_atom_id_3 
_pdbx_validate_rmsd_angle.auth_asym_id_3 
_pdbx_validate_rmsd_angle.auth_comp_id_3 
_pdbx_validate_rmsd_angle.auth_seq_id_3 
_pdbx_validate_rmsd_angle.PDB_ins_code_3 
_pdbx_validate_rmsd_angle.label_alt_id_3 
_pdbx_validate_rmsd_angle.angle_value 
_pdbx_validate_rmsd_angle.angle_target_value 
_pdbx_validate_rmsd_angle.angle_deviation 
_pdbx_validate_rmsd_angle.angle_standard_deviation 
_pdbx_validate_rmsd_angle.linker_flag 
1 1 C A PRO 131 ? ? N A PRO 132 ? ? CA A PRO 132 ? ? 134.71 119.30 15.41  1.50 Y 
2 1 C A PRO 131 ? ? N A PRO 132 ? ? CD A PRO 132 ? ? 112.89 128.40 -15.51 2.10 Y 
# 
loop_
_pdbx_validate_torsion.id 
_pdbx_validate_torsion.PDB_model_num 
_pdbx_validate_torsion.auth_comp_id 
_pdbx_validate_torsion.auth_asym_id 
_pdbx_validate_torsion.auth_seq_id 
_pdbx_validate_torsion.PDB_ins_code 
_pdbx_validate_torsion.label_alt_id 
_pdbx_validate_torsion.phi 
_pdbx_validate_torsion.psi 
1  1 ASN A 36  C ? -74.08  -129.81 
2  1 PRO A 38  ? ? -53.50  -119.76 
3  1 SER A 39  ? ? 42.16   87.72   
4  1 HIS A 71  ? ? -125.78 -63.16  
5  1 PHE A 89  ? ? -106.70 73.41   
6  1 PRO A 122 ? ? -48.05  103.20  
7  1 PRO A 132 ? ? -45.90  -108.75 
8  1 PRO A 165 ? ? -56.49  -9.24   
9  1 ARG A 174 ? ? -39.32  -35.90  
10 1 ALA A 202 ? ? 35.62   62.88   
11 1 SER A 214 ? ? -123.81 -64.96  
12 1 ALA A 220 ? ? 84.96   -11.84  
13 1 ALA A 244 ? ? -77.19  -167.30 
# 
loop_
_pdbx_unobs_or_zero_occ_residues.id 
_pdbx_unobs_or_zero_occ_residues.PDB_model_num 
_pdbx_unobs_or_zero_occ_residues.polymer_flag 
_pdbx_unobs_or_zero_occ_residues.occupancy_flag 
_pdbx_unobs_or_zero_occ_residues.auth_asym_id 
_pdbx_unobs_or_zero_occ_residues.auth_comp_id 
_pdbx_unobs_or_zero_occ_residues.auth_seq_id 
_pdbx_unobs_or_zero_occ_residues.PDB_ins_code 
_pdbx_unobs_or_zero_occ_residues.label_asym_id 
_pdbx_unobs_or_zero_occ_residues.label_comp_id 
_pdbx_unobs_or_zero_occ_residues.label_seq_id 
1 1 Y 1 A PRO 124 ? A PRO 111 
2 1 Y 1 A SER 125 ? A SER 112 
3 1 Y 1 A GLN 126 ? A GLN 113 
4 1 Y 1 A PHE 127 ? A PHE 114 
5 1 Y 1 A ASN 128 ? A ASN 115 
6 1 Y 1 A PHE 129 ? A PHE 116 
# 
loop_
_chem_comp_atom.comp_id 
_chem_comp_atom.atom_id 
_chem_comp_atom.type_symbol 
_chem_comp_atom.pdbx_aromatic_flag 
_chem_comp_atom.pdbx_stereo_config 
_chem_comp_atom.pdbx_ordinal 
ALA N    N N N 1   
ALA CA   C N S 2   
ALA C    C N N 3   
ALA O    O N N 4   
ALA CB   C N N 5   
ALA OXT  O N N 6   
ALA H    H N N 7   
ALA H2   H N N 8   
ALA HA   H N N 9   
ALA HB1  H N N 10  
ALA HB2  H N N 11  
ALA HB3  H N N 12  
ALA HXT  H N N 13  
ARG N    N N N 14  
ARG CA   C N S 15  
ARG C    C N N 16  
ARG O    O N N 17  
ARG CB   C N N 18  
ARG CG   C N N 19  
ARG CD   C N N 20  
ARG NE   N N N 21  
ARG CZ   C N N 22  
ARG NH1  N N N 23  
ARG NH2  N N N 24  
ARG OXT  O N N 25  
ARG H    H N N 26  
ARG H2   H N N 27  
ARG HA   H N N 28  
ARG HB2  H N N 29  
ARG HB3  H N N 30  
ARG HG2  H N N 31  
ARG HG3  H N N 32  
ARG HD2  H N N 33  
ARG HD3  H N N 34  
ARG HE   H N N 35  
ARG HH11 H N N 36  
ARG HH12 H N N 37  
ARG HH21 H N N 38  
ARG HH22 H N N 39  
ARG HXT  H N N 40  
ASN N    N N N 41  
ASN CA   C N S 42  
ASN C    C N N 43  
ASN O    O N N 44  
ASN CB   C N N 45  
ASN CG   C N N 46  
ASN OD1  O N N 47  
ASN ND2  N N N 48  
ASN OXT  O N N 49  
ASN H    H N N 50  
ASN H2   H N N 51  
ASN HA   H N N 52  
ASN HB2  H N N 53  
ASN HB3  H N N 54  
ASN HD21 H N N 55  
ASN HD22 H N N 56  
ASN HXT  H N N 57  
ASP N    N N N 58  
ASP CA   C N S 59  
ASP C    C N N 60  
ASP O    O N N 61  
ASP CB   C N N 62  
ASP CG   C N N 63  
ASP OD1  O N N 64  
ASP OD2  O N N 65  
ASP OXT  O N N 66  
ASP H    H N N 67  
ASP H2   H N N 68  
ASP HA   H N N 69  
ASP HB2  H N N 70  
ASP HB3  H N N 71  
ASP HD2  H N N 72  
ASP HXT  H N N 73  
CYS N    N N N 74  
CYS CA   C N R 75  
CYS C    C N N 76  
CYS O    O N N 77  
CYS CB   C N N 78  
CYS SG   S N N 79  
CYS OXT  O N N 80  
CYS H    H N N 81  
CYS H2   H N N 82  
CYS HA   H N N 83  
CYS HB2  H N N 84  
CYS HB3  H N N 85  
CYS HG   H N N 86  
CYS HXT  H N N 87  
GLN N    N N N 88  
GLN CA   C N S 89  
GLN C    C N N 90  
GLN O    O N N 91  
GLN CB   C N N 92  
GLN CG   C N N 93  
GLN CD   C N N 94  
GLN OE1  O N N 95  
GLN NE2  N N N 96  
GLN OXT  O N N 97  
GLN H    H N N 98  
GLN H2   H N N 99  
GLN HA   H N N 100 
GLN HB2  H N N 101 
GLN HB3  H N N 102 
GLN HG2  H N N 103 
GLN HG3  H N N 104 
GLN HE21 H N N 105 
GLN HE22 H N N 106 
GLN HXT  H N N 107 
GLU N    N N N 108 
GLU CA   C N S 109 
GLU C    C N N 110 
GLU O    O N N 111 
GLU CB   C N N 112 
GLU CG   C N N 113 
GLU CD   C N N 114 
GLU OE1  O N N 115 
GLU OE2  O N N 116 
GLU OXT  O N N 117 
GLU H    H N N 118 
GLU H2   H N N 119 
GLU HA   H N N 120 
GLU HB2  H N N 121 
GLU HB3  H N N 122 
GLU HG2  H N N 123 
GLU HG3  H N N 124 
GLU HE2  H N N 125 
GLU HXT  H N N 126 
GLY N    N N N 127 
GLY CA   C N N 128 
GLY C    C N N 129 
GLY O    O N N 130 
GLY OXT  O N N 131 
GLY H    H N N 132 
GLY H2   H N N 133 
GLY HA2  H N N 134 
GLY HA3  H N N 135 
GLY HXT  H N N 136 
HIS N    N N N 137 
HIS CA   C N S 138 
HIS C    C N N 139 
HIS O    O N N 140 
HIS CB   C N N 141 
HIS CG   C Y N 142 
HIS ND1  N Y N 143 
HIS CD2  C Y N 144 
HIS CE1  C Y N 145 
HIS NE2  N Y N 146 
HIS OXT  O N N 147 
HIS H    H N N 148 
HIS H2   H N N 149 
HIS HA   H N N 150 
HIS HB2  H N N 151 
HIS HB3  H N N 152 
HIS HD1  H N N 153 
HIS HD2  H N N 154 
HIS HE1  H N N 155 
HIS HE2  H N N 156 
HIS HXT  H N N 157 
HOH O    O N N 158 
HOH H1   H N N 159 
HOH H2   H N N 160 
ILE N    N N N 161 
ILE CA   C N S 162 
ILE C    C N N 163 
ILE O    O N N 164 
ILE CB   C N S 165 
ILE CG1  C N N 166 
ILE CG2  C N N 167 
ILE CD1  C N N 168 
ILE OXT  O N N 169 
ILE H    H N N 170 
ILE H2   H N N 171 
ILE HA   H N N 172 
ILE HB   H N N 173 
ILE HG12 H N N 174 
ILE HG13 H N N 175 
ILE HG21 H N N 176 
ILE HG22 H N N 177 
ILE HG23 H N N 178 
ILE HD11 H N N 179 
ILE HD12 H N N 180 
ILE HD13 H N N 181 
ILE HXT  H N N 182 
KPK O27  O N N 183 
KPK C24  C N N 184 
KPK O26  O N N 185 
KPK C20  C N N 186 
KPK C16  C N N 187 
KPK C12  C N N 188 
KPK S8   S N N 189 
KPK C3   C Y N 190 
KPK N7   N Y N 191 
KPK C5   C Y N 192 
KPK C10  C Y N 193 
KPK C15  C Y N 194 
KPK C11  C Y N 195 
KPK C6   C Y N 196 
KPK C2   C Y N 197 
KPK N1   N Y N 198 
KPK C4   C N N 199 
KPK C9   C Y N 200 
KPK C14  C Y N 201 
KPK S19  S Y N 202 
KPK C17  C Y N 203 
KPK C21  C Y N 204 
KPK C25  C Y N 205 
KPK C22  C Y N 206 
KPK C18  C Y N 207 
KPK C13  C Y N 208 
KPK C23  C N N 209 
KPK H1   H N N 210 
KPK H2   H N N 211 
KPK H3   H N N 212 
KPK H4   H N N 213 
KPK H5   H N N 214 
KPK H6   H N N 215 
KPK H7   H N N 216 
KPK H8   H N N 217 
KPK H9   H N N 218 
KPK H10  H N N 219 
KPK H11  H N N 220 
KPK H12  H N N 221 
KPK H13  H N N 222 
KPK H14  H N N 223 
KPK H15  H N N 224 
KPK H16  H N N 225 
KPK H17  H N N 226 
KPK H18  H N N 227 
KPK H19  H N N 228 
KPK H20  H N N 229 
LEU N    N N N 230 
LEU CA   C N S 231 
LEU C    C N N 232 
LEU O    O N N 233 
LEU CB   C N N 234 
LEU CG   C N N 235 
LEU CD1  C N N 236 
LEU CD2  C N N 237 
LEU OXT  O N N 238 
LEU H    H N N 239 
LEU H2   H N N 240 
LEU HA   H N N 241 
LEU HB2  H N N 242 
LEU HB3  H N N 243 
LEU HG   H N N 244 
LEU HD11 H N N 245 
LEU HD12 H N N 246 
LEU HD13 H N N 247 
LEU HD21 H N N 248 
LEU HD22 H N N 249 
LEU HD23 H N N 250 
LEU HXT  H N N 251 
LYS N    N N N 252 
LYS CA   C N S 253 
LYS C    C N N 254 
LYS O    O N N 255 
LYS CB   C N N 256 
LYS CG   C N N 257 
LYS CD   C N N 258 
LYS CE   C N N 259 
LYS NZ   N N N 260 
LYS OXT  O N N 261 
LYS H    H N N 262 
LYS H2   H N N 263 
LYS HA   H N N 264 
LYS HB2  H N N 265 
LYS HB3  H N N 266 
LYS HG2  H N N 267 
LYS HG3  H N N 268 
LYS HD2  H N N 269 
LYS HD3  H N N 270 
LYS HE2  H N N 271 
LYS HE3  H N N 272 
LYS HZ1  H N N 273 
LYS HZ2  H N N 274 
LYS HZ3  H N N 275 
LYS HXT  H N N 276 
MET N    N N N 277 
MET CA   C N S 278 
MET C    C N N 279 
MET O    O N N 280 
MET CB   C N N 281 
MET CG   C N N 282 
MET SD   S N N 283 
MET CE   C N N 284 
MET OXT  O N N 285 
MET H    H N N 286 
MET H2   H N N 287 
MET HA   H N N 288 
MET HB2  H N N 289 
MET HB3  H N N 290 
MET HG2  H N N 291 
MET HG3  H N N 292 
MET HE1  H N N 293 
MET HE2  H N N 294 
MET HE3  H N N 295 
MET HXT  H N N 296 
PHE N    N N N 297 
PHE CA   C N S 298 
PHE C    C N N 299 
PHE O    O N N 300 
PHE CB   C N N 301 
PHE CG   C Y N 302 
PHE CD1  C Y N 303 
PHE CD2  C Y N 304 
PHE CE1  C Y N 305 
PHE CE2  C Y N 306 
PHE CZ   C Y N 307 
PHE OXT  O N N 308 
PHE H    H N N 309 
PHE H2   H N N 310 
PHE HA   H N N 311 
PHE HB2  H N N 312 
PHE HB3  H N N 313 
PHE HD1  H N N 314 
PHE HD2  H N N 315 
PHE HE1  H N N 316 
PHE HE2  H N N 317 
PHE HZ   H N N 318 
PHE HXT  H N N 319 
PRO N    N N N 320 
PRO CA   C N S 321 
PRO C    C N N 322 
PRO O    O N N 323 
PRO CB   C N N 324 
PRO CG   C N N 325 
PRO CD   C N N 326 
PRO OXT  O N N 327 
PRO H    H N N 328 
PRO HA   H N N 329 
PRO HB2  H N N 330 
PRO HB3  H N N 331 
PRO HG2  H N N 332 
PRO HG3  H N N 333 
PRO HD2  H N N 334 
PRO HD3  H N N 335 
PRO HXT  H N N 336 
SER N    N N N 337 
SER CA   C N S 338 
SER C    C N N 339 
SER O    O N N 340 
SER CB   C N N 341 
SER OG   O N N 342 
SER OXT  O N N 343 
SER H    H N N 344 
SER H2   H N N 345 
SER HA   H N N 346 
SER HB2  H N N 347 
SER HB3  H N N 348 
SER HG   H N N 349 
SER HXT  H N N 350 
THR N    N N N 351 
THR CA   C N S 352 
THR C    C N N 353 
THR O    O N N 354 
THR CB   C N R 355 
THR OG1  O N N 356 
THR CG2  C N N 357 
THR OXT  O N N 358 
THR H    H N N 359 
THR H2   H N N 360 
THR HA   H N N 361 
THR HB   H N N 362 
THR HG1  H N N 363 
THR HG21 H N N 364 
THR HG22 H N N 365 
THR HG23 H N N 366 
THR HXT  H N N 367 
TRP N    N N N 368 
TRP CA   C N S 369 
TRP C    C N N 370 
TRP O    O N N 371 
TRP CB   C N N 372 
TRP CG   C Y N 373 
TRP CD1  C Y N 374 
TRP CD2  C Y N 375 
TRP NE1  N Y N 376 
TRP CE2  C Y N 377 
TRP CE3  C Y N 378 
TRP CZ2  C Y N 379 
TRP CZ3  C Y N 380 
TRP CH2  C Y N 381 
TRP OXT  O N N 382 
TRP H    H N N 383 
TRP H2   H N N 384 
TRP HA   H N N 385 
TRP HB2  H N N 386 
TRP HB3  H N N 387 
TRP HD1  H N N 388 
TRP HE1  H N N 389 
TRP HE3  H N N 390 
TRP HZ2  H N N 391 
TRP HZ3  H N N 392 
TRP HH2  H N N 393 
TRP HXT  H N N 394 
TYR N    N N N 395 
TYR CA   C N S 396 
TYR C    C N N 397 
TYR O    O N N 398 
TYR CB   C N N 399 
TYR CG   C Y N 400 
TYR CD1  C Y N 401 
TYR CD2  C Y N 402 
TYR CE1  C Y N 403 
TYR CE2  C Y N 404 
TYR CZ   C Y N 405 
TYR OH   O N N 406 
TYR OXT  O N N 407 
TYR H    H N N 408 
TYR H2   H N N 409 
TYR HA   H N N 410 
TYR HB2  H N N 411 
TYR HB3  H N N 412 
TYR HD1  H N N 413 
TYR HD2  H N N 414 
TYR HE1  H N N 415 
TYR HE2  H N N 416 
TYR HH   H N N 417 
TYR HXT  H N N 418 
VAL N    N N N 419 
VAL CA   C N S 420 
VAL C    C N N 421 
VAL O    O N N 422 
VAL CB   C N N 423 
VAL CG1  C N N 424 
VAL CG2  C N N 425 
VAL OXT  O N N 426 
VAL H    H N N 427 
VAL H2   H N N 428 
VAL HA   H N N 429 
VAL HB   H N N 430 
VAL HG11 H N N 431 
VAL HG12 H N N 432 
VAL HG13 H N N 433 
VAL HG21 H N N 434 
VAL HG22 H N N 435 
VAL HG23 H N N 436 
VAL HXT  H N N 437 
# 
loop_
_chem_comp_bond.comp_id 
_chem_comp_bond.atom_id_1 
_chem_comp_bond.atom_id_2 
_chem_comp_bond.value_order 
_chem_comp_bond.pdbx_aromatic_flag 
_chem_comp_bond.pdbx_stereo_config 
_chem_comp_bond.pdbx_ordinal 
ALA N   CA   sing N N 1   
ALA N   H    sing N N 2   
ALA N   H2   sing N N 3   
ALA CA  C    sing N N 4   
ALA CA  CB   sing N N 5   
ALA CA  HA   sing N N 6   
ALA C   O    doub N N 7   
ALA C   OXT  sing N N 8   
ALA CB  HB1  sing N N 9   
ALA CB  HB2  sing N N 10  
ALA CB  HB3  sing N N 11  
ALA OXT HXT  sing N N 12  
ARG N   CA   sing N N 13  
ARG N   H    sing N N 14  
ARG N   H2   sing N N 15  
ARG CA  C    sing N N 16  
ARG CA  CB   sing N N 17  
ARG CA  HA   sing N N 18  
ARG C   O    doub N N 19  
ARG C   OXT  sing N N 20  
ARG CB  CG   sing N N 21  
ARG CB  HB2  sing N N 22  
ARG CB  HB3  sing N N 23  
ARG CG  CD   sing N N 24  
ARG CG  HG2  sing N N 25  
ARG CG  HG3  sing N N 26  
ARG CD  NE   sing N N 27  
ARG CD  HD2  sing N N 28  
ARG CD  HD3  sing N N 29  
ARG NE  CZ   sing N N 30  
ARG NE  HE   sing N N 31  
ARG CZ  NH1  sing N N 32  
ARG CZ  NH2  doub N N 33  
ARG NH1 HH11 sing N N 34  
ARG NH1 HH12 sing N N 35  
ARG NH2 HH21 sing N N 36  
ARG NH2 HH22 sing N N 37  
ARG OXT HXT  sing N N 38  
ASN N   CA   sing N N 39  
ASN N   H    sing N N 40  
ASN N   H2   sing N N 41  
ASN CA  C    sing N N 42  
ASN CA  CB   sing N N 43  
ASN CA  HA   sing N N 44  
ASN C   O    doub N N 45  
ASN C   OXT  sing N N 46  
ASN CB  CG   sing N N 47  
ASN CB  HB2  sing N N 48  
ASN CB  HB3  sing N N 49  
ASN CG  OD1  doub N N 50  
ASN CG  ND2  sing N N 51  
ASN ND2 HD21 sing N N 52  
ASN ND2 HD22 sing N N 53  
ASN OXT HXT  sing N N 54  
ASP N   CA   sing N N 55  
ASP N   H    sing N N 56  
ASP N   H2   sing N N 57  
ASP CA  C    sing N N 58  
ASP CA  CB   sing N N 59  
ASP CA  HA   sing N N 60  
ASP C   O    doub N N 61  
ASP C   OXT  sing N N 62  
ASP CB  CG   sing N N 63  
ASP CB  HB2  sing N N 64  
ASP CB  HB3  sing N N 65  
ASP CG  OD1  doub N N 66  
ASP CG  OD2  sing N N 67  
ASP OD2 HD2  sing N N 68  
ASP OXT HXT  sing N N 69  
CYS N   CA   sing N N 70  
CYS N   H    sing N N 71  
CYS N   H2   sing N N 72  
CYS CA  C    sing N N 73  
CYS CA  CB   sing N N 74  
CYS CA  HA   sing N N 75  
CYS C   O    doub N N 76  
CYS C   OXT  sing N N 77  
CYS CB  SG   sing N N 78  
CYS CB  HB2  sing N N 79  
CYS CB  HB3  sing N N 80  
CYS SG  HG   sing N N 81  
CYS OXT HXT  sing N N 82  
GLN N   CA   sing N N 83  
GLN N   H    sing N N 84  
GLN N   H2   sing N N 85  
GLN CA  C    sing N N 86  
GLN CA  CB   sing N N 87  
GLN CA  HA   sing N N 88  
GLN C   O    doub N N 89  
GLN C   OXT  sing N N 90  
GLN CB  CG   sing N N 91  
GLN CB  HB2  sing N N 92  
GLN CB  HB3  sing N N 93  
GLN CG  CD   sing N N 94  
GLN CG  HG2  sing N N 95  
GLN CG  HG3  sing N N 96  
GLN CD  OE1  doub N N 97  
GLN CD  NE2  sing N N 98  
GLN NE2 HE21 sing N N 99  
GLN NE2 HE22 sing N N 100 
GLN OXT HXT  sing N N 101 
GLU N   CA   sing N N 102 
GLU N   H    sing N N 103 
GLU N   H2   sing N N 104 
GLU CA  C    sing N N 105 
GLU CA  CB   sing N N 106 
GLU CA  HA   sing N N 107 
GLU C   O    doub N N 108 
GLU C   OXT  sing N N 109 
GLU CB  CG   sing N N 110 
GLU CB  HB2  sing N N 111 
GLU CB  HB3  sing N N 112 
GLU CG  CD   sing N N 113 
GLU CG  HG2  sing N N 114 
GLU CG  HG3  sing N N 115 
GLU CD  OE1  doub N N 116 
GLU CD  OE2  sing N N 117 
GLU OE2 HE2  sing N N 118 
GLU OXT HXT  sing N N 119 
GLY N   CA   sing N N 120 
GLY N   H    sing N N 121 
GLY N   H2   sing N N 122 
GLY CA  C    sing N N 123 
GLY CA  HA2  sing N N 124 
GLY CA  HA3  sing N N 125 
GLY C   O    doub N N 126 
GLY C   OXT  sing N N 127 
GLY OXT HXT  sing N N 128 
HIS N   CA   sing N N 129 
HIS N   H    sing N N 130 
HIS N   H2   sing N N 131 
HIS CA  C    sing N N 132 
HIS CA  CB   sing N N 133 
HIS CA  HA   sing N N 134 
HIS C   O    doub N N 135 
HIS C   OXT  sing N N 136 
HIS CB  CG   sing N N 137 
HIS CB  HB2  sing N N 138 
HIS CB  HB3  sing N N 139 
HIS CG  ND1  sing Y N 140 
HIS CG  CD2  doub Y N 141 
HIS ND1 CE1  doub Y N 142 
HIS ND1 HD1  sing N N 143 
HIS CD2 NE2  sing Y N 144 
HIS CD2 HD2  sing N N 145 
HIS CE1 NE2  sing Y N 146 
HIS CE1 HE1  sing N N 147 
HIS NE2 HE2  sing N N 148 
HIS OXT HXT  sing N N 149 
HOH O   H1   sing N N 150 
HOH O   H2   sing N N 151 
ILE N   CA   sing N N 152 
ILE N   H    sing N N 153 
ILE N   H2   sing N N 154 
ILE CA  C    sing N N 155 
ILE CA  CB   sing N N 156 
ILE CA  HA   sing N N 157 
ILE C   O    doub N N 158 
ILE C   OXT  sing N N 159 
ILE CB  CG1  sing N N 160 
ILE CB  CG2  sing N N 161 
ILE CB  HB   sing N N 162 
ILE CG1 CD1  sing N N 163 
ILE CG1 HG12 sing N N 164 
ILE CG1 HG13 sing N N 165 
ILE CG2 HG21 sing N N 166 
ILE CG2 HG22 sing N N 167 
ILE CG2 HG23 sing N N 168 
ILE CD1 HD11 sing N N 169 
ILE CD1 HD12 sing N N 170 
ILE CD1 HD13 sing N N 171 
ILE OXT HXT  sing N N 172 
KPK C16 C20  sing N N 173 
KPK C16 C12  sing N N 174 
KPK C20 C24  sing N N 175 
KPK C12 S8   sing N N 176 
KPK C24 O27  doub N N 177 
KPK C24 O26  sing N N 178 
KPK N7  C3   doub Y N 179 
KPK N7  C5   sing Y N 180 
KPK S8  C3   sing N N 181 
KPK C10 C5   doub Y N 182 
KPK C10 C15  sing Y N 183 
KPK C3  N1   sing Y N 184 
KPK C5  C2   sing Y N 185 
KPK C15 C11  doub Y N 186 
KPK N1  C2   sing Y N 187 
KPK N1  C4   sing N N 188 
KPK C2  C6   doub Y N 189 
KPK C11 C6   sing Y N 190 
KPK C4  C9   sing N N 191 
KPK C14 C9   doub Y N 192 
KPK C14 S19  sing Y N 193 
KPK C9  C13  sing Y N 194 
KPK S19 C17  sing Y N 195 
KPK C13 C18  sing Y N 196 
KPK C13 C17  doub Y N 197 
KPK C23 C18  sing N N 198 
KPK C18 C22  doub Y N 199 
KPK C17 C21  sing Y N 200 
KPK C22 C25  sing Y N 201 
KPK C21 C25  doub Y N 202 
KPK O26 H1   sing N N 203 
KPK C20 H2   sing N N 204 
KPK C20 H3   sing N N 205 
KPK C16 H4   sing N N 206 
KPK C16 H5   sing N N 207 
KPK C12 H6   sing N N 208 
KPK C12 H7   sing N N 209 
KPK C10 H8   sing N N 210 
KPK C15 H9   sing N N 211 
KPK C11 H10  sing N N 212 
KPK C6  H11  sing N N 213 
KPK C4  H12  sing N N 214 
KPK C4  H13  sing N N 215 
KPK C14 H14  sing N N 216 
KPK C21 H15  sing N N 217 
KPK C25 H16  sing N N 218 
KPK C22 H17  sing N N 219 
KPK C23 H18  sing N N 220 
KPK C23 H19  sing N N 221 
KPK C23 H20  sing N N 222 
LEU N   CA   sing N N 223 
LEU N   H    sing N N 224 
LEU N   H2   sing N N 225 
LEU CA  C    sing N N 226 
LEU CA  CB   sing N N 227 
LEU CA  HA   sing N N 228 
LEU C   O    doub N N 229 
LEU C   OXT  sing N N 230 
LEU CB  CG   sing N N 231 
LEU CB  HB2  sing N N 232 
LEU CB  HB3  sing N N 233 
LEU CG  CD1  sing N N 234 
LEU CG  CD2  sing N N 235 
LEU CG  HG   sing N N 236 
LEU CD1 HD11 sing N N 237 
LEU CD1 HD12 sing N N 238 
LEU CD1 HD13 sing N N 239 
LEU CD2 HD21 sing N N 240 
LEU CD2 HD22 sing N N 241 
LEU CD2 HD23 sing N N 242 
LEU OXT HXT  sing N N 243 
LYS N   CA   sing N N 244 
LYS N   H    sing N N 245 
LYS N   H2   sing N N 246 
LYS CA  C    sing N N 247 
LYS CA  CB   sing N N 248 
LYS CA  HA   sing N N 249 
LYS C   O    doub N N 250 
LYS C   OXT  sing N N 251 
LYS CB  CG   sing N N 252 
LYS CB  HB2  sing N N 253 
LYS CB  HB3  sing N N 254 
LYS CG  CD   sing N N 255 
LYS CG  HG2  sing N N 256 
LYS CG  HG3  sing N N 257 
LYS CD  CE   sing N N 258 
LYS CD  HD2  sing N N 259 
LYS CD  HD3  sing N N 260 
LYS CE  NZ   sing N N 261 
LYS CE  HE2  sing N N 262 
LYS CE  HE3  sing N N 263 
LYS NZ  HZ1  sing N N 264 
LYS NZ  HZ2  sing N N 265 
LYS NZ  HZ3  sing N N 266 
LYS OXT HXT  sing N N 267 
MET N   CA   sing N N 268 
MET N   H    sing N N 269 
MET N   H2   sing N N 270 
MET CA  C    sing N N 271 
MET CA  CB   sing N N 272 
MET CA  HA   sing N N 273 
MET C   O    doub N N 274 
MET C   OXT  sing N N 275 
MET CB  CG   sing N N 276 
MET CB  HB2  sing N N 277 
MET CB  HB3  sing N N 278 
MET CG  SD   sing N N 279 
MET CG  HG2  sing N N 280 
MET CG  HG3  sing N N 281 
MET SD  CE   sing N N 282 
MET CE  HE1  sing N N 283 
MET CE  HE2  sing N N 284 
MET CE  HE3  sing N N 285 
MET OXT HXT  sing N N 286 
PHE N   CA   sing N N 287 
PHE N   H    sing N N 288 
PHE N   H2   sing N N 289 
PHE CA  C    sing N N 290 
PHE CA  CB   sing N N 291 
PHE CA  HA   sing N N 292 
PHE C   O    doub N N 293 
PHE C   OXT  sing N N 294 
PHE CB  CG   sing N N 295 
PHE CB  HB2  sing N N 296 
PHE CB  HB3  sing N N 297 
PHE CG  CD1  doub Y N 298 
PHE CG  CD2  sing Y N 299 
PHE CD1 CE1  sing Y N 300 
PHE CD1 HD1  sing N N 301 
PHE CD2 CE2  doub Y N 302 
PHE CD2 HD2  sing N N 303 
PHE CE1 CZ   doub Y N 304 
PHE CE1 HE1  sing N N 305 
PHE CE2 CZ   sing Y N 306 
PHE CE2 HE2  sing N N 307 
PHE CZ  HZ   sing N N 308 
PHE OXT HXT  sing N N 309 
PRO N   CA   sing N N 310 
PRO N   CD   sing N N 311 
PRO N   H    sing N N 312 
PRO CA  C    sing N N 313 
PRO CA  CB   sing N N 314 
PRO CA  HA   sing N N 315 
PRO C   O    doub N N 316 
PRO C   OXT  sing N N 317 
PRO CB  CG   sing N N 318 
PRO CB  HB2  sing N N 319 
PRO CB  HB3  sing N N 320 
PRO CG  CD   sing N N 321 
PRO CG  HG2  sing N N 322 
PRO CG  HG3  sing N N 323 
PRO CD  HD2  sing N N 324 
PRO CD  HD3  sing N N 325 
PRO OXT HXT  sing N N 326 
SER N   CA   sing N N 327 
SER N   H    sing N N 328 
SER N   H2   sing N N 329 
SER CA  C    sing N N 330 
SER CA  CB   sing N N 331 
SER CA  HA   sing N N 332 
SER C   O    doub N N 333 
SER C   OXT  sing N N 334 
SER CB  OG   sing N N 335 
SER CB  HB2  sing N N 336 
SER CB  HB3  sing N N 337 
SER OG  HG   sing N N 338 
SER OXT HXT  sing N N 339 
THR N   CA   sing N N 340 
THR N   H    sing N N 341 
THR N   H2   sing N N 342 
THR CA  C    sing N N 343 
THR CA  CB   sing N N 344 
THR CA  HA   sing N N 345 
THR C   O    doub N N 346 
THR C   OXT  sing N N 347 
THR CB  OG1  sing N N 348 
THR CB  CG2  sing N N 349 
THR CB  HB   sing N N 350 
THR OG1 HG1  sing N N 351 
THR CG2 HG21 sing N N 352 
THR CG2 HG22 sing N N 353 
THR CG2 HG23 sing N N 354 
THR OXT HXT  sing N N 355 
TRP N   CA   sing N N 356 
TRP N   H    sing N N 357 
TRP N   H2   sing N N 358 
TRP CA  C    sing N N 359 
TRP CA  CB   sing N N 360 
TRP CA  HA   sing N N 361 
TRP C   O    doub N N 362 
TRP C   OXT  sing N N 363 
TRP CB  CG   sing N N 364 
TRP CB  HB2  sing N N 365 
TRP CB  HB3  sing N N 366 
TRP CG  CD1  doub Y N 367 
TRP CG  CD2  sing Y N 368 
TRP CD1 NE1  sing Y N 369 
TRP CD1 HD1  sing N N 370 
TRP CD2 CE2  doub Y N 371 
TRP CD2 CE3  sing Y N 372 
TRP NE1 CE2  sing Y N 373 
TRP NE1 HE1  sing N N 374 
TRP CE2 CZ2  sing Y N 375 
TRP CE3 CZ3  doub Y N 376 
TRP CE3 HE3  sing N N 377 
TRP CZ2 CH2  doub Y N 378 
TRP CZ2 HZ2  sing N N 379 
TRP CZ3 CH2  sing Y N 380 
TRP CZ3 HZ3  sing N N 381 
TRP CH2 HH2  sing N N 382 
TRP OXT HXT  sing N N 383 
TYR N   CA   sing N N 384 
TYR N   H    sing N N 385 
TYR N   H2   sing N N 386 
TYR CA  C    sing N N 387 
TYR CA  CB   sing N N 388 
TYR CA  HA   sing N N 389 
TYR C   O    doub N N 390 
TYR C   OXT  sing N N 391 
TYR CB  CG   sing N N 392 
TYR CB  HB2  sing N N 393 
TYR CB  HB3  sing N N 394 
TYR CG  CD1  doub Y N 395 
TYR CG  CD2  sing Y N 396 
TYR CD1 CE1  sing Y N 397 
TYR CD1 HD1  sing N N 398 
TYR CD2 CE2  doub Y N 399 
TYR CD2 HD2  sing N N 400 
TYR CE1 CZ   doub Y N 401 
TYR CE1 HE1  sing N N 402 
TYR CE2 CZ   sing Y N 403 
TYR CE2 HE2  sing N N 404 
TYR CZ  OH   sing N N 405 
TYR OH  HH   sing N N 406 
TYR OXT HXT  sing N N 407 
VAL N   CA   sing N N 408 
VAL N   H    sing N N 409 
VAL N   H2   sing N N 410 
VAL CA  C    sing N N 411 
VAL CA  CB   sing N N 412 
VAL CA  HA   sing N N 413 
VAL C   O    doub N N 414 
VAL C   OXT  sing N N 415 
VAL CB  CG1  sing N N 416 
VAL CB  CG2  sing N N 417 
VAL CB  HB   sing N N 418 
VAL CG1 HG11 sing N N 419 
VAL CG1 HG12 sing N N 420 
VAL CG1 HG13 sing N N 421 
VAL CG2 HG21 sing N N 422 
VAL CG2 HG22 sing N N 423 
VAL CG2 HG23 sing N N 424 
VAL OXT HXT  sing N N 425 
# 
_pdbx_initial_refinement_model.id               1 
_pdbx_initial_refinement_model.entity_id_list   ? 
_pdbx_initial_refinement_model.type             'experimental model' 
_pdbx_initial_refinement_model.source_name      PDB 
_pdbx_initial_refinement_model.accession_code   1KLT 
_pdbx_initial_refinement_model.details          'PDB ENTRY 1KLT' 
# 
_atom_sites.entry_id                    4KP0 
_atom_sites.fract_transf_matrix[1][1]   -0.00780205 
_atom_sites.fract_transf_matrix[1][2]   -0.00133401 
_atom_sites.fract_transf_matrix[1][3]   -0.01568497 
_atom_sites.fract_transf_matrix[2][1]   -0.00836754 
_atom_sites.fract_transf_matrix[2][2]   0.01517927 
_atom_sites.fract_transf_matrix[2][3]   0.00287120 
_atom_sites.fract_transf_matrix[3][1]   0.00427576 
_atom_sites.fract_transf_matrix[3][2]   0.00280442 
_atom_sites.fract_transf_matrix[3][3]   -0.00236538 
_atom_sites.fract_transf_vector[1]      0.378458 
_atom_sites.fract_transf_vector[2]      0.025631 
_atom_sites.fract_transf_vector[3]      -0.059886 
# 
loop_
_atom_type.symbol 
C 
N 
O 
S 
# 
loop_
_atom_site.group_PDB 
_atom_site.id 
_atom_site.type_symbol 
_atom_site.label_atom_id 
_atom_site.label_alt_id 
_atom_site.label_comp_id 
_atom_site.label_asym_id 
_atom_site.label_entity_id 
_atom_site.label_seq_id 
_atom_site.pdbx_PDB_ins_code 
_atom_site.Cartn_x 
_atom_site.Cartn_y 
_atom_site.Cartn_z 
_atom_site.occupancy 
_atom_site.B_iso_or_equiv 
_atom_site.pdbx_formal_charge 
_atom_site.auth_seq_id 
_atom_site.auth_comp_id 
_atom_site.auth_asym_id 
_atom_site.auth_atom_id 
_atom_site.pdbx_PDB_model_num 
ATOM   1    N N   . ILE A 1 1   ? 7.030   -5.623  6.014   1.00 35.65 1 16  ILE A N   1 
ATOM   2    C CA  . ILE A 1 1   ? 8.248   -4.769  5.958   1.00 36.04 ? 16  ILE A CA  1 
ATOM   3    C C   . ILE A 1 1   ? 9.444   -5.539  6.499   1.00 36.67 ? 16  ILE A C   1 
ATOM   4    O O   . ILE A 1 1   ? 9.442   -5.890  7.679   1.00 37.22 ? 16  ILE A O   1 
ATOM   5    C CB  . ILE A 1 1   ? 8.096   -3.506  6.852   1.00 35.76 ? 16  ILE A CB  1 
ATOM   6    C CG1 . ILE A 1 1   ? 6.883   -2.639  6.445   1.00 35.53 ? 16  ILE A CG1 1 
ATOM   7    C CG2 . ILE A 1 1   ? 9.403   -2.742  6.918   1.00 35.24 ? 16  ILE A CG2 1 
ATOM   8    C CD1 . ILE A 1 1   ? 6.851   -2.150  5.004   1.00 34.47 ? 16  ILE A CD1 1 
ATOM   9    N N   . ILE A 1 2   ? 10.462  -5.768  5.662   1.00 37.03 ? 17  ILE A N   1 
ATOM   10   C CA  . ILE A 1 2   ? 11.735  -6.356  6.105   1.00 37.21 ? 17  ILE A CA  1 
ATOM   11   C C   . ILE A 1 2   ? 12.703  -5.247  6.526   1.00 37.96 ? 17  ILE A C   1 
ATOM   12   O O   . ILE A 1 2   ? 12.783  -4.187  5.885   1.00 38.02 ? 17  ILE A O   1 
ATOM   13   C CB  . ILE A 1 2   ? 12.382  -7.248  5.002   1.00 37.25 ? 17  ILE A CB  1 
ATOM   14   C CG1 . ILE A 1 2   ? 11.422  -8.363  4.574   1.00 37.59 ? 17  ILE A CG1 1 
ATOM   15   C CG2 . ILE A 1 2   ? 13.707  -7.877  5.482   1.00 36.25 ? 17  ILE A CG2 1 
ATOM   16   C CD1 . ILE A 1 2   ? 11.587  -8.800  3.149   1.00 37.63 ? 17  ILE A CD1 1 
ATOM   17   N N   . GLY A 1 3   ? 13.426  -5.485  7.614   1.00 38.45 ? 18  GLY A N   1 
ATOM   18   C CA  . GLY A 1 3   ? 14.447  -4.550  8.057   1.00 39.38 ? 18  GLY A CA  1 
ATOM   19   C C   . GLY A 1 3   ? 13.976  -3.130  8.287   1.00 40.45 ? 18  GLY A C   1 
ATOM   20   O O   . GLY A 1 3   ? 14.696  -2.178  7.963   1.00 41.00 ? 18  GLY A O   1 
ATOM   21   N N   . GLY A 1 4   ? 12.776  -2.981  8.850   1.00 41.05 ? 19  GLY A N   1 
ATOM   22   C CA  . GLY A 1 4   ? 12.277  -1.685  9.306   1.00 41.55 ? 19  GLY A CA  1 
ATOM   23   C C   . GLY A 1 4   ? 12.233  -1.568  10.829  1.00 42.32 ? 19  GLY A C   1 
ATOM   24   O O   . GLY A 1 4   ? 12.781  -2.410  11.557  1.00 42.37 ? 19  GLY A O   1 
ATOM   25   N N   . THR A 1 5   ? 11.602  -0.505  11.321  1.00 42.62 ? 20  THR A N   1 
ATOM   26   C CA  . THR A 1 5   ? 11.293  -0.421  12.739  1.00 43.19 ? 20  THR A CA  1 
ATOM   27   C C   . THR A 1 5   ? 9.855   0.000   12.954  1.00 43.12 ? 20  THR A C   1 
ATOM   28   O O   . THR A 1 5   ? 9.256   0.676   12.113  1.00 42.70 ? 20  THR A O   1 
ATOM   29   C CB  . THR A 1 5   ? 12.212  0.551   13.499  1.00 43.43 ? 20  THR A CB  1 
ATOM   30   O OG1 . THR A 1 5   ? 12.144  1.838   12.885  1.00 44.16 ? 20  THR A OG1 1 
ATOM   31   C CG2 . THR A 1 5   ? 13.660  0.052   13.503  1.00 44.08 ? 20  THR A CG2 1 
ATOM   32   N N   . GLU A 1 6   ? 9.325   -0.411  14.101  1.00 43.55 ? 21  GLU A N   1 
ATOM   33   C CA  . GLU A 1 6   ? 7.970   -0.101  14.511  1.00 43.85 ? 21  GLU A CA  1 
ATOM   34   C C   . GLU A 1 6   ? 7.712   1.371   14.334  1.00 43.62 ? 21  GLU A C   1 
ATOM   35   O O   . GLU A 1 6   ? 8.511   2.187   14.776  1.00 44.12 ? 21  GLU A O   1 
ATOM   36   C CB  . GLU A 1 6   ? 7.793   -0.432  15.980  1.00 43.74 ? 21  GLU A CB  1 
ATOM   37   C CG  . GLU A 1 6   ? 6.368   -0.246  16.416  1.00 47.41 ? 21  GLU A CG  1 
ATOM   38   C CD  . GLU A 1 6   ? 6.115   -0.634  17.858  1.00 51.29 ? 21  GLU A CD  1 
ATOM   39   O OE1 . GLU A 1 6   ? 6.982   -1.300  18.470  1.00 51.34 ? 21  GLU A OE1 1 
ATOM   40   O OE2 . GLU A 1 6   ? 5.033   -0.261  18.374  1.00 52.91 ? 21  GLU A OE2 1 
ATOM   41   N N   . CYS A 1 7   ? 6.601   1.729   13.703  1.00 43.44 ? 22  CYS A N   1 
ATOM   42   C CA  . CYS A 1 7   ? 6.208   3.127   13.670  1.00 43.13 ? 22  CYS A CA  1 
ATOM   43   C C   . CYS A 1 7   ? 5.952   3.549   15.094  1.00 43.21 ? 22  CYS A C   1 
ATOM   44   O O   . CYS A 1 7   ? 5.725   2.704   15.969  1.00 43.07 ? 22  CYS A O   1 
ATOM   45   C CB  . CYS A 1 7   ? 4.965   3.327   12.832  1.00 42.59 ? 22  CYS A CB  1 
ATOM   46   S SG  . CYS A 1 7   ? 5.265   2.984   11.109  1.00 44.44 ? 22  CYS A SG  1 
ATOM   47   N N   . LYS A 1 8   ? 6.029   4.851   15.346  1.00 43.57 ? 23  LYS A N   1 
ATOM   48   C CA  . LYS A 1 8   ? 5.500   5.374   16.604  1.00 43.52 ? 23  LYS A CA  1 
ATOM   49   C C   . LYS A 1 8   ? 3.971   5.219   16.493  1.00 42.92 ? 23  LYS A C   1 
ATOM   50   O O   . LYS A 1 8   ? 3.397   5.430   15.414  1.00 42.32 ? 23  LYS A O   1 
ATOM   51   C CB  . LYS A 1 8   ? 5.956   6.823   16.858  1.00 43.53 ? 23  LYS A CB  1 
ATOM   52   C CG  . LYS A 1 8   ? 7.474   7.076   16.608  1.00 45.80 ? 23  LYS A CG  1 
ATOM   53   C CD  . LYS A 1 8   ? 8.392   6.861   17.840  1.00 49.01 ? 23  LYS A CD  1 
ATOM   54   C CE  . LYS A 1 8   ? 8.855   8.205   18.469  1.00 51.30 ? 23  LYS A CE  1 
ATOM   55   N NZ  . LYS A 1 8   ? 9.492   8.046   19.845  1.00 52.90 1 23  LYS A NZ  1 
ATOM   56   N N   . PRO A 1 9   ? 3.313   4.788   17.584  1.00 42.94 ? 24  PRO A N   1 
ATOM   57   C CA  . PRO A 1 9   ? 1.868   4.476   17.500  1.00 43.07 ? 24  PRO A CA  1 
ATOM   58   C C   . PRO A 1 9   ? 1.039   5.633   16.961  1.00 43.09 ? 24  PRO A C   1 
ATOM   59   O O   . PRO A 1 9   ? 1.051   6.726   17.523  1.00 43.07 ? 24  PRO A O   1 
ATOM   60   C CB  . PRO A 1 9   ? 1.479   4.174   18.951  1.00 42.95 ? 24  PRO A CB  1 
ATOM   61   C CG  . PRO A 1 9   ? 2.798   3.742   19.606  1.00 43.81 ? 24  PRO A CG  1 
ATOM   62   C CD  . PRO A 1 9   ? 3.867   4.557   18.933  1.00 42.68 ? 24  PRO A CD  1 
ATOM   63   N N   . HIS A 1 10  ? 0.348   5.385   15.856  1.00 43.20 ? 25  HIS A N   1 
ATOM   64   C CA  . HIS A 1 10  ? -0.591  6.345   15.249  1.00 43.25 ? 25  HIS A CA  1 
ATOM   65   C C   . HIS A 1 10  ? 0.021   7.536   14.495  1.00 43.46 ? 25  HIS A C   1 
ATOM   66   O O   . HIS A 1 10  ? -0.681  8.489   14.210  1.00 44.03 ? 25  HIS A O   1 
ATOM   67   C CB  . HIS A 1 10  ? -1.661  6.797   16.249  1.00 42.80 ? 25  HIS A CB  1 
ATOM   68   C CG  . HIS A 1 10  ? -2.291  5.666   17.002  1.00 42.71 ? 25  HIS A CG  1 
ATOM   69   N ND1 . HIS A 1 10  ? -3.193  4.798   16.425  1.00 42.84 ? 25  HIS A ND1 1 
ATOM   70   C CD2 . HIS A 1 10  ? -2.146  5.259   18.286  1.00 43.29 ? 25  HIS A CD2 1 
ATOM   71   C CE1 . HIS A 1 10  ? -3.574  3.904   17.322  1.00 44.21 ? 25  HIS A CE1 1 
ATOM   72   N NE2 . HIS A 1 10  ? -2.957  4.163   18.460  1.00 43.67 ? 25  HIS A NE2 1 
ATOM   73   N N   . SER A 1 11  ? 1.297   7.452   14.126  1.00 43.61 ? 26  SER A N   1 
ATOM   74   C CA  . SER A 1 11  ? 1.956   8.455   13.271  1.00 43.74 ? 26  SER A CA  1 
ATOM   75   C C   . SER A 1 11  ? 1.509   8.455   11.811  1.00 43.82 ? 26  SER A C   1 
ATOM   76   O O   . SER A 1 11  ? 1.844   9.371   11.056  1.00 43.93 ? 26  SER A O   1 
ATOM   77   C CB  . SER A 1 11  ? 3.468   8.230   13.243  1.00 43.77 ? 26  SER A CB  1 
ATOM   78   O OG  . SER A 1 11  ? 3.950   7.692   14.451  1.00 44.76 ? 26  SER A OG  1 
ATOM   79   N N   . ARG A 1 12  ? 0.813   7.410   11.381  1.00 44.06 ? 27  ARG A N   1 
ATOM   80   C CA  . ARG A 1 12  ? 0.440   7.304   9.976   1.00 44.33 ? 27  ARG A CA  1 
ATOM   81   C C   . ARG A 1 12  ? -1.084  7.217   9.849   1.00 43.86 ? 27  ARG A C   1 
ATOM   82   O O   . ARG A 1 12  ? -1.632  6.228   9.364   1.00 44.01 ? 27  ARG A O   1 
ATOM   83   C CB  . ARG A 1 12  ? 1.152   6.107   9.328   1.00 44.77 ? 27  ARG A CB  1 
ATOM   84   C CG  . ARG A 1 12  ? 2.562   6.378   8.848   1.00 46.38 ? 27  ARG A CG  1 
ATOM   85   C CD  . ARG A 1 12  ? 3.622   6.276   9.937   1.00 49.95 ? 27  ARG A CD  1 
ATOM   86   N NE  . ARG A 1 12  ? 4.602   7.357   9.750   1.00 53.68 ? 27  ARG A NE  1 
ATOM   87   C CZ  . ARG A 1 12  ? 5.628   7.628   10.563  1.00 54.61 ? 27  ARG A CZ  1 
ATOM   88   N NH1 . ARG A 1 12  ? 5.853   6.887   11.660  1.00 56.98 ? 27  ARG A NH1 1 
ATOM   89   N NH2 . ARG A 1 12  ? 6.436   8.644   10.279  1.00 51.88 ? 27  ARG A NH2 1 
ATOM   90   N N   . PRO A 1 13  ? -1.780  8.281   10.267  1.00 43.49 ? 28  PRO A N   1 
ATOM   91   C CA  . PRO A 1 13  ? -3.212  8.176   10.485  1.00 43.00 ? 28  PRO A CA  1 
ATOM   92   C C   . PRO A 1 13  ? -3.993  7.858   9.216   1.00 42.64 ? 28  PRO A C   1 
ATOM   93   O O   . PRO A 1 13  ? -5.220  7.730   9.269   1.00 42.46 ? 28  PRO A O   1 
ATOM   94   C CB  . PRO A 1 13  ? -3.581  9.562   11.022  1.00 43.33 ? 28  PRO A CB  1 
ATOM   95   C CG  . PRO A 1 13  ? -2.539  10.458  10.498  1.00 43.58 ? 28  PRO A CG  1 
ATOM   96   C CD  . PRO A 1 13  ? -1.292  9.655   10.478  1.00 43.32 ? 28  PRO A CD  1 
ATOM   97   N N   . TYR A 1 14  ? -3.288  7.725   8.099   1.00 41.88 ? 29  TYR A N   1 
ATOM   98   C CA  . TYR A 1 14  ? -3.913  7.396   6.839   1.00 41.63 ? 29  TYR A CA  1 
ATOM   99   C C   . TYR A 1 14  ? -3.827  5.891   6.509   1.00 41.40 ? 29  TYR A C   1 
ATOM   100  O O   . TYR A 1 14  ? -4.492  5.434   5.567   1.00 40.95 ? 29  TYR A O   1 
ATOM   101  C CB  . TYR A 1 14  ? -3.282  8.236   5.727   1.00 41.73 ? 29  TYR A CB  1 
ATOM   102  C CG  . TYR A 1 14  ? -1.782  8.273   5.841   1.00 42.29 ? 29  TYR A CG  1 
ATOM   103  C CD1 . TYR A 1 14  ? -1.017  7.134   5.538   1.00 43.35 ? 29  TYR A CD1 1 
ATOM   104  C CD2 . TYR A 1 14  ? -1.118  9.418   6.287   1.00 41.68 ? 29  TYR A CD2 1 
ATOM   105  C CE1 . TYR A 1 14  ? 0.362   7.130   5.657   1.00 42.03 ? 29  TYR A CE1 1 
ATOM   106  C CE2 . TYR A 1 14  ? 0.274   9.429   6.405   1.00 41.59 ? 29  TYR A CE2 1 
ATOM   107  C CZ  . TYR A 1 14  ? 1.003   8.272   6.086   1.00 42.88 ? 29  TYR A CZ  1 
ATOM   108  O OH  . TYR A 1 14  ? 2.376   8.242   6.192   1.00 44.20 ? 29  TYR A OH  1 
ATOM   109  N N   . MET A 1 15  ? -3.029  5.132   7.271   1.00 40.85 ? 30  MET A N   1 
ATOM   110  C CA  . MET A 1 15  ? -2.826  3.693   6.980   1.00 41.10 ? 30  MET A CA  1 
ATOM   111  C C   . MET A 1 15  ? -4.061  2.835   7.210   1.00 41.68 ? 30  MET A C   1 
ATOM   112  O O   . MET A 1 15  ? -4.585  2.730   8.329   1.00 41.56 ? 30  MET A O   1 
ATOM   113  C CB  . MET A 1 15  ? -1.684  3.074   7.789   1.00 40.42 ? 30  MET A CB  1 
ATOM   114  C CG  . MET A 1 15  ? -0.287  3.272   7.224   1.00 40.44 ? 30  MET A CG  1 
ATOM   115  S SD  . MET A 1 15  ? 0.014   2.881   5.481   1.00 36.18 ? 30  MET A SD  1 
ATOM   116  C CE  . MET A 1 15  ? -0.234  1.114   5.494   1.00 37.21 ? 30  MET A CE  1 
ATOM   117  N N   . ALA A 1 16  ? -4.508  2.203   6.142   1.00 42.02 ? 31  ALA A N   1 
ATOM   118  C CA  . ALA A 1 16  ? -5.561  1.231   6.245   1.00 42.80 ? 31  ALA A CA  1 
ATOM   119  C C   . ALA A 1 16  ? -4.984  -0.173  6.369   1.00 43.45 ? 31  ALA A C   1 
ATOM   120  O O   . ALA A 1 16  ? -4.016  -0.529  5.687   1.00 43.20 ? 31  ALA A O   1 
ATOM   121  C CB  . ALA A 1 16  ? -6.440  1.308   5.024   1.00 42.85 ? 31  ALA A CB  1 
ATOM   122  N N   . TYR A 1 17  ? -5.591  -0.972  7.238   1.00 44.22 ? 32  TYR A N   1 
ATOM   123  C CA  . TYR A 1 17  ? -5.464  -2.430  7.151   1.00 44.89 ? 32  TYR A CA  1 
ATOM   124  C C   . TYR A 1 17  ? -6.694  -3.000  6.411   1.00 45.03 ? 32  TYR A C   1 
ATOM   125  O O   . TYR A 1 17  ? -7.826  -2.609  6.691   1.00 45.31 ? 32  TYR A O   1 
ATOM   126  C CB  . TYR A 1 17  ? -5.348  -2.997  8.551   1.00 44.72 ? 32  TYR A CB  1 
ATOM   127  C CG  . TYR A 1 17  ? -5.137  -4.480  8.656   1.00 45.15 ? 32  TYR A CG  1 
ATOM   128  C CD1 . TYR A 1 17  ? -3.877  -4.995  8.897   1.00 46.67 ? 32  TYR A CD1 1 
ATOM   129  C CD2 . TYR A 1 17  ? -6.204  -5.367  8.587   1.00 46.75 ? 32  TYR A CD2 1 
ATOM   130  C CE1 . TYR A 1 17  ? -3.669  -6.360  9.037   1.00 47.22 ? 32  TYR A CE1 1 
ATOM   131  C CE2 . TYR A 1 17  ? -6.014  -6.741  8.722   1.00 47.33 ? 32  TYR A CE2 1 
ATOM   132  C CZ  . TYR A 1 17  ? -4.738  -7.229  8.949   1.00 47.52 ? 32  TYR A CZ  1 
ATOM   133  O OH  . TYR A 1 17  ? -4.522  -8.583  9.086   1.00 47.20 ? 32  TYR A OH  1 
ATOM   134  N N   . LEU A 1 18  ? -6.484  -3.899  5.458   1.00 45.28 ? 33  LEU A N   1 
ATOM   135  C CA  . LEU A 1 18  ? -7.620  -4.521  4.769   1.00 45.89 ? 33  LEU A CA  1 
ATOM   136  C C   . LEU A 1 18  ? -7.689  -6.024  5.018   1.00 46.79 ? 33  LEU A C   1 
ATOM   137  O O   . LEU A 1 18  ? -6.671  -6.704  4.892   1.00 47.07 ? 33  LEU A O   1 
ATOM   138  C CB  . LEU A 1 18  ? -7.538  -4.309  3.263   1.00 45.07 ? 33  LEU A CB  1 
ATOM   139  C CG  . LEU A 1 18  ? -7.046  -3.018  2.631   1.00 44.77 ? 33  LEU A CG  1 
ATOM   140  C CD1 . LEU A 1 18  ? -7.187  -3.132  1.118   1.00 44.26 ? 33  LEU A CD1 1 
ATOM   141  C CD2 . LEU A 1 18  ? -7.767  -1.791  3.148   1.00 44.69 ? 33  LEU A CD2 1 
ATOM   142  N N   . GLU A 1 19  ? -8.878  -6.531  5.366   1.00 47.91 ? 34  GLU A N   1 
ATOM   143  C CA  . GLU A 1 19  ? -9.147  -7.979  5.394   1.00 49.25 ? 34  GLU A CA  1 
ATOM   144  C C   . GLU A 1 19  ? -9.929  -8.374  4.167   1.00 49.95 ? 34  GLU A C   1 
ATOM   145  O O   . GLU A 1 19  ? -11.115 -8.077  4.050   1.00 50.21 ? 34  GLU A O   1 
ATOM   146  C CB  . GLU A 1 19  ? -9.915  -8.396  6.644   1.00 49.05 ? 34  GLU A CB  1 
ATOM   147  C CG  . GLU A 1 19  ? -9.165  -8.086  7.910   1.00 52.12 ? 34  GLU A CG  1 
ATOM   148  C CD  . GLU A 1 19  ? -9.833  -8.616  9.148   1.00 55.17 ? 34  GLU A CD  1 
ATOM   149  O OE1 . GLU A 1 19  ? -10.153 -7.787  10.054  1.00 55.63 ? 34  GLU A OE1 1 
ATOM   150  O OE2 . GLU A 1 19  ? -10.018 -9.860  9.198   1.00 55.70 ? 34  GLU A OE2 1 
ATOM   151  N N   . ILE A 1 20  ? -9.262  -9.039  3.239   1.00 51.18 ? 35  ILE A N   1 
ATOM   152  C CA  . ILE A 1 20  ? -9.918  -9.458  2.005   1.00 52.41 ? 35  ILE A CA  1 
ATOM   153  C C   . ILE A 1 20  ? -10.525 -10.847 2.197   1.00 53.79 ? 35  ILE A C   1 
ATOM   154  O O   . ILE A 1 20  ? -9.935  -11.697 2.871   1.00 54.09 ? 35  ILE A O   1 
ATOM   155  C CB  . ILE A 1 20  ? -8.939  -9.423  0.797   1.00 52.22 ? 35  ILE A CB  1 
ATOM   156  C CG1 . ILE A 1 20  ? -8.291  -8.039  0.668   1.00 51.13 ? 35  ILE A CG1 1 
ATOM   157  C CG2 . ILE A 1 20  ? -9.656  -9.755  -0.507  1.00 51.27 ? 35  ILE A CG2 1 
ATOM   158  C CD1 . ILE A 1 20  ? -6.975  -7.896  1.372   1.00 51.35 ? 35  ILE A CD1 1 
ATOM   159  N N   . VAL A 1 21  ? -11.713 -11.060 1.631   1.00 55.41 ? 36  VAL A N   1 
ATOM   160  C CA  . VAL A 1 21  ? -12.369 -12.367 1.661   1.00 57.00 ? 36  VAL A CA  1 
ATOM   161  C C   . VAL A 1 21  ? -12.557 -12.871 0.239   1.00 58.52 ? 36  VAL A C   1 
ATOM   162  O O   . VAL A 1 21  ? -13.286 -12.274 -0.550  1.00 58.55 ? 36  VAL A O   1 
ATOM   163  C CB  . VAL A 1 21  ? -13.695 -12.311 2.444   1.00 56.80 ? 36  VAL A CB  1 
ATOM   164  C CG1 . VAL A 1 21  ? -14.628 -13.441 2.063   1.00 56.79 ? 36  VAL A CG1 1 
ATOM   165  C CG2 . VAL A 1 21  ? -13.411 -12.337 3.948   1.00 57.03 ? 36  VAL A CG2 1 
ATOM   166  N N   . THR A 1 22  A -11.860 -13.952 -0.097  1.00 60.63 ? 36  THR A N   1 
ATOM   167  C CA  . THR A 1 22  A -11.947 -14.519 -1.444  1.00 62.89 ? 36  THR A CA  1 
ATOM   168  C C   . THR A 1 22  A -13.094 -15.537 -1.589  1.00 64.26 ? 36  THR A C   1 
ATOM   169  O O   . THR A 1 22  A -13.462 -16.243 -0.630  1.00 64.48 ? 36  THR A O   1 
ATOM   170  C CB  . THR A 1 22  A -10.624 -15.156 -1.880  1.00 63.08 ? 36  THR A CB  1 
ATOM   171  O OG1 . THR A 1 22  A -10.051 -15.858 -0.766  1.00 64.11 ? 36  THR A OG1 1 
ATOM   172  C CG2 . THR A 1 22  A -9.642  -14.089 -2.392  1.00 62.91 ? 36  THR A CG2 1 
ATOM   173  N N   . SER A 1 23  B -13.650 -15.591 -2.802  1.00 65.80 ? 36  SER A N   1 
ATOM   174  C CA  . SER A 1 23  B -14.808 -16.431 -3.119  1.00 67.15 ? 36  SER A CA  1 
ATOM   175  C C   . SER A 1 23  B -14.562 -17.889 -2.747  1.00 67.93 ? 36  SER A C   1 
ATOM   176  O O   . SER A 1 23  B -15.493 -18.603 -2.358  1.00 68.21 ? 36  SER A O   1 
ATOM   177  C CB  . SER A 1 23  B -15.201 -16.288 -4.598  1.00 67.31 ? 36  SER A CB  1 
ATOM   178  O OG  . SER A 1 23  B -14.071 -16.383 -5.456  1.00 67.88 ? 36  SER A OG  1 
ATOM   179  N N   . ASN A 1 24  C -13.303 -18.313 -2.847  1.00 68.71 ? 36  ASN A N   1 
ATOM   180  C CA  . ASN A 1 24  C -12.892 -19.632 -2.367  1.00 69.40 ? 36  ASN A CA  1 
ATOM   181  C C   . ASN A 1 24  C -12.827 -19.664 -0.834  1.00 69.03 ? 36  ASN A C   1 
ATOM   182  O O   . ASN A 1 24  C -13.789 -19.269 -0.148  1.00 68.95 ? 36  ASN A O   1 
ATOM   183  C CB  . ASN A 1 24  C -11.542 -20.031 -2.986  1.00 69.84 ? 36  ASN A CB  1 
ATOM   184  C CG  . ASN A 1 24  C -11.476 -21.514 -3.321  1.00 71.22 ? 36  ASN A CG  1 
ATOM   185  O OD1 . ASN A 1 24  C -12.508 -22.202 -3.346  1.00 72.03 ? 36  ASN A OD1 1 
ATOM   186  N ND2 . ASN A 1 24  C -10.264 -22.017 -3.585  1.00 71.85 ? 36  ASN A ND2 1 
ATOM   187  N N   . GLY A 1 25  ? -11.705 -20.147 -0.304  1.00 68.57 ? 37  GLY A N   1 
ATOM   188  C CA  . GLY A 1 25  ? -11.377 -19.912 1.096   1.00 68.10 ? 37  GLY A CA  1 
ATOM   189  C C   . GLY A 1 25  ? -10.854 -18.486 1.128   1.00 67.86 ? 37  GLY A C   1 
ATOM   190  O O   . GLY A 1 25  ? -9.928  -18.169 0.355   1.00 68.15 ? 37  GLY A O   1 
ATOM   191  N N   . PRO A 1 26  ? -11.470 -17.608 1.975   1.00 67.17 ? 38  PRO A N   1 
ATOM   192  C CA  . PRO A 1 26  ? -11.148 -16.140 2.152   1.00 66.10 ? 38  PRO A CA  1 
ATOM   193  C C   . PRO A 1 26  ? -9.650  -15.756 2.473   1.00 64.86 ? 38  PRO A C   1 
ATOM   194  O O   . PRO A 1 26  ? -8.761  -16.008 1.638   1.00 64.69 ? 38  PRO A O   1 
ATOM   195  C CB  . PRO A 1 26  ? -12.121 -15.689 3.266   1.00 66.09 ? 38  PRO A CB  1 
ATOM   196  C CG  . PRO A 1 26  ? -13.253 -16.689 3.245   1.00 66.86 ? 38  PRO A CG  1 
ATOM   197  C CD  . PRO A 1 26  ? -12.673 -18.011 2.746   1.00 67.06 ? 38  PRO A CD  1 
ATOM   198  N N   . SER A 1 27  ? -9.405  -15.111 3.628   1.00 62.94 ? 39  SER A N   1 
ATOM   199  C CA  . SER A 1 27  ? -8.047  -14.900 4.246   1.00 61.23 ? 39  SER A CA  1 
ATOM   200  C C   . SER A 1 27  ? -6.790  -14.498 3.406   1.00 59.69 ? 39  SER A C   1 
ATOM   201  O O   . SER A 1 27  ? -6.017  -15.348 2.953   1.00 58.70 ? 39  SER A O   1 
ATOM   202  C CB  . SER A 1 27  ? -7.689  -16.063 5.209   1.00 61.58 ? 39  SER A CB  1 
ATOM   203  O OG  . SER A 1 27  ? -6.552  -15.814 6.035   1.00 60.60 ? 39  SER A OG  1 
ATOM   204  N N   . LYS A 1 28  ? -6.632  -13.181 3.238   1.00 58.07 ? 40  LYS A N   1 
ATOM   205  C CA  . LYS A 1 28  ? -5.350  -12.481 3.002   1.00 56.19 ? 40  LYS A CA  1 
ATOM   206  C C   . LYS A 1 28  ? -5.500  -11.039 3.519   1.00 54.90 ? 40  LYS A C   1 
ATOM   207  O O   . LYS A 1 28  ? -6.627  -10.549 3.712   1.00 54.65 ? 40  LYS A O   1 
ATOM   208  C CB  . LYS A 1 28  ? -4.896  -12.500 1.525   1.00 56.34 ? 40  LYS A CB  1 
ATOM   209  C CG  . LYS A 1 28  ? -5.803  -11.764 0.516   1.00 56.48 ? 40  LYS A CG  1 
ATOM   210  C CD  . LYS A 1 28  ? -5.310  -11.976 -0.938  1.00 57.60 ? 40  LYS A CD  1 
ATOM   211  C CE  . LYS A 1 28  ? -6.447  -11.876 -1.971  1.00 57.67 ? 40  LYS A CE  1 
ATOM   212  N NZ  . LYS A 1 28  ? -6.128  -10.967 -3.129  1.00 57.56 1 40  LYS A NZ  1 
ATOM   213  N N   . PHE A 1 29  ? -4.376  -10.372 3.775   1.00 53.07 ? 41  PHE A N   1 
ATOM   214  C CA  . PHE A 1 29  ? -4.428  -8.959  4.130   1.00 51.17 ? 41  PHE A CA  1 
ATOM   215  C C   . PHE A 1 29  ? -3.524  -8.076  3.273   1.00 50.27 ? 41  PHE A C   1 
ATOM   216  O O   . PHE A 1 29  ? -2.447  -8.488  2.827   1.00 50.03 ? 41  PHE A O   1 
ATOM   217  C CB  . PHE A 1 29  ? -4.260  -8.717  5.652   1.00 51.09 ? 41  PHE A CB  1 
ATOM   218  C CG  . PHE A 1 29  ? -2.831  -8.781  6.167   1.00 49.95 ? 41  PHE A CG  1 
ATOM   219  C CD1 . PHE A 1 29  ? -2.412  -9.855  6.944   1.00 49.17 ? 41  PHE A CD1 1 
ATOM   220  C CD2 . PHE A 1 29  ? -1.928  -7.744  5.926   1.00 48.98 ? 41  PHE A CD2 1 
ATOM   221  C CE1 . PHE A 1 29  ? -1.116  -9.916  7.443   1.00 48.40 ? 41  PHE A CE1 1 
ATOM   222  C CE2 . PHE A 1 29  ? -0.625  -7.799  6.418   1.00 48.54 ? 41  PHE A CE2 1 
ATOM   223  C CZ  . PHE A 1 29  ? -0.225  -8.889  7.178   1.00 48.54 ? 41  PHE A CZ  1 
ATOM   224  N N   . CYS A 1 30  ? -4.009  -6.869  3.018   1.00 48.91 ? 42  CYS A N   1 
ATOM   225  C CA  . CYS A 1 30  ? -3.227  -5.849  2.352   1.00 47.53 ? 42  CYS A CA  1 
ATOM   226  C C   . CYS A 1 30  ? -3.203  -4.562  3.177   1.00 46.79 ? 42  CYS A C   1 
ATOM   227  O O   . CYS A 1 30  ? -3.937  -4.392  4.160   1.00 45.81 ? 42  CYS A O   1 
ATOM   228  C CB  . CYS A 1 30  ? -3.779  -5.574  0.953   1.00 47.25 ? 42  CYS A CB  1 
ATOM   229  S SG  . CYS A 1 30  ? -3.362  -6.840  -0.252  1.00 47.29 ? 42  CYS A SG  1 
ATOM   230  N N   . GLY A 1 31  ? -2.319  -3.665  2.767   1.00 46.37 ? 43  GLY A N   1 
ATOM   231  C CA  . GLY A 1 31  ? -2.267  -2.342  3.332   1.00 45.48 ? 43  GLY A CA  1 
ATOM   232  C C   . GLY A 1 31  ? -3.119  -1.480  2.441   1.00 44.69 ? 43  GLY A C   1 
ATOM   233  O O   . GLY A 1 31  ? -3.562  -1.917  1.377   1.00 44.16 ? 43  GLY A O   1 
ATOM   234  N N   . GLY A 1 32  ? -3.356  -0.261  2.905   1.00 44.18 ? 44  GLY A N   1 
ATOM   235  C CA  . GLY A 1 32  ? -3.983  0.781   2.107   1.00 43.97 ? 44  GLY A CA  1 
ATOM   236  C C   . GLY A 1 32  ? -3.755  2.144   2.731   1.00 43.63 ? 44  GLY A C   1 
ATOM   237  O O   . GLY A 1 32  ? -2.985  2.284   3.696   1.00 43.43 ? 44  GLY A O   1 
ATOM   238  N N   . PHE A 1 33  ? -4.411  3.155   2.183   1.00 43.32 ? 45  PHE A N   1 
ATOM   239  C CA  . PHE A 1 33  ? -4.362  4.467   2.814   1.00 44.04 ? 45  PHE A CA  1 
ATOM   240  C C   . PHE A 1 33  ? -5.598  5.292   2.521   1.00 43.61 ? 45  PHE A C   1 
ATOM   241  O O   . PHE A 1 33  ? -6.134  5.247   1.408   1.00 44.06 ? 45  PHE A O   1 
ATOM   242  C CB  . PHE A 1 33  ? -3.077  5.223   2.466   1.00 44.15 ? 45  PHE A CB  1 
ATOM   243  C CG  . PHE A 1 33  ? -2.771  5.263   1.009   1.00 45.89 ? 45  PHE A CG  1 
ATOM   244  C CD1 . PHE A 1 33  ? -2.313  4.131   0.349   1.00 47.01 ? 45  PHE A CD1 1 
ATOM   245  C CD2 . PHE A 1 33  ? -2.925  6.452   0.293   1.00 48.14 ? 45  PHE A CD2 1 
ATOM   246  C CE1 . PHE A 1 33  ? -2.016  4.172   -1.000  1.00 48.76 ? 45  PHE A CE1 1 
ATOM   247  C CE2 . PHE A 1 33  ? -2.636  6.507   -1.069  1.00 48.53 ? 45  PHE A CE2 1 
ATOM   248  C CZ  . PHE A 1 33  ? -2.180  5.363   -1.717  1.00 49.31 ? 45  PHE A CZ  1 
ATOM   249  N N   . LEU A 1 34  ? -6.067  6.015   3.530   1.00 42.98 ? 46  LEU A N   1 
ATOM   250  C CA  . LEU A 1 34  ? -7.288  6.806   3.385   1.00 42.86 ? 46  LEU A CA  1 
ATOM   251  C C   . LEU A 1 34  ? -6.989  8.076   2.600   1.00 42.59 ? 46  LEU A C   1 
ATOM   252  O O   . LEU A 1 34  ? -6.027  8.785   2.904   1.00 42.46 ? 46  LEU A O   1 
ATOM   253  C CB  . LEU A 1 34  ? -7.844  7.162   4.763   1.00 42.87 ? 46  LEU A CB  1 
ATOM   254  C CG  . LEU A 1 34  ? -9.243  7.742   4.878   1.00 42.33 ? 46  LEU A CG  1 
ATOM   255  C CD1 . LEU A 1 34  ? -10.254 6.820   4.218   1.00 42.94 ? 46  LEU A CD1 1 
ATOM   256  C CD2 . LEU A 1 34  ? -9.575  7.928   6.340   1.00 43.26 ? 46  LEU A CD2 1 
ATOM   257  N N   . ILE A 1 35  ? -7.774  8.364   1.575   1.00 42.12 ? 47  ILE A N   1 
ATOM   258  C CA  . ILE A 1 35  ? -7.492  9.580   0.834   1.00 42.71 ? 47  ILE A CA  1 
ATOM   259  C C   . ILE A 1 35  ? -8.649  10.555  0.864   1.00 43.61 ? 47  ILE A C   1 
ATOM   260  O O   . ILE A 1 35  ? -8.464  11.751  0.674   1.00 43.79 ? 47  ILE A O   1 
ATOM   261  C CB  . ILE A 1 35  ? -6.994  9.305   -0.585  1.00 42.27 ? 47  ILE A CB  1 
ATOM   262  C CG1 . ILE A 1 35  ? -8.054  8.565   -1.408  1.00 41.60 ? 47  ILE A CG1 1 
ATOM   263  C CG2 . ILE A 1 35  ? -5.682  8.545   -0.522  1.00 41.87 ? 47  ILE A CG2 1 
ATOM   264  C CD1 . ILE A 1 35  ? -7.784  8.587   -2.898  1.00 39.00 ? 47  ILE A CD1 1 
ATOM   265  N N   . ARG A 1 36  ? -9.836  10.029  1.123   1.00 44.56 ? 48  ARG A N   1 
ATOM   266  C CA  . ARG A 1 36  ? -11.032 10.808  1.373   1.00 45.63 ? 48  ARG A CA  1 
ATOM   267  C C   . ARG A 1 36  ? -11.722 10.080  2.510   1.00 45.81 ? 48  ARG A C   1 
ATOM   268  O O   . ARG A 1 36  ? -11.569 8.875   2.662   1.00 46.26 ? 48  ARG A O   1 
ATOM   269  C CB  . ARG A 1 36  ? -11.950 10.799  0.147   1.00 46.14 ? 48  ARG A CB  1 
ATOM   270  C CG  . ARG A 1 36  ? -11.427 11.533  -1.088  1.00 48.36 ? 48  ARG A CG  1 
ATOM   271  C CD  . ARG A 1 36  ? -11.804 13.017  -1.070  1.00 52.93 ? 48  ARG A CD  1 
ATOM   272  N NE  . ARG A 1 36  ? -11.818 13.619  -2.413  1.00 55.73 ? 48  ARG A NE  1 
ATOM   273  C CZ  . ARG A 1 36  ? -10.752 14.144  -3.025  1.00 58.20 ? 48  ARG A CZ  1 
ATOM   274  N NH1 . ARG A 1 36  ? -9.562  14.145  -2.422  1.00 60.49 ? 48  ARG A NH1 1 
ATOM   275  N NH2 . ARG A 1 36  ? -10.870 14.669  -4.245  1.00 57.94 ? 48  ARG A NH2 1 
ATOM   276  N N   . ARG A 1 37  ? -12.504 10.789  3.301   1.00 46.00 ? 49  ARG A N   1 
ATOM   277  C CA  . ARG A 1 37  ? -13.246 10.138  4.361   1.00 46.24 ? 49  ARG A CA  1 
ATOM   278  C C   . ARG A 1 37  ? -13.864 8.774   3.956   1.00 46.18 ? 49  ARG A C   1 
ATOM   279  O O   . ARG A 1 37  ? -13.896 7.838   4.766   1.00 45.69 ? 49  ARG A O   1 
ATOM   280  C CB  . ARG A 1 37  ? -14.302 11.093  4.904   1.00 46.59 ? 49  ARG A CB  1 
ATOM   281  C CG  . ARG A 1 37  ? -13.725 12.321  5.629   1.00 47.63 ? 49  ARG A CG  1 
ATOM   282  C CD  . ARG A 1 37  ? -14.838 13.216  6.181   1.00 49.78 ? 49  ARG A CD  1 
ATOM   283  N NE  . ARG A 1 37  ? -15.804 12.443  6.958   1.00 51.16 ? 49  ARG A NE  1 
ATOM   284  C CZ  . ARG A 1 37  ? -16.718 12.961  7.765   1.00 51.47 ? 49  ARG A CZ  1 
ATOM   285  N NH1 . ARG A 1 37  ? -16.801 14.271  7.913   1.00 53.09 ? 49  ARG A NH1 1 
ATOM   286  N NH2 . ARG A 1 37  ? -17.538 12.159  8.435   1.00 50.98 ? 49  ARG A NH2 1 
ATOM   287  N N   . ASN A 1 38  ? -14.349 8.650   2.721   1.00 46.04 ? 50  ASN A N   1 
ATOM   288  C CA  . ASN A 1 38  ? -14.927 7.368   2.294   1.00 46.48 ? 50  ASN A CA  1 
ATOM   289  C C   . ASN A 1 38  ? -14.205 6.668   1.136   1.00 46.78 ? 50  ASN A C   1 
ATOM   290  O O   . ASN A 1 38  ? -14.788 5.807   0.453   1.00 46.96 ? 50  ASN A O   1 
ATOM   291  C CB  . ASN A 1 38  ? -16.426 7.497   2.003   1.00 46.59 ? 50  ASN A CB  1 
ATOM   292  C CG  . ASN A 1 38  ? -16.729 8.389   0.807   1.00 46.85 ? 50  ASN A CG  1 
ATOM   293  O OD1 . ASN A 1 38  ? -15.908 9.195   0.395   1.00 47.70 ? 50  ASN A OD1 1 
ATOM   294  N ND2 . ASN A 1 38  ? -17.923 8.244   0.251   1.00 47.86 ? 50  ASN A ND2 1 
ATOM   295  N N   . PHE A 1 39  ? -12.939 7.036   0.928   1.00 46.94 ? 51  PHE A N   1 
ATOM   296  C CA  . PHE A 1 39  ? -12.106 6.410   -0.096  1.00 46.66 ? 51  PHE A CA  1 
ATOM   297  C C   . PHE A 1 39  ? -10.695 6.029   0.340   1.00 46.26 ? 51  PHE A C   1 
ATOM   298  O O   . PHE A 1 39  ? -9.932  6.833   0.876   1.00 45.81 ? 51  PHE A O   1 
ATOM   299  C CB  . PHE A 1 39  ? -12.084 7.242   -1.365  1.00 47.22 ? 51  PHE A CB  1 
ATOM   300  C CG  . PHE A 1 39  ? -13.207 6.918   -2.305  1.00 48.75 ? 51  PHE A CG  1 
ATOM   301  C CD1 . PHE A 1 39  ? -13.102 5.841   -3.191  1.00 49.23 ? 51  PHE A CD1 1 
ATOM   302  C CD2 . PHE A 1 39  ? -14.385 7.669   -2.296  1.00 50.44 ? 51  PHE A CD2 1 
ATOM   303  C CE1 . PHE A 1 39  ? -14.157 5.516   -4.075  1.00 49.96 ? 51  PHE A CE1 1 
ATOM   304  C CE2 . PHE A 1 39  ? -15.448 7.348   -3.172  1.00 51.43 ? 51  PHE A CE2 1 
ATOM   305  C CZ  . PHE A 1 39  ? -15.327 6.264   -4.065  1.00 49.67 ? 51  PHE A CZ  1 
ATOM   306  N N   . VAL A 1 40  ? -10.393 4.758   0.089   1.00 46.11 ? 52  VAL A N   1 
ATOM   307  C CA  . VAL A 1 40  ? -9.130  4.132   0.423   1.00 45.68 ? 52  VAL A CA  1 
ATOM   308  C C   . VAL A 1 40  ? -8.454  3.684   -0.864  1.00 45.88 ? 52  VAL A C   1 
ATOM   309  O O   . VAL A 1 40  ? -9.089  3.124   -1.764  1.00 45.83 ? 52  VAL A O   1 
ATOM   310  C CB  . VAL A 1 40  ? -9.347  2.899   1.310   1.00 45.39 ? 52  VAL A CB  1 
ATOM   311  C CG1 . VAL A 1 40  ? -8.023  2.247   1.622   1.00 45.77 ? 52  VAL A CG1 1 
ATOM   312  C CG2 . VAL A 1 40  ? -10.038 3.289   2.592   1.00 44.77 ? 52  VAL A CG2 1 
ATOM   313  N N   . LEU A 1 41  ? -7.157  3.929   -0.943  1.00 46.07 ? 53  LEU A N   1 
ATOM   314  C CA  . LEU A 1 41  ? -6.387  3.593   -2.120  1.00 46.51 ? 53  LEU A CA  1 
ATOM   315  C C   . LEU A 1 41  ? -5.530  2.385   -1.813  1.00 46.64 ? 53  LEU A C   1 
ATOM   316  O O   . LEU A 1 41  ? -4.913  2.330   -0.748  1.00 47.70 ? 53  LEU A O   1 
ATOM   317  C CB  . LEU A 1 41  ? -5.497  4.777   -2.473  1.00 46.55 ? 53  LEU A CB  1 
ATOM   318  C CG  . LEU A 1 41  ? -4.969  4.971   -3.898  1.00 47.43 ? 53  LEU A CG  1 
ATOM   319  C CD1 . LEU A 1 41  ? -5.951  4.474   -4.991  1.00 47.26 ? 53  LEU A CD1 1 
ATOM   320  C CD2 . LEU A 1 41  ? -4.612  6.441   -4.089  1.00 45.12 ? 53  LEU A CD2 1 
ATOM   321  N N   . THR A 1 42  ? -5.475  1.430   -2.740  1.00 46.25 ? 54  THR A N   1 
ATOM   322  C CA  . THR A 1 42  ? -4.750  0.172   -2.532  1.00 45.67 ? 54  THR A CA  1 
ATOM   323  C C   . THR A 1 42  ? -4.429  -0.494  -3.864  1.00 45.51 ? 54  THR A C   1 
ATOM   324  O O   . THR A 1 42  ? -4.990  -0.120  -4.887  1.00 45.43 ? 54  THR A O   1 
ATOM   325  C CB  . THR A 1 42  ? -5.579  -0.833  -1.655  1.00 46.04 ? 54  THR A CB  1 
ATOM   326  O OG1 . THR A 1 42  ? -4.800  -2.007  -1.383  1.00 46.21 ? 54  THR A OG1 1 
ATOM   327  C CG2 . THR A 1 42  ? -6.900  -1.245  -2.342  1.00 44.89 ? 54  THR A CG2 1 
ATOM   328  N N   . ALA A 1 43  ? -3.550  -1.502  -3.833  1.00 45.35 ? 55  ALA A N   1 
ATOM   329  C CA  . ALA A 1 43  ? -3.160  -2.286  -5.024  1.00 44.67 ? 55  ALA A CA  1 
ATOM   330  C C   . ALA A 1 43  ? -4.338  -3.081  -5.573  1.00 44.11 ? 55  ALA A C   1 
ATOM   331  O O   . ALA A 1 43  ? -5.132  -3.600  -4.796  1.00 44.12 ? 55  ALA A O   1 
ATOM   332  C CB  . ALA A 1 43  ? -1.986  -3.223  -4.682  1.00 44.23 ? 55  ALA A CB  1 
ATOM   333  N N   . ALA A 1 44  ? -4.441  -3.178  -6.900  1.00 43.79 ? 56  ALA A N   1 
ATOM   334  C CA  . ALA A 1 44  ? -5.511  -3.963  -7.570  1.00 43.71 ? 56  ALA A CA  1 
ATOM   335  C C   . ALA A 1 44  ? -5.581  -5.463  -7.227  1.00 43.45 ? 56  ALA A C   1 
ATOM   336  O O   . ALA A 1 44  ? -6.665  -6.032  -7.193  1.00 43.35 ? 56  ALA A O   1 
ATOM   337  C CB  . ALA A 1 44  ? -5.431  -3.796  -9.079  1.00 43.51 ? 56  ALA A CB  1 
ATOM   338  N N   . HIS A 1 45  ? -4.432  -6.100  -6.994  1.00 43.39 ? 57  HIS A N   1 
ATOM   339  C CA  . HIS A 1 45  ? -4.406  -7.536  -6.713  1.00 43.44 ? 57  HIS A CA  1 
ATOM   340  C C   . HIS A 1 45  ? -5.044  -7.869  -5.340  1.00 43.62 ? 57  HIS A C   1 
ATOM   341  O O   . HIS A 1 45  ? -5.342  -9.038  -5.029  1.00 43.67 ? 57  HIS A O   1 
ATOM   342  C CB  . HIS A 1 45  ? -2.984  -8.122  -6.875  1.00 42.94 ? 57  HIS A CB  1 
ATOM   343  C CG  . HIS A 1 45  ? -1.992  -7.667  -5.841  1.00 43.31 ? 57  HIS A CG  1 
ATOM   344  N ND1 . HIS A 1 45  ? -1.131  -6.604  -6.044  1.00 44.59 ? 57  HIS A ND1 1 
ATOM   345  C CD2 . HIS A 1 45  ? -1.697  -8.150  -4.609  1.00 42.02 ? 57  HIS A CD2 1 
ATOM   346  C CE1 . HIS A 1 45  ? -0.356  -6.448  -4.981  1.00 42.03 ? 57  HIS A CE1 1 
ATOM   347  N NE2 . HIS A 1 45  ? -0.680  -7.373  -4.096  1.00 41.70 ? 57  HIS A NE2 1 
ATOM   348  N N   . CYS A 1 46  ? -5.281  -6.839  -4.534  1.00 43.17 ? 58  CYS A N   1 
ATOM   349  C CA  . CYS A 1 46  ? -5.918  -7.057  -3.256  1.00 43.03 ? 58  CYS A CA  1 
ATOM   350  C C   . CYS A 1 46  ? -7.447  -7.208  -3.342  1.00 43.39 ? 58  CYS A C   1 
ATOM   351  O O   . CYS A 1 46  ? -8.112  -7.337  -2.328  1.00 43.57 ? 58  CYS A O   1 
ATOM   352  C CB  . CYS A 1 46  ? -5.487  -5.997  -2.268  1.00 42.42 ? 58  CYS A CB  1 
ATOM   353  S SG  . CYS A 1 46  ? -3.719  -5.972  -2.066  1.00 41.95 ? 58  CYS A SG  1 
ATOM   354  N N   . ALA A 1 47  ? -8.009  -7.228  -4.542  1.00 43.96 ? 59  ALA A N   1 
ATOM   355  C CA  . ALA A 1 47  ? -9.461  -7.402  -4.698  1.00 44.88 ? 59  ALA A CA  1 
ATOM   356  C C   . ALA A 1 47  ? -9.936  -8.738  -4.124  1.00 45.69 ? 59  ALA A C   1 
ATOM   357  O O   . ALA A 1 47  ? -9.197  -9.723  -4.146  1.00 46.60 ? 59  ALA A O   1 
ATOM   358  C CB  . ALA A 1 47  ? -9.838  -7.307  -6.154  1.00 44.56 ? 59  ALA A CB  1 
ATOM   359  N N   . GLY A 1 48  ? -11.157 -8.775  -3.612  1.00 46.18 ? 60  GLY A N   1 
ATOM   360  C CA  . GLY A 1 48  ? -11.769 -10.030 -3.147  1.00 46.86 ? 60  GLY A CA  1 
ATOM   361  C C   . GLY A 1 48  ? -13.271 -9.907  -3.290  1.00 47.58 ? 60  GLY A C   1 
ATOM   362  O O   . GLY A 1 48  ? -13.745 -8.939  -3.888  1.00 47.61 ? 60  GLY A O   1 
ATOM   363  N N   . ARG A 1 49  ? -14.040 -10.865 -2.778  1.00 48.06 ? 61  ARG A N   1 
ATOM   364  C CA  . ARG A 1 49  ? -15.497 -10.696 -2.867  1.00 48.70 ? 61  ARG A CA  1 
ATOM   365  C C   . ARG A 1 49  ? -16.024 -9.749  -1.782  1.00 47.92 ? 61  ARG A C   1 
ATOM   366  O O   . ARG A 1 49  ? -17.079 -9.140  -1.952  1.00 48.44 ? 61  ARG A O   1 
ATOM   367  C CB  . ARG A 1 49  ? -16.287 -12.017 -2.975  1.00 49.37 ? 61  ARG A CB  1 
ATOM   368  C CG  . ARG A 1 49  ? -16.154 -12.975 -1.808  1.00 53.01 ? 61  ARG A CG  1 
ATOM   369  C CD  . ARG A 1 49  ? -17.337 -13.966 -1.736  1.00 59.64 ? 61  ARG A CD  1 
ATOM   370  N NE  . ARG A 1 49  ? -18.273 -13.697 -0.624  1.00 64.13 ? 61  ARG A NE  1 
ATOM   371  C CZ  . ARG A 1 49  ? -18.224 -14.265 0.591   1.00 65.64 ? 61  ARG A CZ  1 
ATOM   372  N NH1 . ARG A 1 49  ? -17.286 -15.163 0.903   1.00 66.30 ? 61  ARG A NH1 1 
ATOM   373  N NH2 . ARG A 1 49  ? -19.135 -13.943 1.501   1.00 66.44 ? 61  ARG A NH2 1 
ATOM   374  N N   . SER A 1 50  ? -15.264 -9.600  -0.700  1.00 46.91 ? 63  SER A N   1 
ATOM   375  C CA  . SER A 1 50  ? -15.534 -8.568  0.302   1.00 46.36 ? 63  SER A CA  1 
ATOM   376  C C   . SER A 1 50  ? -14.270 -8.080  1.039   1.00 45.35 ? 63  SER A C   1 
ATOM   377  O O   . SER A 1 50  ? -13.301 -8.834  1.223   1.00 45.11 ? 63  SER A O   1 
ATOM   378  C CB  . SER A 1 50  ? -16.536 -9.082  1.322   1.00 46.78 ? 63  SER A CB  1 
ATOM   379  O OG  . SER A 1 50  ? -15.877 -9.955  2.227   1.00 48.56 ? 63  SER A OG  1 
ATOM   380  N N   . ILE A 1 51  ? -14.299 -6.826  1.482   1.00 43.87 ? 64  ILE A N   1 
ATOM   381  C CA  . ILE A 1 51  ? -13.164 -6.236  2.194   1.00 42.81 ? 64  ILE A CA  1 
ATOM   382  C C   . ILE A 1 51  ? -13.598 -5.436  3.430   1.00 42.64 ? 64  ILE A C   1 
ATOM   383  O O   . ILE A 1 51  ? -14.588 -4.684  3.380   1.00 43.26 ? 64  ILE A O   1 
ATOM   384  C CB  . ILE A 1 51  ? -12.315 -5.327  1.262   1.00 42.62 ? 64  ILE A CB  1 
ATOM   385  C CG1 . ILE A 1 51  ? -12.128 -5.971  -0.129  1.00 42.08 ? 64  ILE A CG1 1 
ATOM   386  C CG2 . ILE A 1 51  ? -10.994 -4.988  1.932   1.00 41.11 ? 64  ILE A CG2 1 
ATOM   387  C CD1 . ILE A 1 51  ? -11.283 -5.176  -1.109  1.00 41.24 ? 64  ILE A CD1 1 
ATOM   388  N N   . THR A 1 52  ? -12.864 -5.588  4.536   1.00 41.68 ? 65  THR A N   1 
ATOM   389  C CA  . THR A 1 52  ? -13.118 -4.780  5.722   1.00 40.90 ? 65  THR A CA  1 
ATOM   390  C C   . THR A 1 52  ? -11.882 -3.956  6.085   1.00 41.17 ? 65  THR A C   1 
ATOM   391  O O   . THR A 1 52  ? -10.804 -4.502  6.400   1.00 41.01 ? 65  THR A O   1 
ATOM   392  C CB  . THR A 1 52  ? -13.602 -5.616  6.920   1.00 40.82 ? 65  THR A CB  1 
ATOM   393  O OG1 . THR A 1 52  ? -14.814 -6.288  6.581   1.00 40.75 ? 65  THR A OG1 1 
ATOM   394  C CG2 . THR A 1 52  ? -13.894 -4.743  8.104   1.00 40.44 ? 65  THR A CG2 1 
ATOM   395  N N   . VAL A 1 53  ? -12.059 -2.632  6.031   1.00 40.85 ? 66  VAL A N   1 
ATOM   396  C CA  . VAL A 1 53  ? -10.989 -1.689  6.339   1.00 40.35 ? 66  VAL A CA  1 
ATOM   397  C C   . VAL A 1 53  ? -10.937 -1.379  7.826   1.00 39.94 ? 66  VAL A C   1 
ATOM   398  O O   . VAL A 1 53  ? -11.955 -1.050  8.428   1.00 40.39 ? 66  VAL A O   1 
ATOM   399  C CB  . VAL A 1 53  ? -11.162 -0.370  5.570   1.00 40.31 ? 66  VAL A CB  1 
ATOM   400  C CG1 . VAL A 1 53  ? -10.033 0.576   5.914   1.00 41.22 ? 66  VAL A CG1 1 
ATOM   401  C CG2 . VAL A 1 53  ? -11.182 -0.619  4.067   1.00 40.17 ? 66  VAL A CG2 1 
ATOM   402  N N   . THR A 1 54  ? -9.755  -1.480  8.416   1.00 39.35 ? 67  THR A N   1 
ATOM   403  C CA  . THR A 1 54  ? -9.562  -1.065  9.793   1.00 38.91 ? 67  THR A CA  1 
ATOM   404  C C   . THR A 1 54  ? -8.636  0.129   9.807   1.00 38.72 ? 67  THR A C   1 
ATOM   405  O O   . THR A 1 54  ? -7.426  0.011   9.548   1.00 38.70 ? 67  THR A O   1 
ATOM   406  C CB  . THR A 1 54  ? -8.945  -2.169  10.628  1.00 39.06 ? 67  THR A CB  1 
ATOM   407  O OG1 . THR A 1 54  ? -9.795  -3.318  10.580  1.00 40.57 ? 67  THR A OG1 1 
ATOM   408  C CG2 . THR A 1 54  ? -8.779  -1.714  12.060  1.00 37.92 ? 67  THR A CG2 1 
ATOM   409  N N   . LEU A 1 55  ? -9.222  1.284   10.096  1.00 37.86 ? 68  LEU A N   1 
ATOM   410  C CA  . LEU A 1 55  ? -8.467  2.519   10.177  1.00 36.97 ? 68  LEU A CA  1 
ATOM   411  C C   . LEU A 1 55  ? -8.103  2.738   11.621  1.00 36.54 ? 68  LEU A C   1 
ATOM   412  O O   . LEU A 1 55  ? -8.731  2.148   12.507  1.00 36.69 ? 68  LEU A O   1 
ATOM   413  C CB  . LEU A 1 55  ? -9.310  3.666   9.653   1.00 36.73 ? 68  LEU A CB  1 
ATOM   414  C CG  . LEU A 1 55  ? -9.715  3.466   8.194   1.00 36.23 ? 68  LEU A CG  1 
ATOM   415  C CD1 . LEU A 1 55  ? -10.869 4.373   7.859   1.00 35.42 ? 68  LEU A CD1 1 
ATOM   416  C CD2 . LEU A 1 55  ? -8.514  3.708   7.256   1.00 36.05 ? 68  LEU A CD2 1 
ATOM   417  N N   . GLY A 1 56  ? -7.085  3.555   11.863  1.00 35.46 ? 69  GLY A N   1 
ATOM   418  C CA  . GLY A 1 56  ? -6.779  3.970   13.212  1.00 34.94 ? 69  GLY A CA  1 
ATOM   419  C C   . GLY A 1 56  ? -5.944  3.013   14.012  1.00 35.60 ? 69  GLY A C   1 
ATOM   420  O O   . GLY A 1 56  ? -5.547  3.337   15.135  1.00 36.00 ? 69  GLY A O   1 
ATOM   421  N N   . ALA A 1 57  ? -5.633  1.854   13.428  1.00 35.81 ? 70  ALA A N   1 
ATOM   422  C CA  . ALA A 1 57  ? -4.966  0.760   14.134  1.00 35.89 ? 70  ALA A CA  1 
ATOM   423  C C   . ALA A 1 57  ? -3.478  0.977   14.263  1.00 36.44 ? 70  ALA A C   1 
ATOM   424  O O   . ALA A 1 57  ? -2.896  1.651   13.437  1.00 37.22 ? 70  ALA A O   1 
ATOM   425  C CB  . ALA A 1 57  ? -5.227  -0.528  13.410  1.00 35.52 ? 70  ALA A CB  1 
ATOM   426  N N   . HIS A 1 58  ? -2.858  0.415   15.297  1.00 37.33 ? 71  HIS A N   1 
ATOM   427  C CA  . HIS A 1 58  ? -1.399  0.236   15.290  1.00 38.01 ? 71  HIS A CA  1 
ATOM   428  C C   . HIS A 1 58  ? -0.966  -1.217  15.553  1.00 38.97 ? 71  HIS A C   1 
ATOM   429  O O   . HIS A 1 58  ? -0.355  -1.819  14.681  1.00 39.25 ? 71  HIS A O   1 
ATOM   430  C CB  . HIS A 1 58  ? -0.678  1.225   16.197  1.00 37.75 ? 71  HIS A CB  1 
ATOM   431  C CG  . HIS A 1 58  ? 0.801   0.972   16.310  1.00 38.13 ? 71  HIS A CG  1 
ATOM   432  N ND1 . HIS A 1 58  ? 1.680   1.213   15.274  1.00 36.65 ? 71  HIS A ND1 1 
ATOM   433  C CD2 . HIS A 1 58  ? 1.553   0.510   17.343  1.00 36.53 ? 71  HIS A CD2 1 
ATOM   434  C CE1 . HIS A 1 58  ? 2.904   0.895   15.660  1.00 37.55 ? 71  HIS A CE1 1 
ATOM   435  N NE2 . HIS A 1 58  ? 2.856   0.481   16.915  1.00 37.32 ? 71  HIS A NE2 1 
ATOM   436  N N   . ASN A 1 59  ? -1.260  -1.781  16.730  1.00 39.96 ? 72  ASN A N   1 
ATOM   437  C CA  . ASN A 1 59  ? -1.192  -3.239  16.903  1.00 40.62 ? 72  ASN A CA  1 
ATOM   438  C C   . ASN A 1 59  ? -2.533  -3.794  16.494  1.00 41.14 ? 72  ASN A C   1 
ATOM   439  O O   . ASN A 1 59  ? -3.503  -3.621  17.230  1.00 41.41 ? 72  ASN A O   1 
ATOM   440  C CB  . ASN A 1 59  ? -0.891  -3.631  18.363  1.00 40.73 ? 72  ASN A CB  1 
ATOM   441  C CG  . ASN A 1 59  ? -0.691  -5.158  18.542  1.00 42.29 ? 72  ASN A CG  1 
ATOM   442  O OD1 . ASN A 1 59  ? -1.151  -5.958  17.703  1.00 43.25 ? 72  ASN A OD1 1 
ATOM   443  N ND2 . ASN A 1 59  ? 0.001   -5.563  19.627  1.00 40.67 ? 72  ASN A ND2 1 
ATOM   444  N N   . ILE A 1 60  ? -2.611  -4.462  15.343  1.00 42.02 ? 73  ILE A N   1 
ATOM   445  C CA  . ILE A 1 60  ? -3.929  -4.888  14.822  1.00 42.86 ? 73  ILE A CA  1 
ATOM   446  C C   . ILE A 1 60  ? -4.587  -6.058  15.510  1.00 44.23 ? 73  ILE A C   1 
ATOM   447  O O   . ILE A 1 60  ? -5.661  -6.480  15.086  1.00 44.51 ? 73  ILE A O   1 
ATOM   448  C CB  . ILE A 1 60  ? -3.972  -5.218  13.320  1.00 42.41 ? 73  ILE A CB  1 
ATOM   449  C CG1 . ILE A 1 60  ? -2.588  -5.534  12.781  1.00 42.36 ? 73  ILE A CG1 1 
ATOM   450  C CG2 . ILE A 1 60  ? -4.709  -4.143  12.537  1.00 42.34 ? 73  ILE A CG2 1 
ATOM   451  C CD1 . ILE A 1 60  ? -2.291  -7.003  12.709  1.00 41.60 ? 73  ILE A CD1 1 
ATOM   452  N N   . THR A 1 61  ? -3.964  -6.620  16.531  1.00 45.93 ? 74  THR A N   1 
ATOM   453  C CA  . THR A 1 61  ? -4.673  -7.621  17.322  1.00 47.87 ? 74  THR A CA  1 
ATOM   454  C C   . THR A 1 61  ? -5.352  -6.958  18.517  1.00 49.02 ? 74  THR A C   1 
ATOM   455  O O   . THR A 1 61  ? -6.459  -7.347  18.914  1.00 50.08 ? 74  THR A O   1 
ATOM   456  C CB  . THR A 1 61  ? -3.780  -8.815  17.731  1.00 47.87 ? 74  THR A CB  1 
ATOM   457  O OG1 . THR A 1 61  ? -2.435  -8.369  17.971  1.00 48.42 ? 74  THR A OG1 1 
ATOM   458  C CG2 . THR A 1 61  ? -3.753  -9.831  16.613  1.00 48.10 ? 74  THR A CG2 1 
ATOM   459  N N   . GLU A 1 62  ? -4.706  -5.927  19.054  1.00 50.01 ? 75  GLU A N   1 
ATOM   460  C CA  . GLU A 1 62  ? -5.231  -5.165  20.187  1.00 51.08 ? 75  GLU A CA  1 
ATOM   461  C C   . GLU A 1 62  ? -6.209  -4.082  19.756  1.00 50.67 ? 75  GLU A C   1 
ATOM   462  O O   . GLU A 1 62  ? -5.824  -3.084  19.127  1.00 50.13 ? 75  GLU A O   1 
ATOM   463  C CB  . GLU A 1 62  ? -4.079  -4.496  20.913  1.00 51.83 ? 75  GLU A CB  1 
ATOM   464  C CG  . GLU A 1 62  ? -4.283  -4.298  22.382  1.00 54.97 ? 75  GLU A CG  1 
ATOM   465  C CD  . GLU A 1 62  ? -2.953  -3.998  23.070  1.00 60.34 ? 75  GLU A CD  1 
ATOM   466  O OE1 . GLU A 1 62  ? -2.067  -3.382  22.408  1.00 60.82 ? 75  GLU A OE1 1 
ATOM   467  O OE2 . GLU A 1 62  ? -2.795  -4.383  24.262  1.00 62.18 ? 75  GLU A OE2 1 
ATOM   468  N N   . GLU A 1 63  ? -7.468  -4.293  20.119  1.00 50.67 ? 76  GLU A N   1 
ATOM   469  C CA  . GLU A 1 63  ? -8.523  -3.297  19.936  1.00 51.00 ? 76  GLU A CA  1 
ATOM   470  C C   . GLU A 1 63  ? -8.285  -2.062  20.818  1.00 50.43 ? 76  GLU A C   1 
ATOM   471  O O   . GLU A 1 63  ? -7.894  -2.181  21.974  1.00 50.68 ? 76  GLU A O   1 
ATOM   472  C CB  . GLU A 1 63  ? -9.884  -3.918  20.254  1.00 51.49 ? 76  GLU A CB  1 
ATOM   473  C CG  . GLU A 1 63  ? -11.069 -3.063  19.873  1.00 52.70 ? 76  GLU A CG  1 
ATOM   474  C CD  . GLU A 1 63  ? -12.383 -3.827  19.938  1.00 56.25 ? 76  GLU A CD  1 
ATOM   475  O OE1 . GLU A 1 63  ? -13.307 -3.374  20.673  1.00 56.70 ? 76  GLU A OE1 1 
ATOM   476  O OE2 . GLU A 1 63  ? -12.482 -4.883  19.251  1.00 57.69 ? 76  GLU A OE2 1 
ATOM   477  N N   . GLU A 1 64  ? -8.495  -0.879  20.255  1.00 49.69 ? 77  GLU A N   1 
ATOM   478  C CA  . GLU A 1 64  ? -8.327  0.355   20.997  1.00 49.13 ? 77  GLU A CA  1 
ATOM   479  C C   . GLU A 1 64  ? -9.238  1.422   20.437  1.00 48.29 ? 77  GLU A C   1 
ATOM   480  O O   . GLU A 1 64  ? -9.719  1.295   19.305  1.00 48.17 ? 77  GLU A O   1 
ATOM   481  C CB  . GLU A 1 64  ? -6.865  0.825   21.013  1.00 49.50 ? 77  GLU A CB  1 
ATOM   482  C CG  . GLU A 1 64  ? -6.083  0.590   19.755  1.00 51.41 ? 77  GLU A CG  1 
ATOM   483  C CD  . GLU A 1 64  ? -4.681  1.179   19.826  1.00 53.98 ? 77  GLU A CD  1 
ATOM   484  O OE1 . GLU A 1 64  ? -4.558  2.349   20.246  1.00 52.57 ? 77  GLU A OE1 1 
ATOM   485  O OE2 . GLU A 1 64  ? -3.711  0.470   19.441  1.00 56.52 ? 77  GLU A OE2 1 
ATOM   486  N N   . ASP A 1 65  ? -9.477  2.469   21.225  1.00 47.20 ? 78  ASP A N   1 
ATOM   487  C CA  . ASP A 1 65  ? -10.510 3.438   20.876  1.00 46.71 ? 78  ASP A CA  1 
ATOM   488  C C   . ASP A 1 65  ? -10.185 4.407   19.708  1.00 45.79 ? 78  ASP A C   1 
ATOM   489  O O   . ASP A 1 65  ? -10.996 5.288   19.401  1.00 46.08 ? 78  ASP A O   1 
ATOM   490  C CB  . ASP A 1 65  ? -11.019 4.185   22.125  1.00 47.00 ? 78  ASP A CB  1 
ATOM   491  C CG  . ASP A 1 65  ? -12.392 4.845   21.903  1.00 49.03 ? 78  ASP A CG  1 
ATOM   492  O OD1 . ASP A 1 65  ? -13.358 4.165   21.440  1.00 50.00 ? 78  ASP A OD1 1 
ATOM   493  O OD2 . ASP A 1 65  ? -12.498 6.065   22.177  1.00 50.47 ? 78  ASP A OD2 1 
ATOM   494  N N   . THR A 1 66  ? -9.031  4.246   19.053  1.00 44.39 ? 79  THR A N   1 
ATOM   495  C CA  . THR A 1 66  ? -8.714  5.000   17.829  1.00 43.09 ? 79  THR A CA  1 
ATOM   496  C C   . THR A 1 66  ? -9.244  4.303   16.616  1.00 41.97 ? 79  THR A C   1 
ATOM   497  O O   . THR A 1 66  ? -9.264  4.874   15.549  1.00 41.25 ? 79  THR A O   1 
ATOM   498  C CB  . THR A 1 66  ? -7.216  5.107   17.587  1.00 43.60 ? 79  THR A CB  1 
ATOM   499  O OG1 . THR A 1 66  ? -6.625  3.793   17.684  1.00 44.90 ? 79  THR A OG1 1 
ATOM   500  C CG2 . THR A 1 66  ? -6.563  6.057   18.595  1.00 43.82 ? 79  THR A CG2 1 
ATOM   501  N N   . TRP A 1 67  ? -9.655  3.052   16.778  1.00 41.82 ? 80  TRP A N   1 
ATOM   502  C CA  . TRP A 1 67  ? -10.059 2.209   15.649  1.00 41.99 ? 80  TRP A CA  1 
ATOM   503  C C   . TRP A 1 67  ? -11.349 2.670   15.011  1.00 42.06 ? 80  TRP A C   1 
ATOM   504  O O   . TRP A 1 67  ? -12.259 3.141   15.697  1.00 42.38 ? 80  TRP A O   1 
ATOM   505  C CB  . TRP A 1 67  ? -10.253 0.757   16.088  1.00 41.65 ? 80  TRP A CB  1 
ATOM   506  C CG  . TRP A 1 67  ? -8.991  -0.083  16.242  1.00 42.10 ? 80  TRP A CG  1 
ATOM   507  C CD1 . TRP A 1 67  ? -7.758  0.337   16.669  1.00 41.09 ? 80  TRP A CD1 1 
ATOM   508  C CD2 . TRP A 1 67  ? -8.870  -1.500  16.006  1.00 41.33 ? 80  TRP A CD2 1 
ATOM   509  N NE1 . TRP A 1 67  ? -6.883  -0.726  16.703  1.00 41.23 ? 80  TRP A NE1 1 
ATOM   510  C CE2 . TRP A 1 67  ? -7.540  -1.863  16.304  1.00 40.68 ? 80  TRP A CE2 1 
ATOM   511  C CE3 . TRP A 1 67  ? -9.764  -2.499  15.579  1.00 41.38 ? 80  TRP A CE3 1 
ATOM   512  C CZ2 . TRP A 1 67  ? -7.080  -3.182  16.188  1.00 39.65 ? 80  TRP A CZ2 1 
ATOM   513  C CZ3 . TRP A 1 67  ? -9.292  -3.830  15.464  1.00 40.17 ? 80  TRP A CZ3 1 
ATOM   514  C CH2 . TRP A 1 67  ? -7.973  -4.144  15.764  1.00 38.60 ? 80  TRP A CH2 1 
ATOM   515  N N   . GLN A 1 68  ? -11.432 2.514   13.697  1.00 42.32 ? 81  GLN A N   1 
ATOM   516  C CA  . GLN A 1 68  ? -12.711 2.599   12.984  1.00 42.57 ? 81  GLN A CA  1 
ATOM   517  C C   . GLN A 1 68  ? -12.696 1.523   11.925  1.00 42.80 ? 81  GLN A C   1 
ATOM   518  O O   . GLN A 1 68  ? -11.808 1.513   11.071  1.00 43.40 ? 81  GLN A O   1 
ATOM   519  C CB  . GLN A 1 68  ? -12.923 3.964   12.340  1.00 42.21 ? 81  GLN A CB  1 
ATOM   520  C CG  . GLN A 1 68  ? -13.034 5.126   13.346  1.00 43.05 ? 81  GLN A CG  1 
ATOM   521  C CD  . GLN A 1 68  ? -13.020 6.496   12.675  1.00 41.68 ? 81  GLN A CD  1 
ATOM   522  O OE1 . GLN A 1 68  ? -13.810 6.757   11.758  1.00 40.02 ? 81  GLN A OE1 1 
ATOM   523  N NE2 . GLN A 1 68  ? -12.112 7.370   13.125  1.00 40.41 ? 81  GLN A NE2 1 
ATOM   524  N N   . LYS A 1 69  ? -13.666 0.617   11.993  1.00 42.77 ? 82  LYS A N   1 
ATOM   525  C CA  . LYS A 1 69  ? -13.713 -0.538  11.117  1.00 42.90 ? 82  LYS A CA  1 
ATOM   526  C C   . LYS A 1 69  ? -14.921 -0.451  10.174  1.00 42.78 ? 82  LYS A C   1 
ATOM   527  O O   . LYS A 1 69  ? -16.058 -0.365  10.633  1.00 42.66 ? 82  LYS A O   1 
ATOM   528  C CB  . LYS A 1 69  ? -13.743 -1.798  11.981  1.00 42.97 ? 82  LYS A CB  1 
ATOM   529  C CG  . LYS A 1 69  ? -13.443 -3.103  11.266  1.00 43.00 ? 82  LYS A CG  1 
ATOM   530  C CD  . LYS A 1 69  ? -13.221 -4.226  12.272  1.00 42.50 ? 82  LYS A CD  1 
ATOM   531  C CE  . LYS A 1 69  ? -12.666 -5.449  11.589  1.00 43.08 ? 82  LYS A CE  1 
ATOM   532  N NZ  . LYS A 1 69  ? -11.772 -6.200  12.499  1.00 43.85 1 82  LYS A NZ  1 
ATOM   533  N N   . LEU A 1 70  ? -14.667 -0.460  8.864   1.00 42.76 ? 83  LEU A N   1 
ATOM   534  C CA  . LEU A 1 70  ? -15.713 -0.207  7.864   1.00 43.19 ? 83  LEU A CA  1 
ATOM   535  C C   . LEU A 1 70  ? -15.719 -1.194  6.727   1.00 44.21 ? 83  LEU A C   1 
ATOM   536  O O   . LEU A 1 70  ? -14.673 -1.687  6.319   1.00 44.48 ? 83  LEU A O   1 
ATOM   537  C CB  . LEU A 1 70  ? -15.566 1.194   7.283   1.00 42.51 ? 83  LEU A CB  1 
ATOM   538  C CG  . LEU A 1 70  ? -16.132 2.292   8.179   1.00 42.41 ? 83  LEU A CG  1 
ATOM   539  C CD1 . LEU A 1 70  ? -15.580 3.646   7.812   1.00 38.86 ? 83  LEU A CD1 1 
ATOM   540  C CD2 . LEU A 1 70  ? -17.658 2.272   8.110   1.00 42.47 ? 83  LEU A CD2 1 
ATOM   541  N N   . GLU A 1 71  ? -16.901 -1.465  6.193   1.00 45.86 ? 84  GLU A N   1 
ATOM   542  C CA  . GLU A 1 71  ? -17.036 -2.381  5.062   1.00 47.51 ? 84  GLU A CA  1 
ATOM   543  C C   . GLU A 1 71  ? -16.882 -1.627  3.760   1.00 47.43 ? 84  GLU A C   1 
ATOM   544  O O   . GLU A 1 71  ? -17.138 -0.430  3.692   1.00 47.33 ? 84  GLU A O   1 
ATOM   545  C CB  . GLU A 1 71  ? -18.393 -3.102  5.093   1.00 48.24 ? 84  GLU A CB  1 
ATOM   546  C CG  . GLU A 1 71  ? -18.694 -3.835  6.416   1.00 52.03 ? 84  GLU A CG  1 
ATOM   547  C CD  . GLU A 1 71  ? -17.714 -4.983  6.725   1.00 56.05 ? 84  GLU A CD  1 
ATOM   548  O OE1 . GLU A 1 71  ? -17.410 -5.756  5.771   1.00 56.41 ? 84  GLU A OE1 1 
ATOM   549  O OE2 . GLU A 1 71  ? -17.276 -5.113  7.915   1.00 55.51 ? 84  GLU A OE2 1 
ATOM   550  N N   . VAL A 1 72  ? -16.458 -2.337  2.725   1.00 48.16 ? 85  VAL A N   1 
ATOM   551  C CA  . VAL A 1 72  ? -16.286 -1.743  1.398   1.00 48.93 ? 85  VAL A CA  1 
ATOM   552  C C   . VAL A 1 72  ? -17.530 -2.022  0.553   1.00 49.76 ? 85  VAL A C   1 
ATOM   553  O O   . VAL A 1 72  ? -17.884 -3.187  0.355   1.00 50.05 ? 85  VAL A O   1 
ATOM   554  C CB  . VAL A 1 72  ? -15.039 -2.333  0.714   1.00 48.58 ? 85  VAL A CB  1 
ATOM   555  C CG1 . VAL A 1 72  ? -14.938 -1.889  -0.723  1.00 47.94 ? 85  VAL A CG1 1 
ATOM   556  C CG2 . VAL A 1 72  ? -13.794 -1.949  1.488   1.00 48.27 ? 85  VAL A CG2 1 
ATOM   557  N N   . ILE A 1 73  ? -18.191 -0.978  0.058   1.00 50.44 ? 86  ILE A N   1 
ATOM   558  C CA  . ILE A 1 73  ? -19.391 -1.178  -0.767  1.00 51.37 ? 86  ILE A CA  1 
ATOM   559  C C   . ILE A 1 73  ? -19.143 -1.210  -2.276  1.00 52.30 ? 86  ILE A C   1 
ATOM   560  O O   . ILE A 1 73  ? -19.983 -1.721  -3.014  1.00 52.70 ? 86  ILE A O   1 
ATOM   561  C CB  . ILE A 1 73  ? -20.546 -0.172  -0.463  1.00 51.21 ? 86  ILE A CB  1 
ATOM   562  C CG1 . ILE A 1 73  ? -20.017 1.265   -0.334  1.00 51.27 ? 86  ILE A CG1 1 
ATOM   563  C CG2 . ILE A 1 73  ? -21.339 -0.610  0.760   1.00 50.96 ? 86  ILE A CG2 1 
ATOM   564  C CD1 . ILE A 1 73  ? -21.047 2.333   -0.725  1.00 51.48 ? 86  ILE A CD1 1 
ATOM   565  N N   . LYS A 1 74  ? -18.030 -0.648  -2.745  1.00 53.36 ? 87  LYS A N   1 
ATOM   566  C CA  . LYS A 1 74  ? -17.688 -0.743  -4.174  1.00 54.64 ? 87  LYS A CA  1 
ATOM   567  C C   . LYS A 1 74  ? -16.200 -0.869  -4.397  1.00 54.84 ? 87  LYS A C   1 
ATOM   568  O O   . LYS A 1 74  ? -15.426 -0.054  -3.887  1.00 55.04 ? 87  LYS A O   1 
ATOM   569  C CB  . LYS A 1 74  ? -18.219 0.458   -4.972  1.00 55.02 ? 87  LYS A CB  1 
ATOM   570  C CG  . LYS A 1 74  ? -19.241 0.094   -6.042  1.00 57.18 ? 87  LYS A CG  1 
ATOM   571  C CD  . LYS A 1 74  ? -18.582 -0.328  -7.381  1.00 60.47 ? 87  LYS A CD  1 
ATOM   572  C CE  . LYS A 1 74  ? -19.629 -0.832  -8.393  1.00 61.23 ? 87  LYS A CE  1 
ATOM   573  N NZ  . LYS A 1 74  ? -20.455 -1.963  -7.823  1.00 61.59 1 87  LYS A NZ  1 
ATOM   574  N N   . GLN A 1 75  ? -15.808 -1.882  -5.169  1.00 55.14 ? 88  GLN A N   1 
ATOM   575  C CA  . GLN A 1 75  ? -14.402 -2.057  -5.548  1.00 55.38 ? 88  GLN A CA  1 
ATOM   576  C C   . GLN A 1 75  ? -14.114 -1.495  -6.940  1.00 55.79 ? 88  GLN A C   1 
ATOM   577  O O   . GLN A 1 75  ? -14.627 -2.012  -7.940  1.00 56.10 ? 88  GLN A O   1 
ATOM   578  C CB  . GLN A 1 75  ? -14.000 -3.530  -5.468  1.00 55.08 ? 88  GLN A CB  1 
ATOM   579  C CG  . GLN A 1 75  ? -14.131 -4.113  -4.067  1.00 54.77 ? 88  GLN A CG  1 
ATOM   580  C CD  . GLN A 1 75  ? -13.511 -5.494  -3.910  1.00 53.68 ? 88  GLN A CD  1 
ATOM   581  O OE1 . GLN A 1 75  ? -12.511 -5.822  -4.545  1.00 54.36 ? 88  GLN A OE1 1 
ATOM   582  N NE2 . GLN A 1 75  ? -14.097 -6.304  -3.037  1.00 53.02 ? 88  GLN A NE2 1 
ATOM   583  N N   . PHE A 1 76  ? -13.297 -0.443  -6.989  1.00 56.20 ? 89  PHE A N   1 
ATOM   584  C CA  . PHE A 1 76  ? -12.945 0.235   -8.237  1.00 57.22 ? 89  PHE A CA  1 
ATOM   585  C C   . PHE A 1 76  ? -11.522 -0.059  -8.680  1.00 57.80 ? 89  PHE A C   1 
ATOM   586  O O   . PHE A 1 76  ? -10.650 0.807   -8.577  1.00 57.78 ? 89  PHE A O   1 
ATOM   587  C CB  . PHE A 1 76  ? -13.082 1.751   -8.091  1.00 57.30 ? 89  PHE A CB  1 
ATOM   588  C CG  . PHE A 1 76  ? -14.498 2.229   -8.009  1.00 58.70 ? 89  PHE A CG  1 
ATOM   589  C CD1 . PHE A 1 76  ? -15.330 2.175   -9.119  1.00 59.44 ? 89  PHE A CD1 1 
ATOM   590  C CD2 . PHE A 1 76  ? -15.001 2.744   -6.816  1.00 60.16 ? 89  PHE A CD2 1 
ATOM   591  C CE1 . PHE A 1 76  ? -16.654 2.615   -9.045  1.00 60.66 ? 89  PHE A CE1 1 
ATOM   592  C CE2 . PHE A 1 76  ? -16.320 3.187   -6.728  1.00 61.25 ? 89  PHE A CE2 1 
ATOM   593  C CZ  . PHE A 1 76  ? -17.148 3.119   -7.847  1.00 61.51 ? 89  PHE A CZ  1 
ATOM   594  N N   . ARG A 1 77  ? -11.289 -1.271  -9.175  1.00 58.51 ? 90  ARG A N   1 
ATOM   595  C CA  . ARG A 1 77  ? -9.997  -1.648  -9.756  1.00 59.56 ? 90  ARG A CA  1 
ATOM   596  C C   . ARG A 1 77  ? -9.820  -1.020  -11.140 1.00 59.72 ? 90  ARG A C   1 
ATOM   597  O O   . ARG A 1 77  ? -10.790 -0.886  -11.881 1.00 60.09 ? 90  ARG A O   1 
ATOM   598  C CB  . ARG A 1 77  ? -9.924  -3.161  -9.865  1.00 59.66 ? 90  ARG A CB  1 
ATOM   599  C CG  . ARG A 1 77  ? -11.226 -3.765  -10.372 1.00 62.34 ? 90  ARG A CG  1 
ATOM   600  C CD  . ARG A 1 77  ? -11.241 -5.266  -10.246 1.00 64.40 ? 90  ARG A CD  1 
ATOM   601  N NE  . ARG A 1 77  ? -9.969  -5.854  -10.667 1.00 64.80 ? 90  ARG A NE  1 
ATOM   602  C CZ  . ARG A 1 77  ? -9.816  -7.139  -10.962 1.00 64.81 ? 90  ARG A CZ  1 
ATOM   603  N NH1 . ARG A 1 77  ? -10.854 -7.961  -10.903 1.00 64.99 ? 90  ARG A NH1 1 
ATOM   604  N NH2 . ARG A 1 77  ? -8.637  -7.604  -11.329 1.00 64.71 ? 90  ARG A NH2 1 
ATOM   605  N N   . HIS A 1 78  ? -8.594  -0.634  -11.487 1.00 60.12 ? 91  HIS A N   1 
ATOM   606  C CA  . HIS A 1 78  ? -8.307  -0.029  -12.806 1.00 60.80 ? 91  HIS A CA  1 
ATOM   607  C C   . HIS A 1 78  ? -8.783  -0.935  -13.975 1.00 60.88 ? 91  HIS A C   1 
ATOM   608  O O   . HIS A 1 78  ? -8.409  -2.114  -14.038 1.00 60.99 ? 91  HIS A O   1 
ATOM   609  C CB  . HIS A 1 78  ? -6.802  0.293   -12.939 1.00 60.90 ? 91  HIS A CB  1 
ATOM   610  C CG  . HIS A 1 78  ? -6.470  1.278   -14.027 1.00 61.81 ? 91  HIS A CG  1 
ATOM   611  N ND1 . HIS A 1 78  ? -6.620  0.995   -15.368 1.00 62.30 ? 91  HIS A ND1 1 
ATOM   612  C CD2 . HIS A 1 78  ? -5.975  2.539   -13.965 1.00 62.23 ? 91  HIS A CD2 1 
ATOM   613  C CE1 . HIS A 1 78  ? -6.240  2.039   -16.084 1.00 62.11 ? 91  HIS A CE1 1 
ATOM   614  N NE2 . HIS A 1 78  ? -5.840  2.987   -15.257 1.00 62.23 ? 91  HIS A NE2 1 
ATOM   615  N N   . PRO A 1 79  ? -9.599  -0.389  -14.906 1.00 60.70 ? 92  PRO A N   1 
ATOM   616  C CA  . PRO A 1 79  ? -10.152 -1.204  -16.004 1.00 60.45 ? 92  PRO A CA  1 
ATOM   617  C C   . PRO A 1 79  ? -9.086  -1.966  -16.811 1.00 60.19 ? 92  PRO A C   1 
ATOM   618  O O   . PRO A 1 79  ? -9.388  -2.990  -17.406 1.00 59.76 ? 92  PRO A O   1 
ATOM   619  C CB  . PRO A 1 79  ? -10.839 -0.165  -16.900 1.00 60.40 ? 92  PRO A CB  1 
ATOM   620  C CG  . PRO A 1 79  ? -11.095 1.004   -16.015 1.00 60.66 ? 92  PRO A CG  1 
ATOM   621  C CD  . PRO A 1 79  ? -9.953  1.035   -15.049 1.00 60.61 ? 92  PRO A CD  1 
ATOM   622  N N   . LYS A 1 80  ? -7.853  -1.461  -16.810 1.00 60.25 ? 93  LYS A N   1 
ATOM   623  C CA  . LYS A 1 80  ? -6.752  -2.023  -17.605 1.00 60.66 ? 93  LYS A CA  1 
ATOM   624  C C   . LYS A 1 80  ? -5.746  -2.861  -16.793 1.00 60.33 ? 93  LYS A C   1 
ATOM   625  O O   . LYS A 1 80  ? -4.627  -3.128  -17.250 1.00 60.47 ? 93  LYS A O   1 
ATOM   626  C CB  . LYS A 1 80  ? -6.003  -0.903  -18.359 1.00 60.96 ? 93  LYS A CB  1 
ATOM   627  C CG  . LYS A 1 80  ? -6.671  -0.416  -19.658 1.00 62.45 ? 93  LYS A CG  1 
ATOM   628  C CD  . LYS A 1 80  ? -5.651  0.261   -20.591 1.00 64.75 ? 93  LYS A CD  1 
ATOM   629  C CE  . LYS A 1 80  ? -5.696  -0.356  -22.003 1.00 66.29 ? 93  LYS A CE  1 
ATOM   630  N NZ  . LYS A 1 80  ? -7.103  -0.464  -22.537 1.00 66.97 1 93  LYS A NZ  1 
ATOM   631  N N   . TYR A 1 81  ? -6.139  -3.281  -15.593 1.00 59.81 ? 94  TYR A N   1 
ATOM   632  C CA  . TYR A 1 81  ? -5.245  -4.045  -14.730 1.00 58.85 ? 94  TYR A CA  1 
ATOM   633  C C   . TYR A 1 81  ? -5.149  -5.465  -15.265 1.00 58.75 ? 94  TYR A C   1 
ATOM   634  O O   . TYR A 1 81  ? -6.162  -6.086  -15.528 1.00 59.01 ? 94  TYR A O   1 
ATOM   635  C CB  . TYR A 1 81  ? -5.724  -4.008  -13.268 1.00 58.21 ? 94  TYR A CB  1 
ATOM   636  C CG  . TYR A 1 81  ? -5.155  -5.123  -12.431 1.00 56.36 ? 94  TYR A CG  1 
ATOM   637  C CD1 . TYR A 1 81  ? -3.802  -5.143  -12.079 1.00 53.77 ? 94  TYR A CD1 1 
ATOM   638  C CD2 . TYR A 1 81  ? -5.966  -6.171  -12.003 1.00 54.37 ? 94  TYR A CD2 1 
ATOM   639  C CE1 . TYR A 1 81  ? -3.279  -6.172  -11.328 1.00 52.81 ? 94  TYR A CE1 1 
ATOM   640  C CE2 . TYR A 1 81  ? -5.459  -7.213  -11.251 1.00 52.83 ? 94  TYR A CE2 1 
ATOM   641  C CZ  . TYR A 1 81  ? -4.114  -7.217  -10.913 1.00 53.59 ? 94  TYR A CZ  1 
ATOM   642  O OH  . TYR A 1 81  ? -3.607  -8.269  -10.155 1.00 53.11 ? 94  TYR A OH  1 
ATOM   643  N N   . ASN A 1 82  ? -3.937  -5.973  -15.440 1.00 58.74 ? 95  ASN A N   1 
ATOM   644  C CA  . ASN A 1 82  ? -3.747  -7.253  -16.117 1.00 59.20 ? 95  ASN A CA  1 
ATOM   645  C C   . ASN A 1 82  ? -2.961  -8.236  -15.231 1.00 59.39 ? 95  ASN A C   1 
ATOM   646  O O   . ASN A 1 82  ? -1.796  -7.988  -14.895 1.00 59.59 ? 95  ASN A O   1 
ATOM   647  C CB  . ASN A 1 82  ? -3.093  -7.002  -17.491 1.00 59.29 ? 95  ASN A CB  1 
ATOM   648  C CG  . ASN A 1 82  ? -2.807  -8.274  -18.269 1.00 59.74 ? 95  ASN A CG  1 
ATOM   649  O OD1 . ASN A 1 82  ? -1.749  -8.879  -18.084 1.00 60.72 ? 95  ASN A OD1 1 
ATOM   650  N ND2 . ASN A 1 82  ? -3.724  -8.662  -19.178 1.00 58.47 ? 95  ASN A ND2 1 
ATOM   651  N N   . THR A 1 83  ? -3.608  -9.341  -14.844 1.00 59.20 ? 96  THR A N   1 
ATOM   652  C CA  . THR A 1 83  ? -3.092  -10.210 -13.762 1.00 58.93 ? 96  THR A CA  1 
ATOM   653  C C   . THR A 1 83  ? -1.777  -10.925 -14.073 1.00 58.90 ? 96  THR A C   1 
ATOM   654  O O   . THR A 1 83  ? -1.174  -11.513 -13.173 1.00 58.84 ? 96  THR A O   1 
ATOM   655  C CB  . THR A 1 83  ? -4.134  -11.272 -13.233 1.00 58.76 ? 96  THR A CB  1 
ATOM   656  O OG1 . THR A 1 83  ? -4.545  -12.149 -14.288 1.00 58.47 ? 96  THR A OG1 1 
ATOM   657  C CG2 . THR A 1 83  ? -5.359  -10.612 -12.602 1.00 58.57 ? 96  THR A CG2 1 
ATOM   658  N N   . SER A 1 84  ? -1.333  -10.880 -15.329 1.00 58.74 ? 97  SER A N   1 
ATOM   659  C CA  . SER A 1 84  ? -0.101  -11.587 -15.705 1.00 58.71 ? 97  SER A CA  1 
ATOM   660  C C   . SER A 1 84  ? 1.033   -10.667 -16.173 1.00 58.46 ? 97  SER A C   1 
ATOM   661  O O   . SER A 1 84  ? 2.089   -11.146 -16.582 1.00 58.83 ? 97  SER A O   1 
ATOM   662  C CB  . SER A 1 84  ? -0.365  -12.756 -16.697 1.00 58.91 ? 97  SER A CB  1 
ATOM   663  O OG  . SER A 1 84  ? -0.885  -12.329 -17.949 1.00 57.97 ? 97  SER A OG  1 
ATOM   664  N N   . THR A 1 85  ? 0.798   -9.353  -16.110 1.00 57.92 ? 98  THR A N   1 
ATOM   665  C CA  . THR A 1 85  ? 1.851   -8.332  -16.255 1.00 57.07 ? 98  THR A CA  1 
ATOM   666  C C   . THR A 1 85  ? 1.929   -7.485  -14.989 1.00 56.58 ? 98  THR A C   1 
ATOM   667  O O   . THR A 1 85  ? 2.948   -6.844  -14.703 1.00 56.54 ? 98  THR A O   1 
ATOM   668  C CB  . THR A 1 85  ? 1.557   -7.370  -17.409 1.00 57.11 ? 98  THR A CB  1 
ATOM   669  O OG1 . THR A 1 85  ? 0.313   -6.697  -17.160 1.00 57.04 ? 98  THR A OG1 1 
ATOM   670  C CG2 . THR A 1 85  ? 1.491   -8.116  -18.737 1.00 56.94 ? 98  THR A CG2 1 
ATOM   671  N N   . LEU A 1 86  ? 0.820   -7.473  -14.248 1.00 55.99 ? 99  LEU A N   1 
ATOM   672  C CA  . LEU A 1 86  ? 0.657   -6.672  -13.030 1.00 55.05 ? 99  LEU A CA  1 
ATOM   673  C C   . LEU A 1 86  ? 0.743   -5.171  -13.297 1.00 54.50 ? 99  LEU A C   1 
ATOM   674  O O   . LEU A 1 86  ? 1.167   -4.410  -12.423 1.00 54.45 ? 99  LEU A O   1 
ATOM   675  C CB  . LEU A 1 86  ? 1.668   -7.102  -11.963 1.00 54.91 ? 99  LEU A CB  1 
ATOM   676  C CG  . LEU A 1 86  ? 1.511   -8.558  -11.534 1.00 54.14 ? 99  LEU A CG  1 
ATOM   677  C CD1 . LEU A 1 86  ? 2.526   -8.954  -10.476 1.00 52.59 ? 99  LEU A CD1 1 
ATOM   678  C CD2 . LEU A 1 86  ? 0.105   -8.751  -11.040 1.00 54.53 ? 99  LEU A CD2 1 
ATOM   679  N N   . HIS A 1 87  ? 0.354   -4.767  -14.508 1.00 53.63 ? 100 HIS A N   1 
ATOM   680  C CA  . HIS A 1 87  ? 0.327   -3.364  -14.886 1.00 53.09 ? 100 HIS A CA  1 
ATOM   681  C C   . HIS A 1 87  ? -0.966  -2.795  -14.344 1.00 52.49 ? 100 HIS A C   1 
ATOM   682  O O   . HIS A 1 87  ? -1.951  -3.508  -14.234 1.00 52.44 ? 100 HIS A O   1 
ATOM   683  C CB  . HIS A 1 87  ? 0.390   -3.189  -16.412 1.00 53.20 ? 100 HIS A CB  1 
ATOM   684  C CG  . HIS A 1 87  ? 1.779   -3.259  -16.990 1.00 54.42 ? 100 HIS A CG  1 
ATOM   685  N ND1 . HIS A 1 87  ? 2.072   -2.847  -18.276 1.00 53.95 ? 100 HIS A ND1 1 
ATOM   686  C CD2 . HIS A 1 87  ? 2.954   -3.686  -16.461 1.00 55.19 ? 100 HIS A CD2 1 
ATOM   687  C CE1 . HIS A 1 87  ? 3.358   -3.028  -18.514 1.00 54.07 ? 100 HIS A CE1 1 
ATOM   688  N NE2 . HIS A 1 87  ? 3.918   -3.530  -17.429 1.00 54.24 ? 100 HIS A NE2 1 
ATOM   689  N N   . HIS A 1 88  ? -0.951  -1.515  -13.989 1.00 52.07 ? 101 HIS A N   1 
ATOM   690  C CA  . HIS A 1 88  ? -2.129  -0.842  -13.453 1.00 51.67 ? 101 HIS A CA  1 
ATOM   691  C C   . HIS A 1 88  ? -2.624  -1.458  -12.109 1.00 51.37 ? 101 HIS A C   1 
ATOM   692  O O   . HIS A 1 88  ? -3.837  -1.516  -11.827 1.00 51.22 ? 101 HIS A O   1 
ATOM   693  C CB  . HIS A 1 88  ? -3.233  -0.790  -14.526 1.00 52.07 ? 101 HIS A CB  1 
ATOM   694  C CG  . HIS A 1 88  ? -2.747  -0.338  -15.873 1.00 52.50 ? 101 HIS A CG  1 
ATOM   695  N ND1 . HIS A 1 88  ? -2.020  0.820   -16.058 1.00 52.60 ? 101 HIS A ND1 1 
ATOM   696  C CD2 . HIS A 1 88  ? -2.878  -0.894  -17.101 1.00 52.19 ? 101 HIS A CD2 1 
ATOM   697  C CE1 . HIS A 1 88  ? -1.723  0.954   -17.337 1.00 51.66 ? 101 HIS A CE1 1 
ATOM   698  N NE2 . HIS A 1 88  ? -2.238  -0.070  -17.992 1.00 51.64 ? 101 HIS A NE2 1 
ATOM   699  N N   . ASP A 1 89  ? -1.672  -1.898  -11.279 1.00 50.27 ? 102 ASP A N   1 
ATOM   700  C CA  . ASP A 1 89  ? -1.997  -2.586  -10.030 1.00 49.38 ? 102 ASP A CA  1 
ATOM   701  C C   . ASP A 1 89  ? -2.490  -1.562  -9.015  1.00 49.00 ? 102 ASP A C   1 
ATOM   702  O O   . ASP A 1 89  ? -1.777  -1.197  -8.060  1.00 48.75 ? 102 ASP A O   1 
ATOM   703  C CB  . ASP A 1 89  ? -0.776  -3.357  -9.509  1.00 49.36 ? 102 ASP A CB  1 
ATOM   704  C CG  . ASP A 1 89  ? -1.103  -4.274  -8.340  1.00 48.43 ? 102 ASP A CG  1 
ATOM   705  O OD1 . ASP A 1 89  ? -2.286  -4.414  -7.949  1.00 46.90 ? 102 ASP A OD1 1 
ATOM   706  O OD2 . ASP A 1 89  ? -0.151  -4.865  -7.809  1.00 48.12 ? 102 ASP A OD2 1 
ATOM   707  N N   . ILE A 1 90  ? -3.714  -1.092  -9.249  1.00 48.15 ? 103 ILE A N   1 
ATOM   708  C CA  . ILE A 1 90  ? -4.278  0.025   -8.491  1.00 47.17 ? 103 ILE A CA  1 
ATOM   709  C C   . ILE A 1 90  ? -5.802  -0.057  -8.405  1.00 46.22 ? 103 ILE A C   1 
ATOM   710  O O   . ILE A 1 90  ? -6.495  -0.360  -9.370  1.00 45.87 ? 103 ILE A O   1 
ATOM   711  C CB  . ILE A 1 90  ? -3.766  1.398   -9.031  1.00 47.33 ? 103 ILE A CB  1 
ATOM   712  C CG1 . ILE A 1 90  ? -4.066  2.528   -8.053  1.00 47.83 ? 103 ILE A CG1 1 
ATOM   713  C CG2 . ILE A 1 90  ? -4.270  1.681   -10.462 1.00 47.96 ? 103 ILE A CG2 1 
ATOM   714  C CD1 . ILE A 1 90  ? -3.482  3.864   -8.478  1.00 48.96 ? 103 ILE A CD1 1 
ATOM   715  N N   . MET A 1 91  ? -6.295  0.189   -7.207  1.00 45.68 ? 104 MET A N   1 
ATOM   716  C CA  . MET A 1 91  ? -7.690  0.033   -6.882  1.00 45.45 ? 104 MET A CA  1 
ATOM   717  C C   . MET A 1 91  ? -8.065  1.070   -5.830  1.00 45.29 ? 104 MET A C   1 
ATOM   718  O O   . MET A 1 91  ? -7.319  1.326   -4.880  1.00 45.01 ? 104 MET A O   1 
ATOM   719  C CB  . MET A 1 91  ? -7.951  -1.384  -6.359  1.00 45.44 ? 104 MET A CB  1 
ATOM   720  C CG  . MET A 1 91  ? -9.400  -1.673  -5.982  1.00 45.39 ? 104 MET A CG  1 
ATOM   721  S SD  . MET A 1 91  ? -9.710  -3.432  -5.639  1.00 46.52 ? 104 MET A SD  1 
ATOM   722  C CE  . MET A 1 91  ? -8.587  -3.689  -4.266  1.00 44.81 ? 104 MET A CE  1 
ATOM   723  N N   . LEU A 1 92  ? -9.221  1.678   -6.039  1.00 45.14 ? 105 LEU A N   1 
ATOM   724  C CA  . LEU A 1 92  ? -9.857  2.525   -5.069  1.00 45.00 ? 105 LEU A CA  1 
ATOM   725  C C   . LEU A 1 92  ? -11.023 1.742   -4.448  1.00 45.43 ? 105 LEU A C   1 
ATOM   726  O O   . LEU A 1 92  ? -11.685 0.960   -5.139  1.00 45.40 ? 105 LEU A O   1 
ATOM   727  C CB  . LEU A 1 92  ? -10.347 3.787   -5.774  1.00 45.01 ? 105 LEU A CB  1 
ATOM   728  C CG  . LEU A 1 92  ? -9.392  4.985   -5.826  1.00 44.32 ? 105 LEU A CG  1 
ATOM   729  C CD1 . LEU A 1 92  ? -9.734  5.933   -6.972  1.00 41.13 ? 105 LEU A CD1 1 
ATOM   730  C CD2 . LEU A 1 92  ? -9.401  5.715   -4.471  1.00 43.06 ? 105 LEU A CD2 1 
ATOM   731  N N   . LEU A 1 93  ? -11.252 1.927   -3.146  1.00 45.93 ? 106 LEU A N   1 
ATOM   732  C CA  . LEU A 1 93  ? -12.363 1.262   -2.441  1.00 46.52 ? 106 LEU A CA  1 
ATOM   733  C C   . LEU A 1 93  ? -13.282 2.282   -1.800  1.00 47.29 ? 106 LEU A C   1 
ATOM   734  O O   . LEU A 1 93  ? -12.809 3.165   -1.070  1.00 47.64 ? 106 LEU A O   1 
ATOM   735  C CB  . LEU A 1 93  ? -11.842 0.327   -1.347  1.00 46.29 ? 106 LEU A CB  1 
ATOM   736  C CG  . LEU A 1 93  ? -10.767 -0.714  -1.682  1.00 45.28 ? 106 LEU A CG  1 
ATOM   737  C CD1 . LEU A 1 93  ? -10.260 -1.368  -0.415  1.00 42.49 ? 106 LEU A CD1 1 
ATOM   738  C CD2 . LEU A 1 93  ? -11.299 -1.752  -2.654  1.00 44.22 ? 106 LEU A CD2 1 
ATOM   739  N N   . LYS A 1 94  ? -14.582 2.171   -2.068  1.00 47.96 ? 107 LYS A N   1 
ATOM   740  C CA  . LYS A 1 94  ? -15.556 3.053   -1.434  1.00 48.94 ? 107 LYS A CA  1 
ATOM   741  C C   . LYS A 1 94  ? -16.066 2.439   -0.129  1.00 49.23 ? 107 LYS A C   1 
ATOM   742  O O   . LYS A 1 94  ? -16.616 1.329   -0.128  1.00 49.46 ? 107 LYS A O   1 
ATOM   743  C CB  . LYS A 1 94  ? -16.725 3.361   -2.374  1.00 49.28 ? 107 LYS A CB  1 
ATOM   744  C CG  . LYS A 1 94  ? -17.538 4.566   -1.911  1.00 50.36 ? 107 LYS A CG  1 
ATOM   745  C CD  . LYS A 1 94  ? -18.774 4.834   -2.761  1.00 51.61 ? 107 LYS A CD  1 
ATOM   746  C CE  . LYS A 1 94  ? -19.398 6.167   -2.337  1.00 53.41 ? 107 LYS A CE  1 
ATOM   747  N NZ  . LYS A 1 94  ? -20.791 6.392   -2.813  1.00 54.24 1 107 LYS A NZ  1 
ATOM   748  N N   . LEU A 1 95  ? -15.878 3.164   0.971   1.00 49.55 ? 108 LEU A N   1 
ATOM   749  C CA  . LEU A 1 95  ? -16.310 2.704   2.290   1.00 50.14 ? 108 LEU A CA  1 
ATOM   750  C C   . LEU A 1 95  ? -17.808 2.841   2.431   1.00 50.74 ? 108 LEU A C   1 
ATOM   751  O O   . LEU A 1 95  ? -18.403 3.728   1.826   1.00 51.25 ? 108 LEU A O   1 
ATOM   752  C CB  . LEU A 1 95  ? -15.633 3.522   3.387   1.00 49.84 ? 108 LEU A CB  1 
ATOM   753  C CG  . LEU A 1 95  ? -14.098 3.484   3.441   1.00 49.79 ? 108 LEU A CG  1 
ATOM   754  C CD1 . LEU A 1 95  ? -13.545 4.243   4.658   1.00 47.98 ? 108 LEU A CD1 1 
ATOM   755  C CD2 . LEU A 1 95  ? -13.569 2.055   3.413   1.00 48.76 ? 108 LEU A CD2 1 
ATOM   756  N N   . LYS A 1 96  ? -18.425 1.981   3.236   1.00 51.43 ? 109 LYS A N   1 
ATOM   757  C CA  . LYS A 1 96  ? -19.871 2.101   3.514   1.00 52.23 ? 109 LYS A CA  1 
ATOM   758  C C   . LYS A 1 96  ? -20.242 3.505   4.000   1.00 51.94 ? 109 LYS A C   1 
ATOM   759  O O   . LYS A 1 96  ? -21.360 3.957   3.814   1.00 52.07 ? 109 LYS A O   1 
ATOM   760  C CB  . LYS A 1 96  ? -20.332 1.076   4.568   1.00 52.45 ? 109 LYS A CB  1 
ATOM   761  C CG  . LYS A 1 96  ? -21.796 1.237   5.041   1.00 53.60 ? 109 LYS A CG  1 
ATOM   762  C CD  . LYS A 1 96  ? -22.667 0.022   4.709   1.00 57.65 ? 109 LYS A CD  1 
ATOM   763  C CE  . LYS A 1 96  ? -22.531 -1.080  5.783   1.00 61.15 ? 109 LYS A CE  1 
ATOM   764  N NZ  . LYS A 1 96  ? -23.318 -2.324  5.497   1.00 62.28 1 109 LYS A NZ  1 
ATOM   765  N N   . GLU A 1 97  ? -19.286 4.190   4.606   1.00 51.48 ? 110 GLU A N   1 
ATOM   766  C CA  . GLU A 1 97  ? -19.611 5.307   5.446   1.00 50.96 ? 110 GLU A CA  1 
ATOM   767  C C   . GLU A 1 97  ? -18.401 6.229   5.578   1.00 50.18 ? 110 GLU A C   1 
ATOM   768  O O   . GLU A 1 97  ? -17.266 5.813   5.407   1.00 50.08 ? 110 GLU A O   1 
ATOM   769  C CB  . GLU A 1 97  ? -20.057 4.746   6.799   1.00 51.05 ? 110 GLU A CB  1 
ATOM   770  C CG  . GLU A 1 97  ? -20.511 5.745   7.826   1.00 52.70 ? 110 GLU A CG  1 
ATOM   771  C CD  . GLU A 1 97  ? -21.015 5.076   9.083   1.00 54.50 ? 110 GLU A CD  1 
ATOM   772  O OE1 . GLU A 1 97  ? -21.574 5.793   9.950   1.00 57.50 ? 110 GLU A OE1 1 
ATOM   773  O OE2 . GLU A 1 97  ? -20.853 3.843   9.207   1.00 53.71 ? 110 GLU A OE2 1 
ATOM   774  N N   . LYS A 1 98  ? -18.650 7.492   5.868   1.00 49.42 ? 111 LYS A N   1 
ATOM   775  C CA  . LYS A 1 98  ? -17.570 8.415   6.055   1.00 49.05 ? 111 LYS A CA  1 
ATOM   776  C C   . LYS A 1 98  ? -16.909 8.212   7.417   1.00 48.05 ? 111 LYS A C   1 
ATOM   777  O O   . LYS A 1 98  ? -17.560 8.342   8.444   1.00 48.23 ? 111 LYS A O   1 
ATOM   778  C CB  . LYS A 1 98  ? -18.072 9.856   5.902   1.00 49.58 ? 111 LYS A CB  1 
ATOM   779  C CG  . LYS A 1 98  ? -18.157 10.344  4.463   1.00 50.39 ? 111 LYS A CG  1 
ATOM   780  C CD  . LYS A 1 98  ? -17.761 11.808  4.408   1.00 53.67 ? 111 LYS A CD  1 
ATOM   781  C CE  . LYS A 1 98  ? -18.040 12.408  3.044   1.00 55.98 ? 111 LYS A CE  1 
ATOM   782  N NZ  . LYS A 1 98  ? -19.504 12.326  2.761   1.00 56.65 1 111 LYS A NZ  1 
ATOM   783  N N   . ALA A 1 99  ? -15.620 7.880   7.409   1.00 46.72 ? 112 ALA A N   1 
ATOM   784  C CA  . ALA A 1 99  ? -14.805 7.837   8.629   1.00 45.67 ? 112 ALA A CA  1 
ATOM   785  C C   . ALA A 1 99  ? -14.715 9.207   9.309   1.00 45.23 ? 112 ALA A C   1 
ATOM   786  O O   . ALA A 1 99  ? -14.684 10.239  8.652   1.00 45.86 ? 112 ALA A O   1 
ATOM   787  C CB  . ALA A 1 99  ? -13.397 7.333   8.309   1.00 44.97 ? 112 ALA A CB  1 
ATOM   788  N N   . SER A 1 100 ? -14.653 9.208   10.628  1.00 44.30 ? 113 SER A N   1 
ATOM   789  C CA  . SER A 1 100 ? -14.451 10.413  11.376  1.00 43.57 ? 113 SER A CA  1 
ATOM   790  C C   . SER A 1 100 ? -12.974 10.751  11.413  1.00 43.83 ? 113 SER A C   1 
ATOM   791  O O   . SER A 1 100 ? -12.160 9.925   11.838  1.00 43.65 ? 113 SER A O   1 
ATOM   792  C CB  . SER A 1 100 ? -14.955 10.217  12.792  1.00 43.23 ? 113 SER A CB  1 
ATOM   793  O OG  . SER A 1 100 ? -16.361 10.223  12.808  1.00 43.40 ? 113 SER A OG  1 
ATOM   794  N N   . LEU A 1 101 ? -12.640 11.971  10.985  1.00 43.82 ? 114 LEU A N   1 
ATOM   795  C CA  . LEU A 1 101 ? -11.265 12.434  10.975  1.00 43.76 ? 114 LEU A CA  1 
ATOM   796  C C   . LEU A 1 101 ? -10.849 12.713  12.378  1.00 43.74 ? 114 LEU A C   1 
ATOM   797  O O   . LEU A 1 101 ? -11.261 13.705  12.939  1.00 44.55 ? 114 LEU A O   1 
ATOM   798  C CB  . LEU A 1 101 ? -11.129 13.724  10.179  1.00 43.76 ? 114 LEU A CB  1 
ATOM   799  C CG  . LEU A 1 101 ? -11.446 13.674  8.688   1.00 44.91 ? 114 LEU A CG  1 
ATOM   800  C CD1 . LEU A 1 101 ? -11.092 15.000  8.041   1.00 43.80 ? 114 LEU A CD1 1 
ATOM   801  C CD2 . LEU A 1 101 ? -10.747 12.479  7.984   1.00 45.68 ? 114 LEU A CD2 1 
ATOM   802  N N   . THR A 1 102 ? -10.027 11.853  12.952  1.00 43.36 ? 115 THR A N   1 
ATOM   803  C CA  . THR A 1 102 ? -9.492  12.123  14.276  1.00 43.02 ? 115 THR A CA  1 
ATOM   804  C C   . THR A 1 102 ? -7.963  12.350  14.200  1.00 43.26 ? 115 THR A C   1 
ATOM   805  O O   . THR A 1 102 ? -7.412  12.415  13.097  1.00 42.82 ? 115 THR A O   1 
ATOM   806  C CB  . THR A 1 102 ? -9.900  11.011  15.237  1.00 43.04 ? 115 THR A CB  1 
ATOM   807  O OG1 . THR A 1 102 ? -9.180  9.804   14.922  1.00 43.05 ? 115 THR A OG1 1 
ATOM   808  C CG2 . THR A 1 102 ? -11.412 10.764  15.115  1.00 42.09 ? 115 THR A CG2 1 
ATOM   809  N N   . LEU A 1 103 ? -7.289  12.518  15.343  1.00 43.41 ? 116 LEU A N   1 
ATOM   810  C CA  . LEU A 1 103 ? -5.828  12.595  15.343  1.00 44.58 ? 116 LEU A CA  1 
ATOM   811  C C   . LEU A 1 103 ? -5.213  11.362  14.664  1.00 45.23 ? 116 LEU A C   1 
ATOM   812  O O   . LEU A 1 103 ? -4.282  11.493  13.848  1.00 45.82 ? 116 LEU A O   1 
ATOM   813  C CB  . LEU A 1 103 ? -5.244  12.727  16.761  1.00 44.68 ? 116 LEU A CB  1 
ATOM   814  C CG  . LEU A 1 103 ? -5.398  13.997  17.628  1.00 45.49 ? 116 LEU A CG  1 
ATOM   815  C CD1 . LEU A 1 103 ? -4.799  13.777  19.040  1.00 44.61 ? 116 LEU A CD1 1 
ATOM   816  C CD2 . LEU A 1 103 ? -4.866  15.307  16.998  1.00 44.44 ? 116 LEU A CD2 1 
ATOM   817  N N   . ALA A 1 104 ? -5.771  10.187  14.979  1.00 45.34 ? 117 ALA A N   1 
ATOM   818  C CA  . ALA A 1 104 ? -5.256  8.887   14.525  1.00 45.43 ? 117 ALA A CA  1 
ATOM   819  C C   . ALA A 1 104 ? -5.882  8.312   13.245  1.00 45.21 ? 117 ALA A C   1 
ATOM   820  O O   . ALA A 1 104 ? -5.451  7.269   12.771  1.00 45.34 ? 117 ALA A O   1 
ATOM   821  C CB  . ALA A 1 104 ? -5.356  7.867   15.662  1.00 45.68 ? 117 ALA A CB  1 
ATOM   822  N N   . VAL A 1 105 ? -6.897  8.975   12.705  1.00 45.18 ? 118 VAL A N   1 
ATOM   823  C CA  . VAL A 1 105 ? -7.456  8.636   11.401  1.00 45.10 ? 118 VAL A CA  1 
ATOM   824  C C   . VAL A 1 105 ? -7.598  9.935   10.631  1.00 45.86 ? 118 VAL A C   1 
ATOM   825  O O   . VAL A 1 105 ? -8.403  10.811  10.996  1.00 45.68 ? 118 VAL A O   1 
ATOM   826  C CB  . VAL A 1 105 ? -8.858  8.000   11.498  1.00 45.03 ? 118 VAL A CB  1 
ATOM   827  C CG1 . VAL A 1 105 ? -9.414  7.738   10.117  1.00 44.64 ? 118 VAL A CG1 1 
ATOM   828  C CG2 . VAL A 1 105 ? -8.827  6.721   12.272  1.00 44.55 ? 118 VAL A CG2 1 
ATOM   829  N N   . GLY A 1 106 ? -6.812  10.071  9.575   1.00 46.46 ? 119 GLY A N   1 
ATOM   830  C CA  . GLY A 1 106 ? -6.881  11.244  8.727   1.00 47.95 ? 119 GLY A CA  1 
ATOM   831  C C   . GLY A 1 106 ? -6.434  10.869  7.349   1.00 49.27 ? 119 GLY A C   1 
ATOM   832  O O   . GLY A 1 106 ? -5.762  9.866   7.176   1.00 49.88 ? 119 GLY A O   1 
ATOM   833  N N   . THR A 1 107 ? -6.785  11.674  6.360   1.00 51.07 ? 120 THR A N   1 
ATOM   834  C CA  . THR A 1 107 ? -6.457  11.341  4.974   1.00 52.85 ? 120 THR A CA  1 
ATOM   835  C C   . THR A 1 107 ? -5.038  11.692  4.580   1.00 54.38 ? 120 THR A C   1 
ATOM   836  O O   . THR A 1 107 ? -4.268  12.256  5.344   1.00 54.68 ? 120 THR A O   1 
ATOM   837  C CB  . THR A 1 107 ? -7.366  12.045  3.994   1.00 52.29 ? 120 THR A CB  1 
ATOM   838  O OG1 . THR A 1 107 ? -7.053  13.442  4.012   1.00 53.05 ? 120 THR A OG1 1 
ATOM   839  C CG2 . THR A 1 107 ? -8.820  11.821  4.372   1.00 52.19 ? 120 THR A CG2 1 
ATOM   840  N N   . LEU A 1 108 ? -4.701  11.338  3.358   1.00 56.68 ? 121 LEU A N   1 
ATOM   841  C CA  . LEU A 1 108 ? -3.428  11.704  2.816   1.00 58.87 ? 121 LEU A CA  1 
ATOM   842  C C   . LEU A 1 108 ? -3.713  12.725  1.724   1.00 60.86 ? 121 LEU A C   1 
ATOM   843  O O   . LEU A 1 108 ? -4.365  12.394  0.711   1.00 60.50 ? 121 LEU A O   1 
ATOM   844  C CB  . LEU A 1 108 ? -2.722  10.475  2.274   1.00 58.80 ? 121 LEU A CB  1 
ATOM   845  C CG  . LEU A 1 108 ? -1.307  10.631  1.752   1.00 58.56 ? 121 LEU A CG  1 
ATOM   846  C CD1 . LEU A 1 108 ? -0.364  11.057  2.862   1.00 58.36 ? 121 LEU A CD1 1 
ATOM   847  C CD2 . LEU A 1 108 ? -0.903  9.298   1.191   1.00 58.66 ? 121 LEU A CD2 1 
ATOM   848  N N   . PRO A 1 109 ? -3.254  13.980  1.955   1.00 62.88 ? 122 PRO A N   1 
ATOM   849  C CA  . PRO A 1 109 ? -3.521  15.180  1.151   1.00 64.02 ? 122 PRO A CA  1 
ATOM   850  C C   . PRO A 1 109 ? -3.302  14.919  -0.327  1.00 65.08 ? 122 PRO A C   1 
ATOM   851  O O   . PRO A 1 109 ? -2.152  14.851  -0.758  1.00 65.02 ? 122 PRO A O   1 
ATOM   852  C CB  . PRO A 1 109 ? -2.483  16.197  1.666   1.00 64.12 ? 122 PRO A CB  1 
ATOM   853  C CG  . PRO A 1 109 ? -1.514  15.399  2.536   1.00 63.91 ? 122 PRO A CG  1 
ATOM   854  C CD  . PRO A 1 109 ? -2.354  14.285  3.088   1.00 63.27 ? 122 PRO A CD  1 
ATOM   855  N N   . PHE A 1 110 ? -4.403  14.754  -1.074  1.00 66.38 ? 123 PHE A N   1 
ATOM   856  C CA  . PHE A 1 110 ? -4.380  14.547  -2.531  1.00 67.62 ? 123 PHE A CA  1 
ATOM   857  C C   . PHE A 1 110 ? -3.804  15.773  -3.284  1.00 67.66 ? 123 PHE A C   1 
ATOM   858  O O   . PHE A 1 110 ? -2.587  16.018  -3.317  1.00 67.45 ? 123 PHE A O   1 
ATOM   859  C CB  . PHE A 1 110 ? -5.798  14.180  -3.051  1.00 68.13 ? 123 PHE A CB  1 
ATOM   860  C CG  . PHE A 1 110 ? -6.528  15.317  -3.766  1.00 70.52 ? 123 PHE A CG  1 
ATOM   861  C CD1 . PHE A 1 110 ? -7.179  16.336  -3.036  1.00 72.81 ? 123 PHE A CD1 1 
ATOM   862  C CD2 . PHE A 1 110 ? -6.575  15.363  -5.171  1.00 71.99 ? 123 PHE A CD2 1 
ATOM   863  C CE1 . PHE A 1 110 ? -7.868  17.395  -3.699  1.00 74.15 ? 123 PHE A CE1 1 
ATOM   864  C CE2 . PHE A 1 110 ? -7.254  16.421  -5.852  1.00 73.95 ? 123 PHE A CE2 1 
ATOM   865  C CZ  . PHE A 1 110 ? -7.908  17.438  -5.112  1.00 73.83 ? 123 PHE A CZ  1 
ATOM   866  N N   . VAL A 1 117 ? 25.084  13.350  -3.601  1.00 59.58 ? 130 VAL A N   1 
ATOM   867  C CA  . VAL A 1 117 ? 23.784  13.852  -3.159  1.00 59.70 ? 130 VAL A CA  1 
ATOM   868  C C   . VAL A 1 117 ? 22.604  13.041  -3.745  1.00 59.98 ? 130 VAL A C   1 
ATOM   869  O O   . VAL A 1 117 ? 22.394  13.078  -4.962  1.00 59.86 ? 130 VAL A O   1 
ATOM   870  C CB  . VAL A 1 117 ? 23.607  15.342  -3.578  1.00 59.89 ? 130 VAL A CB  1 
ATOM   871  C CG1 . VAL A 1 117 ? 22.303  15.950  -3.015  1.00 58.41 ? 130 VAL A CG1 1 
ATOM   872  C CG2 . VAL A 1 117 ? 24.827  16.161  -3.188  1.00 60.14 ? 130 VAL A CG2 1 
ATOM   873  N N   . PRO A 1 118 ? 21.870  12.271  -2.891  1.00 60.24 ? 131 PRO A N   1 
ATOM   874  C CA  . PRO A 1 118 ? 20.462  11.860  -3.139  1.00 60.08 ? 131 PRO A CA  1 
ATOM   875  C C   . PRO A 1 118 ? 19.446  12.836  -2.526  1.00 60.05 ? 131 PRO A C   1 
ATOM   876  O O   . PRO A 1 118 ? 19.584  13.181  -1.350  1.00 59.81 ? 131 PRO A O   1 
ATOM   877  C CB  . PRO A 1 118 ? 20.353  10.467  -2.467  1.00 60.01 ? 131 PRO A CB  1 
ATOM   878  C CG  . PRO A 1 118 ? 21.771  10.035  -2.185  1.00 60.28 ? 131 PRO A CG  1 
ATOM   879  C CD  . PRO A 1 118 ? 22.518  11.345  -1.940  1.00 60.60 ? 131 PRO A CD  1 
ATOM   880  N N   . PRO A 1 119 ? 18.445  13.275  -3.332  1.00 60.19 ? 132 PRO A N   1 
ATOM   881  C CA  . PRO A 1 119 ? 17.370  14.317  -3.211  1.00 60.21 ? 132 PRO A CA  1 
ATOM   882  C C   . PRO A 1 119 ? 16.472  14.469  -1.912  1.00 60.20 ? 132 PRO A C   1 
ATOM   883  O O   . PRO A 1 119 ? 16.986  15.042  -0.962  1.00 60.30 ? 132 PRO A O   1 
ATOM   884  C CB  . PRO A 1 119 ? 16.597  14.157  -4.527  1.00 60.55 ? 132 PRO A CB  1 
ATOM   885  C CG  . PRO A 1 119 ? 17.665  13.726  -5.518  1.00 60.07 ? 132 PRO A CG  1 
ATOM   886  C CD  . PRO A 1 119 ? 18.606  12.839  -4.741  1.00 60.15 ? 132 PRO A CD  1 
ATOM   887  N N   . GLY A 1 120 ? 15.162  14.134  -1.856  1.00 59.94 ? 133 GLY A N   1 
ATOM   888  C CA  . GLY A 1 120 ? 14.217  14.007  -2.996  1.00 59.03 ? 133 GLY A CA  1 
ATOM   889  C C   . GLY A 1 120 ? 13.696  12.613  -3.340  1.00 58.20 ? 133 GLY A C   1 
ATOM   890  O O   . GLY A 1 120 ? 12.496  12.403  -3.489  1.00 57.91 ? 133 GLY A O   1 
ATOM   891  N N   . ARG A 1 121 ? 14.621  11.673  -3.506  1.00 57.51 ? 134 ARG A N   1 
ATOM   892  C CA  . ARG A 1 121 ? 14.306  10.275  -3.754  1.00 56.32 ? 134 ARG A CA  1 
ATOM   893  C C   . ARG A 1 121 ? 14.653  9.430   -2.504  1.00 55.25 ? 134 ARG A C   1 
ATOM   894  O O   . ARG A 1 121 ? 15.132  8.309   -2.597  1.00 55.22 ? 134 ARG A O   1 
ATOM   895  C CB  . ARG A 1 121 ? 15.006  9.786   -5.041  1.00 56.59 ? 134 ARG A CB  1 
ATOM   896  C CG  . ARG A 1 121 ? 16.505  9.983   -5.069  1.00 57.50 ? 134 ARG A CG  1 
ATOM   897  C CD  . ARG A 1 121 ? 17.074  9.882   -6.476  1.00 60.96 ? 134 ARG A CD  1 
ATOM   898  N NE  . ARG A 1 121 ? 17.599  8.540   -6.762  1.00 64.70 ? 134 ARG A NE  1 
ATOM   899  C CZ  . ARG A 1 121 ? 18.847  8.137   -6.491  1.00 65.60 ? 134 ARG A CZ  1 
ATOM   900  N NH1 . ARG A 1 121 ? 19.727  8.969   -5.933  1.00 66.37 ? 134 ARG A NH1 1 
ATOM   901  N NH2 . ARG A 1 121 ? 19.224  6.897   -6.780  1.00 65.37 ? 134 ARG A NH2 1 
ATOM   902  N N   . MET A 1 122 ? 14.393  9.999   -1.335  1.00 53.99 ? 135 MET A N   1 
ATOM   903  C CA  . MET A 1 122 ? 14.432  9.282   -0.081  1.00 52.97 ? 135 MET A CA  1 
ATOM   904  C C   . MET A 1 122 ? 12.990  9.068   0.389   1.00 52.54 ? 135 MET A C   1 
ATOM   905  O O   . MET A 1 122 ? 12.274  10.039  0.661   1.00 52.70 ? 135 MET A O   1 
ATOM   906  C CB  . MET A 1 122 ? 15.155  10.116  0.956   1.00 52.94 ? 135 MET A CB  1 
ATOM   907  C CG  . MET A 1 122 ? 16.571  10.443  0.611   1.00 53.15 ? 135 MET A CG  1 
ATOM   908  S SD  . MET A 1 122 ? 17.240  11.623  1.805   1.00 53.17 ? 135 MET A SD  1 
ATOM   909  C CE  . MET A 1 122 ? 18.961  11.462  1.324   1.00 53.13 ? 135 MET A CE  1 
ATOM   910  N N   . CYS A 1 123 ? 12.571  7.808   0.497   1.00 51.41 ? 136 CYS A N   1 
ATOM   911  C CA  . CYS A 1 123 ? 11.172  7.483   0.778   1.00 50.48 ? 136 CYS A CA  1 
ATOM   912  C C   . CYS A 1 123 ? 10.961  6.529   1.969   1.00 50.08 ? 136 CYS A C   1 
ATOM   913  O O   . CYS A 1 123 ? 11.877  5.815   2.363   1.00 50.13 ? 136 CYS A O   1 
ATOM   914  C CB  . CYS A 1 123 ? 10.496  6.891   -0.471  1.00 50.55 ? 136 CYS A CB  1 
ATOM   915  S SG  . CYS A 1 123 ? 10.937  7.636   -2.065  1.00 49.10 ? 136 CYS A SG  1 
ATOM   916  N N   . ARG A 1 124 ? 9.745   6.537   2.533   1.00 49.33 ? 137 ARG A N   1 
ATOM   917  C CA  . ARG A 1 124 ? 9.336   5.609   3.592   1.00 48.56 ? 137 ARG A CA  1 
ATOM   918  C C   . ARG A 1 124 ? 8.140   4.815   3.132   1.00 47.05 ? 137 ARG A C   1 
ATOM   919  O O   . ARG A 1 124 ? 7.319   5.284   2.324   1.00 46.62 ? 137 ARG A O   1 
ATOM   920  C CB  . ARG A 1 124 ? 8.878   6.310   4.876   1.00 49.10 ? 137 ARG A CB  1 
ATOM   921  C CG  . ARG A 1 124 ? 9.799   7.322   5.505   1.00 53.00 ? 137 ARG A CG  1 
ATOM   922  C CD  . ARG A 1 124 ? 8.979   8.522   6.047   1.00 59.03 ? 137 ARG A CD  1 
ATOM   923  N NE  . ARG A 1 124 ? 7.707   8.115   6.678   1.00 61.53 ? 137 ARG A NE  1 
ATOM   924  C CZ  . ARG A 1 124 ? 6.609   8.880   6.776   1.00 62.88 ? 137 ARG A CZ  1 
ATOM   925  N NH1 . ARG A 1 124 ? 6.584   10.115  6.281   1.00 62.34 ? 137 ARG A NH1 1 
ATOM   926  N NH2 . ARG A 1 124 ? 5.515   8.398   7.362   1.00 63.99 ? 137 ARG A NH2 1 
ATOM   927  N N   . VAL A 1 125 ? 8.036   3.616   3.700   1.00 45.33 ? 138 VAL A N   1 
ATOM   928  C CA  . VAL A 1 125 ? 6.851   2.779   3.560   1.00 43.25 ? 138 VAL A CA  1 
ATOM   929  C C   . VAL A 1 125 ? 6.601   1.996   4.861   1.00 42.60 ? 138 VAL A C   1 
ATOM   930  O O   . VAL A 1 125 ? 7.538   1.615   5.575   1.00 42.23 ? 138 VAL A O   1 
ATOM   931  C CB  . VAL A 1 125 ? 6.875   1.904   2.261   1.00 42.59 ? 138 VAL A CB  1 
ATOM   932  C CG1 . VAL A 1 125 ? 7.858   0.766   2.364   1.00 41.99 ? 138 VAL A CG1 1 
ATOM   933  C CG2 . VAL A 1 125 ? 5.506   1.412   1.927   1.00 40.85 ? 138 VAL A CG2 1 
ATOM   934  N N   . ALA A 1 126 ? 5.320   1.799   5.155   1.00 41.33 ? 139 ALA A N   1 
ATOM   935  C CA  . ALA A 1 126 ? 4.883   1.108   6.342   1.00 39.98 ? 139 ALA A CA  1 
ATOM   936  C C   . ALA A 1 126 ? 3.814   0.092   5.960   1.00 39.22 ? 139 ALA A C   1 
ATOM   937  O O   . ALA A 1 126 ? 3.142   0.220   4.929   1.00 38.47 ? 139 ALA A O   1 
ATOM   938  C CB  . ALA A 1 126 ? 4.339   2.110   7.358   1.00 40.27 ? 139 ALA A CB  1 
ATOM   939  N N   . GLY A 1 127 ? 3.664   -0.917  6.808   1.00 38.50 ? 140 GLY A N   1 
ATOM   940  C CA  . GLY A 1 127 ? 2.770   -2.035  6.540   1.00 37.25 ? 140 GLY A CA  1 
ATOM   941  C C   . GLY A 1 127 ? 2.873   -3.004  7.700   1.00 37.01 ? 140 GLY A C   1 
ATOM   942  O O   . GLY A 1 127 ? 3.736   -2.867  8.588   1.00 36.58 ? 140 GLY A O   1 
ATOM   943  N N   . TRP A 1 128 ? 1.975   -3.974  7.689   1.00 36.39 ? 141 TRP A N   1 
ATOM   944  C CA  . TRP A 1 128 ? 1.883   -4.975  8.733   1.00 36.14 ? 141 TRP A CA  1 
ATOM   945  C C   . TRP A 1 128 ? 2.272   -6.346  8.165   1.00 36.31 ? 141 TRP A C   1 
ATOM   946  O O   . TRP A 1 128 ? 1.972   -7.400  8.754   1.00 36.06 ? 141 TRP A O   1 
ATOM   947  C CB  . TRP A 1 128 ? 0.438   -5.044  9.216   1.00 36.11 ? 141 TRP A CB  1 
ATOM   948  C CG  . TRP A 1 128 ? -0.045  -3.912  10.070  1.00 34.95 ? 141 TRP A CG  1 
ATOM   949  C CD1 . TRP A 1 128 ? 0.101   -3.790  11.427  1.00 33.72 ? 141 TRP A CD1 1 
ATOM   950  C CD2 . TRP A 1 128 ? -0.801  -2.772  9.639   1.00 33.27 ? 141 TRP A CD2 1 
ATOM   951  N NE1 . TRP A 1 128 ? -0.526  -2.640  11.862  1.00 34.01 ? 141 TRP A NE1 1 
ATOM   952  C CE2 . TRP A 1 128 ? -1.075  -1.993  10.789  1.00 33.14 ? 141 TRP A CE2 1 
ATOM   953  C CE3 . TRP A 1 128 ? -1.256  -2.322  8.391   1.00 33.38 ? 141 TRP A CE3 1 
ATOM   954  C CZ2 . TRP A 1 128 ? -1.789  -0.800  10.733  1.00 33.09 ? 141 TRP A CZ2 1 
ATOM   955  C CZ3 . TRP A 1 128 ? -1.977  -1.139  8.332   1.00 34.07 ? 141 TRP A CZ3 1 
ATOM   956  C CH2 . TRP A 1 128 ? -2.245  -0.395  9.504   1.00 34.63 ? 141 TRP A CH2 1 
ATOM   957  N N   . GLY A 1 129 ? 2.920   -6.320  7.002   1.00 36.29 ? 142 GLY A N   1 
ATOM   958  C CA  . GLY A 1 129 ? 3.193   -7.524  6.238   1.00 35.44 ? 142 GLY A CA  1 
ATOM   959  C C   . GLY A 1 129 ? 4.387   -8.215  6.826   1.00 35.14 ? 142 GLY A C   1 
ATOM   960  O O   . GLY A 1 129 ? 4.898   -7.782  7.860   1.00 34.92 ? 142 GLY A O   1 
ATOM   961  N N   . ARG A 1 130 ? 4.832   -9.272  6.144   1.00 35.18 ? 143 ARG A N   1 
ATOM   962  C CA  . ARG A 1 130 ? 5.907   -10.152 6.615   1.00 35.16 ? 143 ARG A CA  1 
ATOM   963  C C   . ARG A 1 130 ? 7.199   -9.398  6.829   1.00 35.52 ? 143 ARG A C   1 
ATOM   964  O O   . ARG A 1 130 ? 7.514   -8.487  6.060   1.00 35.87 ? 143 ARG A O   1 
ATOM   965  C CB  . ARG A 1 130 ? 6.190   -11.244 5.594   1.00 35.01 ? 143 ARG A CB  1 
ATOM   966  C CG  . ARG A 1 130 ? 5.049   -12.169 5.252   1.00 34.32 ? 143 ARG A CG  1 
ATOM   967  C CD  . ARG A 1 130 ? 5.631   -13.550 4.975   1.00 32.95 ? 143 ARG A CD  1 
ATOM   968  N NE  . ARG A 1 130 ? 4.783   -14.427 4.179   1.00 32.20 ? 143 ARG A NE  1 
ATOM   969  C CZ  . ARG A 1 130 ? 4.365   -15.628 4.569   1.00 32.81 ? 143 ARG A CZ  1 
ATOM   970  N NH1 . ARG A 1 130 ? 4.686   -16.094 5.776   1.00 31.04 ? 143 ARG A NH1 1 
ATOM   971  N NH2 . ARG A 1 130 ? 3.615   -16.359 3.745   1.00 32.17 ? 143 ARG A NH2 1 
ATOM   972  N N   . THR A 1 131 ? 7.957   -9.805  7.847   1.00 35.77 ? 144 THR A N   1 
ATOM   973  C CA  . THR A 1 131 ? 9.247   -9.185  8.178   1.00 35.91 ? 144 THR A CA  1 
ATOM   974  C C   . THR A 1 131 ? 10.474  -9.998  7.759   1.00 36.90 ? 144 THR A C   1 
ATOM   975  O O   . THR A 1 131 ? 11.575  -9.758  8.262   1.00 37.80 ? 144 THR A O   1 
ATOM   976  C CB  . THR A 1 131 ? 9.380   -8.963  9.679   1.00 35.23 ? 144 THR A CB  1 
ATOM   977  O OG1 . THR A 1 131 ? 9.421   -10.236 10.343  1.00 35.04 ? 144 THR A OG1 1 
ATOM   978  C CG2 . THR A 1 131 ? 8.227   -8.114  10.203  1.00 35.56 ? 144 THR A CG2 1 
ATOM   979  N N   . GLY A 1 132 ? 10.286  -10.953 6.853   1.00 37.55 ? 145 GLY A N   1 
ATOM   980  C CA  . GLY A 1 132 ? 11.326  -11.873 6.408   1.00 37.88 ? 145 GLY A CA  1 
ATOM   981  C C   . GLY A 1 132 ? 10.637  -12.777 5.414   1.00 38.85 ? 145 GLY A C   1 
ATOM   982  O O   . GLY A 1 132 ? 9.414   -12.661 5.212   1.00 39.15 ? 145 GLY A O   1 
ATOM   983  N N   . VAL A 1 133 ? 11.384  -13.690 4.801   1.00 39.33 ? 146 VAL A N   1 
ATOM   984  C CA  . VAL A 1 133 ? 10.851  -14.432 3.659   1.00 39.47 ? 146 VAL A CA  1 
ATOM   985  C C   . VAL A 1 133 ? 9.687   -15.425 4.016   1.00 40.30 ? 146 VAL A C   1 
ATOM   986  O O   . VAL A 1 133 ? 8.646   -15.508 3.282   1.00 40.76 ? 146 VAL A O   1 
ATOM   987  C CB  . VAL A 1 133 ? 12.009  -15.033 2.798   1.00 39.64 ? 146 VAL A CB  1 
ATOM   988  C CG1 . VAL A 1 133 ? 12.015  -16.581 2.820   1.00 38.59 ? 146 VAL A CG1 1 
ATOM   989  C CG2 . VAL A 1 133 ? 11.943  -14.494 1.368   1.00 38.60 ? 146 VAL A CG2 1 
ATOM   990  N N   . LEU A 1 134 ? 9.823   -16.157 5.126   1.00 39.73 ? 147 LEU A N   1 
ATOM   991  C CA  . LEU A 1 134 ? 8.688   -16.991 5.594   1.00 39.69 ? 147 LEU A CA  1 
ATOM   992  C C   . LEU A 1 134 ? 8.387   -16.698 7.063   1.00 39.85 ? 147 LEU A C   1 
ATOM   993  O O   . LEU A 1 134 ? 8.068   -17.598 7.856   1.00 39.27 ? 147 LEU A O   1 
ATOM   994  C CB  . LEU A 1 134 ? 8.947   -18.489 5.386   1.00 39.23 ? 147 LEU A CB  1 
ATOM   995  C CG  . LEU A 1 134 ? 9.405   -18.976 4.010   1.00 39.61 ? 147 LEU A CG  1 
ATOM   996  C CD1 . LEU A 1 134 ? 10.392  -20.142 4.160   1.00 40.15 ? 147 LEU A CD1 1 
ATOM   997  C CD2 . LEU A 1 134 ? 8.260   -19.326 3.093   1.00 37.68 ? 147 LEU A CD2 1 
ATOM   998  N N   . LYS A 1 135 ? 8.523   -15.421 7.413   1.00 40.01 ? 148 LYS A N   1 
ATOM   999  C CA  . LYS A 1 135 ? 8.303   -14.969 8.770   1.00 40.14 ? 148 LYS A CA  1 
ATOM   1000 C C   . LYS A 1 135 ? 6.829   -14.617 8.923   1.00 40.02 ? 148 LYS A C   1 
ATOM   1001 O O   . LYS A 1 135 ? 6.107   -14.502 7.925   1.00 40.09 ? 148 LYS A O   1 
ATOM   1002 C CB  . LYS A 1 135 ? 9.190   -13.754 9.064   1.00 40.52 ? 148 LYS A CB  1 
ATOM   1003 C CG  . LYS A 1 135 ? 10.678  -14.073 9.194   1.00 40.79 ? 148 LYS A CG  1 
ATOM   1004 C CD  . LYS A 1 135 ? 11.151  -14.248 10.632  1.00 39.72 ? 148 LYS A CD  1 
ATOM   1005 C CE  . LYS A 1 135 ? 12.605  -14.722 10.652  1.00 39.14 ? 148 LYS A CE  1 
ATOM   1006 N NZ  . LYS A 1 135 ? 12.627  -16.205 10.394  1.00 39.87 1 148 LYS A NZ  1 
ATOM   1007 N N   . PRO A 1 136 ? 6.362   -14.460 10.168  1.00 40.04 ? 150 PRO A N   1 
ATOM   1008 C CA  . PRO A 1 136 ? 4.995   -13.964 10.302  1.00 40.16 ? 150 PRO A CA  1 
ATOM   1009 C C   . PRO A 1 136 ? 4.935   -12.493 9.945   1.00 39.96 ? 150 PRO A C   1 
ATOM   1010 O O   . PRO A 1 136 ? 5.968   -11.809 9.948   1.00 40.44 ? 150 PRO A O   1 
ATOM   1011 C CB  . PRO A 1 136 ? 4.703   -14.128 11.796  1.00 40.12 ? 150 PRO A CB  1 
ATOM   1012 C CG  . PRO A 1 136 ? 5.857   -14.927 12.351  1.00 40.19 ? 150 PRO A CG  1 
ATOM   1013 C CD  . PRO A 1 136 ? 7.009   -14.640 11.477  1.00 40.01 ? 150 PRO A CD  1 
ATOM   1014 N N   . GLY A 1 137 ? 3.735   -12.009 9.653   1.00 39.84 ? 151 GLY A N   1 
ATOM   1015 C CA  . GLY A 1 137 ? 3.471   -10.571 9.573   1.00 39.74 ? 151 GLY A CA  1 
ATOM   1016 C C   . GLY A 1 137 ? 3.782   -9.854  10.880  1.00 39.77 ? 151 GLY A C   1 
ATOM   1017 O O   . GLY A 1 137 ? 4.267   -10.437 11.834  1.00 40.02 ? 151 GLY A O   1 
ATOM   1018 N N   . SER A 1 138 ? 3.514   -8.569  10.919  1.00 40.08 ? 152 SER A N   1 
ATOM   1019 C CA  . SER A 1 138 ? 3.737   -7.805  12.120  1.00 40.02 ? 152 SER A CA  1 
ATOM   1020 C C   . SER A 1 138 ? 2.396   -7.444  12.726  1.00 40.08 ? 152 SER A C   1 
ATOM   1021 O O   . SER A 1 138 ? 1.448   -7.112  12.007  1.00 40.68 ? 152 SER A O   1 
ATOM   1022 C CB  . SER A 1 138 ? 4.510   -6.554  11.774  1.00 39.83 ? 152 SER A CB  1 
ATOM   1023 O OG  . SER A 1 138 ? 5.108   -6.031  12.932  1.00 41.98 ? 152 SER A OG  1 
ATOM   1024 N N   . ASP A 1 139 ? 2.288   -7.558  14.042  1.00 39.95 ? 153 ASP A N   1 
ATOM   1025 C CA  . ASP A 1 139 ? 1.130   -7.043  14.737  1.00 40.12 ? 153 ASP A CA  1 
ATOM   1026 C C   . ASP A 1 139 ? 1.205   -5.499  14.680  1.00 40.73 ? 153 ASP A C   1 
ATOM   1027 O O   . ASP A 1 139 ? 0.281   -4.834  14.181  1.00 40.80 ? 153 ASP A O   1 
ATOM   1028 C CB  . ASP A 1 139 ? 1.121   -7.536  16.178  1.00 40.04 ? 153 ASP A CB  1 
ATOM   1029 C CG  . ASP A 1 139 ? 0.824   -9.044  16.307  1.00 40.91 ? 153 ASP A CG  1 
ATOM   1030 O OD1 . ASP A 1 139 ? 0.330   -9.696  15.332  1.00 39.03 ? 153 ASP A OD1 1 
ATOM   1031 O OD2 . ASP A 1 139 ? 1.074   -9.561  17.428  1.00 40.42 ? 153 ASP A OD2 1 
ATOM   1032 N N   . THR A 1 140 ? 2.327   -4.941  15.144  1.00 40.35 ? 154 THR A N   1 
ATOM   1033 C CA  . THR A 1 140 ? 2.531   -3.507  15.138  1.00 40.41 ? 154 THR A CA  1 
ATOM   1034 C C   . THR A 1 140 ? 2.967   -3.016  13.749  1.00 40.64 ? 154 THR A C   1 
ATOM   1035 O O   . THR A 1 140 ? 3.774   -3.660  13.073  1.00 40.32 ? 154 THR A O   1 
ATOM   1036 C CB  . THR A 1 140 ? 3.562   -3.115  16.212  1.00 40.88 ? 154 THR A CB  1 
ATOM   1037 O OG1 . THR A 1 140 ? 4.840   -3.682  15.888  1.00 41.75 ? 154 THR A OG1 1 
ATOM   1038 C CG2 . THR A 1 140 ? 3.132   -3.639  17.593  1.00 41.32 ? 154 THR A CG2 1 
ATOM   1039 N N   . LEU A 1 141 ? 2.432   -1.866  13.332  1.00 40.90 ? 155 LEU A N   1 
ATOM   1040 C CA  . LEU A 1 141 ? 2.732   -1.256  12.030  1.00 41.02 ? 155 LEU A CA  1 
ATOM   1041 C C   . LEU A 1 141 ? 4.200   -0.914  11.879  1.00 41.42 ? 155 LEU A C   1 
ATOM   1042 O O   . LEU A 1 141 ? 4.775   -0.252  12.742  1.00 41.71 ? 155 LEU A O   1 
ATOM   1043 C CB  . LEU A 1 141 ? 1.926   0.025   11.873  1.00 41.08 ? 155 LEU A CB  1 
ATOM   1044 C CG  . LEU A 1 141 ? 2.115   0.852   10.597  1.00 40.95 ? 155 LEU A CG  1 
ATOM   1045 C CD1 . LEU A 1 141 ? 1.523   0.146   9.395   1.00 39.85 ? 155 LEU A CD1 1 
ATOM   1046 C CD2 . LEU A 1 141 ? 1.483   2.213   10.774  1.00 39.32 ? 155 LEU A CD2 1 
ATOM   1047 N N   . GLN A 1 142 ? 4.800   -1.337  10.773  1.00 41.73 ? 156 GLN A N   1 
ATOM   1048 C CA  . GLN A 1 142 ? 6.248   -1.217  10.605  1.00 42.00 ? 156 GLN A CA  1 
ATOM   1049 C C   . GLN A 1 142 ? 6.550   -0.237  9.495   1.00 42.47 ? 156 GLN A C   1 
ATOM   1050 O O   . GLN A 1 142 ? 5.879   -0.248  8.454   1.00 42.54 ? 156 GLN A O   1 
ATOM   1051 C CB  . GLN A 1 142 ? 6.865   -2.582  10.242  1.00 42.16 ? 156 GLN A CB  1 
ATOM   1052 C CG  . GLN A 1 142 ? 6.777   -3.674  11.297  1.00 41.65 ? 156 GLN A CG  1 
ATOM   1053 C CD  . GLN A 1 142 ? 7.925   -3.613  12.289  1.00 42.52 ? 156 GLN A CD  1 
ATOM   1054 O OE1 . GLN A 1 142 ? 7.719   -3.621  13.498  1.00 42.55 ? 156 GLN A OE1 1 
ATOM   1055 N NE2 . GLN A 1 142 ? 9.144   -3.530  11.778  1.00 44.94 ? 156 GLN A NE2 1 
ATOM   1056 N N   . GLU A 1 143 ? 7.584   0.572   9.689   1.00 42.84 ? 157 GLU A N   1 
ATOM   1057 C CA  . GLU A 1 143 ? 8.057   1.444   8.620   1.00 43.62 ? 157 GLU A CA  1 
ATOM   1058 C C   . GLU A 1 143 ? 9.537   1.229   8.229   1.00 43.76 ? 157 GLU A C   1 
ATOM   1059 O O   . GLU A 1 143 ? 10.376  0.861   9.061   1.00 43.52 ? 157 GLU A O   1 
ATOM   1060 C CB  . GLU A 1 143 ? 7.816   2.893   9.001   1.00 43.83 ? 157 GLU A CB  1 
ATOM   1061 C CG  . GLU A 1 143 ? 7.855   3.882   7.844   1.00 45.64 ? 157 GLU A CG  1 
ATOM   1062 C CD  . GLU A 1 143 ? 7.380   5.254   8.285   1.00 49.43 ? 157 GLU A CD  1 
ATOM   1063 O OE1 . GLU A 1 143 ? 7.812   5.694   9.387   1.00 51.38 ? 157 GLU A OE1 1 
ATOM   1064 O OE2 . GLU A 1 143 ? 6.556   5.868   7.554   1.00 49.42 ? 157 GLU A OE2 1 
ATOM   1065 N N   . VAL A 1 144 ? 9.838   1.472   6.954   1.00 44.04 ? 158 VAL A N   1 
ATOM   1066 C CA  . VAL A 1 144 ? 11.175  1.291   6.413   1.00 44.31 ? 158 VAL A CA  1 
ATOM   1067 C C   . VAL A 1 144 ? 11.519  2.436   5.450   1.00 45.32 ? 158 VAL A C   1 
ATOM   1068 O O   . VAL A 1 144 ? 10.642  2.922   4.717   1.00 45.06 ? 158 VAL A O   1 
ATOM   1069 C CB  . VAL A 1 144 ? 11.327  -0.127  5.765   1.00 43.99 ? 158 VAL A CB  1 
ATOM   1070 C CG1 . VAL A 1 144 ? 10.899  -0.152  4.317   1.00 43.02 ? 158 VAL A CG1 1 
ATOM   1071 C CG2 . VAL A 1 144 ? 12.732  -0.643  5.909   1.00 43.69 ? 158 VAL A CG2 1 
ATOM   1072 N N   . LYS A 1 145 ? 12.782  2.881   5.491   1.00 46.49 ? 159 LYS A N   1 
ATOM   1073 C CA  . LYS A 1 145 ? 13.295  3.951   4.615   1.00 47.45 ? 159 LYS A CA  1 
ATOM   1074 C C   . LYS A 1 145 ? 13.966  3.353   3.400   1.00 47.54 ? 159 LYS A C   1 
ATOM   1075 O O   . LYS A 1 145 ? 14.942  2.636   3.524   1.00 47.65 ? 159 LYS A O   1 
ATOM   1076 C CB  . LYS A 1 145 ? 14.266  4.873   5.363   1.00 47.85 ? 159 LYS A CB  1 
ATOM   1077 C CG  . LYS A 1 145 ? 13.541  5.852   6.287   1.00 50.26 ? 159 LYS A CG  1 
ATOM   1078 C CD  . LYS A 1 145 ? 14.443  6.681   7.205   1.00 52.39 ? 159 LYS A CD  1 
ATOM   1079 C CE  . LYS A 1 145 ? 13.539  7.555   8.106   1.00 54.28 ? 159 LYS A CE  1 
ATOM   1080 N NZ  . LYS A 1 145 ? 14.275  8.482   9.039   1.00 55.90 1 159 LYS A NZ  1 
ATOM   1081 N N   . LEU A 1 146 ? 13.432  3.651   2.224   1.00 48.32 ? 160 LEU A N   1 
ATOM   1082 C CA  . LEU A 1 146 ? 13.887  3.033   0.988   1.00 49.07 ? 160 LEU A CA  1 
ATOM   1083 C C   . LEU A 1 146 ? 14.373  4.054   -0.025  1.00 50.38 ? 160 LEU A C   1 
ATOM   1084 O O   . LEU A 1 146 ? 13.788  5.129   -0.138  1.00 50.43 ? 160 LEU A O   1 
ATOM   1085 C CB  . LEU A 1 146 ? 12.756  2.217   0.374   1.00 48.37 ? 160 LEU A CB  1 
ATOM   1086 C CG  . LEU A 1 146 ? 12.253  1.003   1.136   1.00 46.98 ? 160 LEU A CG  1 
ATOM   1087 C CD1 . LEU A 1 146 ? 11.108  0.417   0.370   1.00 46.92 ? 160 LEU A CD1 1 
ATOM   1088 C CD2 . LEU A 1 146 ? 13.330  -0.031  1.314   1.00 44.84 ? 160 LEU A CD2 1 
ATOM   1089 N N   . ARG A 1 147 ? 15.424  3.708   -0.776  1.00 52.27 ? 161 ARG A N   1 
ATOM   1090 C CA  . ARG A 1 147 ? 15.957  4.594   -1.830  1.00 53.91 ? 161 ARG A CA  1 
ATOM   1091 C C   . ARG A 1 147 ? 15.293  4.312   -3.169  1.00 54.56 ? 161 ARG A C   1 
ATOM   1092 O O   . ARG A 1 147 ? 15.355  3.201   -3.687  1.00 54.55 ? 161 ARG A O   1 
ATOM   1093 C CB  . ARG A 1 147 ? 17.484  4.471   -1.951  1.00 54.35 ? 161 ARG A CB  1 
ATOM   1094 C CG  . ARG A 1 147 ? 18.169  5.684   -2.596  1.00 56.21 ? 161 ARG A CG  1 
ATOM   1095 C CD  . ARG A 1 147 ? 19.679  5.763   -2.251  1.00 60.80 ? 161 ARG A CD  1 
ATOM   1096 N NE  . ARG A 1 147 ? 20.452  4.642   -2.808  1.00 63.07 ? 161 ARG A NE  1 
ATOM   1097 C CZ  . ARG A 1 147 ? 21.175  4.694   -3.927  1.00 64.34 ? 161 ARG A CZ  1 
ATOM   1098 N NH1 . ARG A 1 147 ? 21.245  5.820   -4.636  1.00 64.14 ? 161 ARG A NH1 1 
ATOM   1099 N NH2 . ARG A 1 147 ? 21.827  3.612   -4.347  1.00 64.26 ? 161 ARG A NH2 1 
ATOM   1100 N N   . LEU A 1 148 ? 14.637  5.330   -3.709  1.00 55.50 ? 162 LEU A N   1 
ATOM   1101 C CA  . LEU A 1 148 ? 14.013  5.268   -5.019  1.00 56.35 ? 162 LEU A CA  1 
ATOM   1102 C C   . LEU A 1 148 ? 15.080  5.122   -6.130  1.00 57.16 ? 162 LEU A C   1 
ATOM   1103 O O   . LEU A 1 148 ? 16.188  5.660   -6.004  1.00 56.93 ? 162 LEU A O   1 
ATOM   1104 C CB  . LEU A 1 148 ? 13.216  6.544   -5.193  1.00 55.89 ? 162 LEU A CB  1 
ATOM   1105 C CG  . LEU A 1 148 ? 12.353  6.634   -6.433  1.00 57.13 ? 162 LEU A CG  1 
ATOM   1106 C CD1 . LEU A 1 148 ? 11.172  5.654   -6.331  1.00 57.32 ? 162 LEU A CD1 1 
ATOM   1107 C CD2 . LEU A 1 148 ? 11.889  8.077   -6.627  1.00 57.50 ? 162 LEU A CD2 1 
ATOM   1108 N N   . MET A 1 149 ? 14.772  4.404   -7.214  1.00 58.18 ? 163 MET A N   1 
ATOM   1109 C CA  . MET A 1 149 ? 15.830  4.096   -8.195  1.00 59.22 ? 163 MET A CA  1 
ATOM   1110 C C   . MET A 1 149 ? 15.570  4.319   -9.689  1.00 60.09 ? 163 MET A C   1 
ATOM   1111 O O   . MET A 1 149 ? 14.419  4.458   -10.141 1.00 60.00 ? 163 MET A O   1 
ATOM   1112 C CB  . MET A 1 149 ? 16.368  2.672   -8.002  1.00 58.98 ? 163 MET A CB  1 
ATOM   1113 C CG  . MET A 1 149 ? 16.657  2.315   -6.581  1.00 59.78 ? 163 MET A CG  1 
ATOM   1114 S SD  . MET A 1 149 ? 18.336  1.790   -6.297  1.00 61.07 ? 163 MET A SD  1 
ATOM   1115 C CE  . MET A 1 149 ? 19.120  3.367   -6.004  1.00 60.82 ? 163 MET A CE  1 
ATOM   1116 N N   . ASP A 1 150 ? 16.691  4.349   -10.426 1.00 61.10 ? 164 ASP A N   1 
ATOM   1117 C CA  . ASP A 1 150 ? 16.740  4.278   -11.879 1.00 62.02 ? 164 ASP A CA  1 
ATOM   1118 C C   . ASP A 1 150 ? 15.991  3.063   -12.385 1.00 62.19 ? 164 ASP A C   1 
ATOM   1119 O O   . ASP A 1 150 ? 16.184  1.960   -11.853 1.00 61.88 ? 164 ASP A O   1 
ATOM   1120 C CB  . ASP A 1 150 ? 18.196  4.151   -12.349 1.00 62.56 ? 164 ASP A CB  1 
ATOM   1121 C CG  . ASP A 1 150 ? 18.912  5.492   -12.456 1.00 64.79 ? 164 ASP A CG  1 
ATOM   1122 O OD1 . ASP A 1 150 ? 20.159  5.492   -12.627 1.00 67.78 ? 164 ASP A OD1 1 
ATOM   1123 O OD2 . ASP A 1 150 ? 18.243  6.547   -12.378 1.00 65.73 ? 164 ASP A OD2 1 
ATOM   1124 N N   . PRO A 1 151 ? 15.172  3.244   -13.444 1.00 62.66 ? 165 PRO A N   1 
ATOM   1125 C CA  . PRO A 1 151 ? 14.487  2.122   -14.090 1.00 63.21 ? 165 PRO A CA  1 
ATOM   1126 C C   . PRO A 1 151 ? 15.413  0.992   -14.604 1.00 64.10 ? 165 PRO A C   1 
ATOM   1127 O O   . PRO A 1 151 ? 14.917  -0.061  -14.997 1.00 64.77 ? 165 PRO A O   1 
ATOM   1128 C CB  . PRO A 1 151 ? 13.744  2.787   -15.255 1.00 62.88 ? 165 PRO A CB  1 
ATOM   1129 C CG  . PRO A 1 151 ? 13.589  4.202   -14.852 1.00 62.33 ? 165 PRO A CG  1 
ATOM   1130 C CD  . PRO A 1 151 ? 14.823  4.529   -14.082 1.00 62.56 ? 165 PRO A CD  1 
ATOM   1131 N N   . GLN A 1 152 ? 16.731  1.187   -14.601 1.00 64.76 ? 166 GLN A N   1 
ATOM   1132 C CA  . GLN A 1 152 ? 17.653  0.127   -15.039 1.00 65.71 ? 166 GLN A CA  1 
ATOM   1133 C C   . GLN A 1 152 ? 17.851  -0.946  -13.965 1.00 65.78 ? 166 GLN A C   1 
ATOM   1134 O O   . GLN A 1 152 ? 18.254  -2.083  -14.274 1.00 65.64 ? 166 GLN A O   1 
ATOM   1135 C CB  . GLN A 1 152 ? 19.013  0.692   -15.469 1.00 65.92 ? 166 GLN A CB  1 
ATOM   1136 C CG  . GLN A 1 152 ? 18.992  1.428   -16.812 1.00 68.24 ? 166 GLN A CG  1 
ATOM   1137 C CD  . GLN A 1 152 ? 18.606  2.935   -16.704 1.00 71.93 ? 166 GLN A CD  1 
ATOM   1138 O OE1 . GLN A 1 152 ? 18.593  3.646   -17.720 1.00 71.13 ? 166 GLN A OE1 1 
ATOM   1139 N NE2 . GLN A 1 152 ? 18.305  3.418   -15.475 1.00 71.82 ? 166 GLN A NE2 1 
ATOM   1140 N N   . ALA A 1 153 ? 17.560  -0.579  -12.712 1.00 65.81 ? 167 ALA A N   1 
ATOM   1141 C CA  . ALA A 1 153 ? 17.758  -1.475  -11.560 1.00 65.58 ? 167 ALA A CA  1 
ATOM   1142 C C   . ALA A 1 153 ? 16.710  -2.587  -11.501 1.00 65.39 ? 167 ALA A C   1 
ATOM   1143 O O   . ALA A 1 153 ? 16.931  -3.634  -10.893 1.00 65.40 ? 167 ALA A O   1 
ATOM   1144 C CB  . ALA A 1 153 ? 17.770  -0.678  -10.260 1.00 65.62 ? 167 ALA A CB  1 
ATOM   1145 N N   . CYS A 1 154 ? 15.580  -2.349  -12.156 1.00 65.07 ? 168 CYS A N   1 
ATOM   1146 C CA  . CYS A 1 154 ? 14.465  -3.274  -12.152 1.00 65.04 ? 168 CYS A CA  1 
ATOM   1147 C C   . CYS A 1 154 ? 14.385  -4.003  -13.491 1.00 65.89 ? 168 CYS A C   1 
ATOM   1148 O O   . CYS A 1 154 ? 13.296  -4.395  -13.943 1.00 65.36 ? 168 CYS A O   1 
ATOM   1149 C CB  . CYS A 1 154 ? 13.157  -2.505  -11.869 1.00 64.81 ? 168 CYS A CB  1 
ATOM   1150 S SG  . CYS A 1 154 ? 12.840  -2.095  -10.113 1.00 61.19 ? 168 CYS A SG  1 
ATOM   1151 N N   . SER A 1 155 ? 15.545  -4.184  -14.123 1.00 67.19 ? 169 SER A N   1 
ATOM   1152 C CA  . SER A 1 155 ? 15.626  -4.800  -15.460 1.00 68.32 ? 169 SER A CA  1 
ATOM   1153 C C   . SER A 1 155 ? 15.094  -6.225  -15.468 1.00 68.94 ? 169 SER A C   1 
ATOM   1154 O O   . SER A 1 155 ? 14.252  -6.564  -16.308 1.00 69.40 ? 169 SER A O   1 
ATOM   1155 C CB  . SER A 1 155 ? 17.051  -4.766  -16.009 1.00 68.19 ? 169 SER A CB  1 
ATOM   1156 O OG  . SER A 1 155 ? 17.301  -3.506  -16.591 1.00 68.95 ? 169 SER A OG  1 
ATOM   1157 N N   . HIS A 1 156 ? 15.561  -7.035  -14.514 1.00 69.12 ? 172 HIS A N   1 
ATOM   1158 C CA  . HIS A 1 156 ? 15.137  -8.432  -14.383 1.00 69.55 ? 172 HIS A CA  1 
ATOM   1159 C C   . HIS A 1 156 ? 13.613  -8.690  -14.311 1.00 69.18 ? 172 HIS A C   1 
ATOM   1160 O O   . HIS A 1 156 ? 13.151  -9.801  -14.633 1.00 69.36 ? 172 HIS A O   1 
ATOM   1161 C CB  . HIS A 1 156 ? 15.864  -9.108  -13.213 1.00 70.28 ? 172 HIS A CB  1 
ATOM   1162 C CG  . HIS A 1 156 ? 15.847  -8.316  -11.939 1.00 72.23 ? 172 HIS A CG  1 
ATOM   1163 N ND1 . HIS A 1 156 ? 16.801  -7.364  -11.638 1.00 74.15 ? 172 HIS A ND1 1 
ATOM   1164 C CD2 . HIS A 1 156 ? 15.004  -8.351  -10.877 1.00 72.70 ? 172 HIS A CD2 1 
ATOM   1165 C CE1 . HIS A 1 156 ? 16.542  -6.842  -10.451 1.00 73.57 ? 172 HIS A CE1 1 
ATOM   1166 N NE2 . HIS A 1 156 ? 15.458  -7.424  -9.969  1.00 73.01 ? 172 HIS A NE2 1 
ATOM   1167 N N   . PHE A 1 157 ? 12.840  -7.676  -13.905 1.00 68.48 ? 173 PHE A N   1 
ATOM   1168 C CA  . PHE A 1 157 ? 11.369  -7.770  -13.907 1.00 67.58 ? 173 PHE A CA  1 
ATOM   1169 C C   . PHE A 1 157 ? 10.866  -7.574  -15.313 1.00 67.57 ? 173 PHE A C   1 
ATOM   1170 O O   . PHE A 1 157 ? 10.586  -6.448  -15.714 1.00 67.60 ? 173 PHE A O   1 
ATOM   1171 C CB  . PHE A 1 157 ? 10.722  -6.725  -12.991 1.00 67.03 ? 173 PHE A CB  1 
ATOM   1172 C CG  . PHE A 1 157 ? 11.111  -6.856  -11.556 1.00 64.73 ? 173 PHE A CG  1 
ATOM   1173 C CD1 . PHE A 1 157 ? 10.770  -7.985  -10.832 1.00 63.24 ? 173 PHE A CD1 1 
ATOM   1174 C CD2 . PHE A 1 157 ? 11.821  -5.842  -10.923 1.00 62.82 ? 173 PHE A CD2 1 
ATOM   1175 C CE1 . PHE A 1 157 ? 11.144  -8.100  -9.501  1.00 63.35 ? 173 PHE A CE1 1 
ATOM   1176 C CE2 . PHE A 1 157 ? 12.199  -5.949  -9.588  1.00 61.81 ? 173 PHE A CE2 1 
ATOM   1177 C CZ  . PHE A 1 157 ? 11.867  -7.072  -8.877  1.00 61.63 ? 173 PHE A CZ  1 
ATOM   1178 N N   . ARG A 1 158 ? 10.751  -8.678  -16.046 1.00 67.48 ? 174 ARG A N   1 
ATOM   1179 C CA  . ARG A 1 158 ? 10.420  -8.653  -17.468 1.00 67.40 ? 174 ARG A CA  1 
ATOM   1180 C C   . ARG A 1 158 ? 9.373   -7.611  -17.851 1.00 66.61 ? 174 ARG A C   1 
ATOM   1181 O O   . ARG A 1 158 ? 9.487   -7.008  -18.918 1.00 66.69 ? 174 ARG A O   1 
ATOM   1182 C CB  . ARG A 1 158 ? 9.988   -10.045 -17.958 1.00 68.12 ? 174 ARG A CB  1 
ATOM   1183 C CG  . ARG A 1 158 ? 11.076  -10.866 -18.701 1.00 69.93 ? 174 ARG A CG  1 
ATOM   1184 C CD  . ARG A 1 158 ? 10.546  -12.244 -19.201 1.00 73.87 ? 174 ARG A CD  1 
ATOM   1185 N NE  . ARG A 1 158 ? 9.465   -12.148 -20.205 1.00 76.16 ? 174 ARG A NE  1 
ATOM   1186 C CZ  . ARG A 1 158 ? 8.152   -12.116 -19.927 1.00 77.43 ? 174 ARG A CZ  1 
ATOM   1187 N NH1 . ARG A 1 158 ? 7.710   -12.167 -18.661 1.00 76.63 ? 174 ARG A NH1 1 
ATOM   1188 N NH2 . ARG A 1 158 ? 7.267   -12.026 -20.918 1.00 76.04 ? 174 ARG A NH2 1 
ATOM   1189 N N   . ASP A 1 159 ? 8.385   -7.373  -16.983 1.00 65.67 ? 175 ASP A N   1 
ATOM   1190 C CA  . ASP A 1 159 ? 7.224   -6.523  -17.342 1.00 64.95 ? 175 ASP A CA  1 
ATOM   1191 C C   . ASP A 1 159 ? 7.161   -5.094  -16.737 1.00 64.45 ? 175 ASP A C   1 
ATOM   1192 O O   . ASP A 1 159 ? 6.099   -4.471  -16.678 1.00 64.25 ? 175 ASP A O   1 
ATOM   1193 C CB  . ASP A 1 159 ? 5.925   -7.299  -17.090 1.00 64.92 ? 175 ASP A CB  1 
ATOM   1194 C CG  . ASP A 1 159 ? 5.891   -8.631  -17.831 1.00 64.55 ? 175 ASP A CG  1 
ATOM   1195 O OD1 . ASP A 1 159 ? 5.941   -8.604  -19.075 1.00 63.55 ? 175 ASP A OD1 1 
ATOM   1196 O OD2 . ASP A 1 159 ? 5.823   -9.696  -17.172 1.00 63.00 ? 175 ASP A OD2 1 
ATOM   1197 N N   . PHE A 1 160 ? 8.312   -4.579  -16.315 1.00 63.93 ? 176 PHE A N   1 
ATOM   1198 C CA  . PHE A 1 160 ? 8.417   -3.243  -15.731 1.00 63.42 ? 176 PHE A CA  1 
ATOM   1199 C C   . PHE A 1 160 ? 8.217   -2.176  -16.803 1.00 62.90 ? 176 PHE A C   1 
ATOM   1200 O O   . PHE A 1 160 ? 8.735   -2.302  -17.906 1.00 63.05 ? 176 PHE A O   1 
ATOM   1201 C CB  . PHE A 1 160 ? 9.790   -3.082  -15.064 1.00 63.34 ? 176 PHE A CB  1 
ATOM   1202 C CG  . PHE A 1 160 ? 9.977   -1.778  -14.345 1.00 63.93 ? 176 PHE A CG  1 
ATOM   1203 C CD1 . PHE A 1 160 ? 9.750   -1.686  -12.974 1.00 65.82 ? 176 PHE A CD1 1 
ATOM   1204 C CD2 . PHE A 1 160 ? 10.393  -0.640  -15.029 1.00 64.98 ? 176 PHE A CD2 1 
ATOM   1205 C CE1 . PHE A 1 160 ? 9.925   -0.474  -12.286 1.00 66.46 ? 176 PHE A CE1 1 
ATOM   1206 C CE2 . PHE A 1 160 ? 10.565  0.581   -14.362 1.00 65.81 ? 176 PHE A CE2 1 
ATOM   1207 C CZ  . PHE A 1 160 ? 10.332  0.663   -12.984 1.00 66.53 ? 176 PHE A CZ  1 
ATOM   1208 N N   . ASP A 1 161 ? 7.465   -1.135  -16.465 1.00 62.23 ? 177 ASP A N   1 
ATOM   1209 C CA  . ASP A 1 161 ? 7.312   0.035   -17.315 1.00 61.64 ? 177 ASP A CA  1 
ATOM   1210 C C   . ASP A 1 161 ? 7.589   1.306   -16.518 1.00 61.32 ? 177 ASP A C   1 
ATOM   1211 O O   . ASP A 1 161 ? 6.821   1.658   -15.632 1.00 61.30 ? 177 ASP A O   1 
ATOM   1212 C CB  . ASP A 1 161 ? 5.904   0.078   -17.889 1.00 61.64 ? 177 ASP A CB  1 
ATOM   1213 C CG  . ASP A 1 161 ? 5.788   1.006   -19.059 1.00 62.45 ? 177 ASP A CG  1 
ATOM   1214 O OD1 . ASP A 1 161 ? 5.750   2.244   -18.870 1.00 64.01 ? 177 ASP A OD1 1 
ATOM   1215 O OD2 . ASP A 1 161 ? 5.741   0.488   -20.186 1.00 63.65 ? 177 ASP A OD2 1 
ATOM   1216 N N   . HIS A 1 162 ? 8.686   1.986   -16.844 1.00 61.15 ? 178 HIS A N   1 
ATOM   1217 C CA  . HIS A 1 162 ? 9.136   3.191   -16.133 1.00 60.89 ? 178 HIS A CA  1 
ATOM   1218 C C   . HIS A 1 162 ? 8.069   4.279   -16.055 1.00 59.97 ? 178 HIS A C   1 
ATOM   1219 O O   . HIS A 1 162 ? 8.089   5.100   -15.145 1.00 59.96 ? 178 HIS A O   1 
ATOM   1220 C CB  . HIS A 1 162 ? 10.408  3.767   -16.783 1.00 61.42 ? 178 HIS A CB  1 
ATOM   1221 C CG  . HIS A 1 162 ? 10.176  4.411   -18.125 1.00 64.25 ? 178 HIS A CG  1 
ATOM   1222 N ND1 . HIS A 1 162 ? 10.342  3.733   -19.321 1.00 66.16 ? 178 HIS A ND1 1 
ATOM   1223 C CD2 . HIS A 1 162 ? 9.793   5.670   -18.460 1.00 65.29 ? 178 HIS A CD2 1 
ATOM   1224 C CE1 . HIS A 1 162 ? 10.078  4.550   -20.328 1.00 66.71 ? 178 HIS A CE1 1 
ATOM   1225 N NE2 . HIS A 1 162 ? 9.736   5.728   -19.833 1.00 65.99 ? 178 HIS A NE2 1 
ATOM   1226 N N   . ASN A 1 163 A 7.154   4.290   -17.015 1.00 58.87 ? 178 ASN A N   1 
ATOM   1227 C CA  . ASN A 1 163 A 6.081   5.271   -17.030 1.00 58.06 ? 178 ASN A CA  1 
ATOM   1228 C C   . ASN A 1 163 A 4.981   4.995   -16.013 1.00 57.18 ? 178 ASN A C   1 
ATOM   1229 O O   . ASN A 1 163 A 4.364   5.932   -15.489 1.00 57.34 ? 178 ASN A O   1 
ATOM   1230 C CB  . ASN A 1 163 A 5.477   5.370   -18.429 1.00 58.43 ? 178 ASN A CB  1 
ATOM   1231 C CG  . ASN A 1 163 A 6.467   5.908   -19.442 1.00 59.02 ? 178 ASN A CG  1 
ATOM   1232 O OD1 . ASN A 1 163 A 6.856   7.069   -19.378 1.00 58.52 ? 178 ASN A OD1 1 
ATOM   1233 N ND2 . ASN A 1 163 A 6.887   5.061   -20.376 1.00 59.42 ? 178 ASN A ND2 1 
ATOM   1234 N N   . LEU A 1 164 ? 4.744   3.711   -15.739 1.00 55.84 ? 179 LEU A N   1 
ATOM   1235 C CA  . LEU A 1 164 ? 3.633   3.274   -14.897 1.00 54.44 ? 179 LEU A CA  1 
ATOM   1236 C C   . LEU A 1 164 ? 4.058   2.985   -13.470 1.00 53.82 ? 179 LEU A C   1 
ATOM   1237 O O   . LEU A 1 164 ? 3.220   2.984   -12.556 1.00 53.34 ? 179 LEU A O   1 
ATOM   1238 C CB  . LEU A 1 164 ? 2.975   2.016   -15.471 1.00 54.23 ? 179 LEU A CB  1 
ATOM   1239 C CG  . LEU A 1 164 ? 2.548   1.998   -16.938 1.00 54.59 ? 179 LEU A CG  1 
ATOM   1240 C CD1 . LEU A 1 164 ? 2.346   0.581   -17.425 1.00 55.83 ? 179 LEU A CD1 1 
ATOM   1241 C CD2 . LEU A 1 164 ? 1.293   2.784   -17.166 1.00 54.77 ? 179 LEU A CD2 1 
ATOM   1242 N N   . GLN A 1 165 ? 5.354   2.735   -13.280 1.00 53.16 ? 180 GLN A N   1 
ATOM   1243 C CA  . GLN A 1 165 ? 5.839   2.139   -12.044 1.00 52.64 ? 180 GLN A CA  1 
ATOM   1244 C C   . GLN A 1 165 ? 7.163   2.694   -11.583 1.00 52.48 ? 180 GLN A C   1 
ATOM   1245 O O   . GLN A 1 165 ? 7.918   3.253   -12.373 1.00 52.83 ? 180 GLN A O   1 
ATOM   1246 C CB  . GLN A 1 165 ? 5.975   0.633   -12.209 1.00 52.67 ? 180 GLN A CB  1 
ATOM   1247 C CG  . GLN A 1 165 ? 4.675   -0.107  -12.433 1.00 52.75 ? 180 GLN A CG  1 
ATOM   1248 C CD  . GLN A 1 165 ? 4.927   -1.449  -13.075 1.00 55.62 ? 180 GLN A CD  1 
ATOM   1249 O OE1 . GLN A 1 165 ? 6.082   -1.835  -13.264 1.00 59.02 ? 180 GLN A OE1 1 
ATOM   1250 N NE2 . GLN A 1 165 ? 3.863   -2.169  -13.421 1.00 55.55 ? 180 GLN A NE2 1 
ATOM   1251 N N   . LEU A 1 166 ? 7.438   2.510   -10.295 1.00 52.42 ? 181 LEU A N   1 
ATOM   1252 C CA  . LEU A 1 166 ? 8.651   2.997   -9.648  1.00 52.23 ? 181 LEU A CA  1 
ATOM   1253 C C   . LEU A 1 166 ? 9.477   1.812   -9.194  1.00 52.57 ? 181 LEU A C   1 
ATOM   1254 O O   . LEU A 1 166 ? 8.967   0.698   -9.089  1.00 52.87 ? 181 LEU A O   1 
ATOM   1255 C CB  . LEU A 1 166 ? 8.317   3.897   -8.457  1.00 51.83 ? 181 LEU A CB  1 
ATOM   1256 C CG  . LEU A 1 166 ? 7.503   5.165   -8.764  1.00 52.44 ? 181 LEU A CG  1 
ATOM   1257 C CD1 . LEU A 1 166 ? 7.109   5.930   -7.498  1.00 52.00 ? 181 LEU A CD1 1 
ATOM   1258 C CD2 . LEU A 1 166 ? 8.247   6.079   -9.724  1.00 53.47 ? 181 LEU A CD2 1 
ATOM   1259 N N   . CYS A 1 167 ? 10.753  2.063   -8.927  1.00 52.58 ? 182 CYS A N   1 
ATOM   1260 C CA  . CYS A 1 167 ? 11.711  1.022   -8.658  1.00 53.15 ? 182 CYS A CA  1 
ATOM   1261 C C   . CYS A 1 167 ? 12.393  1.361   -7.341  1.00 52.94 ? 182 CYS A C   1 
ATOM   1262 O O   . CYS A 1 167 ? 13.160  2.324   -7.235  1.00 53.21 ? 182 CYS A O   1 
ATOM   1263 C CB  . CYS A 1 167 ? 12.718  0.947   -9.816  1.00 53.64 ? 182 CYS A CB  1 
ATOM   1264 S SG  . CYS A 1 167 ? 13.933  -0.384  -9.714  1.00 56.82 ? 182 CYS A SG  1 
ATOM   1265 N N   . VAL A 1 168 ? 12.108  0.575   -6.317  1.00 52.68 ? 183 VAL A N   1 
ATOM   1266 C CA  . VAL A 1 168 ? 12.387  1.032   -4.968  1.00 52.30 ? 183 VAL A CA  1 
ATOM   1267 C C   . VAL A 1 168 ? 13.269  0.062   -4.209  1.00 52.53 ? 183 VAL A C   1 
ATOM   1268 O O   . VAL A 1 168 ? 12.994  -1.125  -4.190  1.00 52.85 ? 183 VAL A O   1 
ATOM   1269 C CB  . VAL A 1 168 ? 11.061  1.290   -4.187  1.00 52.08 ? 183 VAL A CB  1 
ATOM   1270 C CG1 . VAL A 1 168 ? 11.328  1.896   -2.822  1.00 51.89 ? 183 VAL A CG1 1 
ATOM   1271 C CG2 . VAL A 1 168 ? 10.135  2.200   -4.977  1.00 51.05 ? 183 VAL A CG2 1 
ATOM   1272 N N   . GLY A 1 169 ? 14.334  0.585   -3.604  1.00 52.82 ? 184 GLY A N   1 
ATOM   1273 C CA  . GLY A 1 169 ? 15.170  -0.167  -2.684  1.00 53.10 ? 184 GLY A CA  1 
ATOM   1274 C C   . GLY A 1 169 ? 16.557  -0.534  -3.193  1.00 53.53 ? 184 GLY A C   1 
ATOM   1275 O O   . GLY A 1 169 ? 16.738  -0.900  -4.359  1.00 53.76 ? 184 GLY A O   1 
ATOM   1276 N N   . ASN A 1 170 ? 17.526  -0.464  -2.288  1.00 53.41 ? 185 ASN A N   1 
ATOM   1277 C CA  . ASN A 1 170 ? 18.900  -0.798  -2.572  1.00 53.51 ? 185 ASN A CA  1 
ATOM   1278 C C   . ASN A 1 170 ? 19.125  -2.314  -2.582  1.00 53.67 ? 185 ASN A C   1 
ATOM   1279 O O   . ASN A 1 170 ? 18.989  -2.960  -1.534  1.00 53.49 ? 185 ASN A O   1 
ATOM   1280 C CB  . ASN A 1 170 ? 19.783  -0.146  -1.502  1.00 53.69 ? 185 ASN A CB  1 
ATOM   1281 C CG  . ASN A 1 170 ? 21.237  0.011   -1.937  1.00 53.73 ? 185 ASN A CG  1 
ATOM   1282 O OD1 . ASN A 1 170 ? 21.939  -0.958  -2.292  1.00 53.11 ? 185 ASN A OD1 1 
ATOM   1283 N ND2 . ASN A 1 170 ? 21.704  1.242   -1.888  1.00 53.92 ? 185 ASN A ND2 1 
ATOM   1284 N N   . PRO A 1 171 ? 19.525  -2.878  -3.748  1.00 53.91 ? 186 PRO A N   1 
ATOM   1285 C CA  . PRO A 1 171 ? 19.790  -4.327  -3.873  1.00 54.09 ? 186 PRO A CA  1 
ATOM   1286 C C   . PRO A 1 171 ? 20.850  -4.795  -2.900  1.00 54.70 ? 186 PRO A C   1 
ATOM   1287 O O   . PRO A 1 171 ? 20.875  -5.956  -2.536  1.00 55.09 ? 186 PRO A O   1 
ATOM   1288 C CB  . PRO A 1 171 ? 20.333  -4.467  -5.289  1.00 53.85 ? 186 PRO A CB  1 
ATOM   1289 C CG  . PRO A 1 171 ? 20.884  -3.108  -5.608  1.00 53.53 ? 186 PRO A CG  1 
ATOM   1290 C CD  . PRO A 1 171 ? 19.968  -2.137  -4.943  1.00 53.45 ? 186 PRO A CD  1 
ATOM   1291 N N   . ARG A 1 172 A 21.719  -3.891  -2.478  1.00 55.42 ? 186 ARG A N   1 
ATOM   1292 C CA  . ARG A 1 172 A 22.809  -4.252  -1.592  1.00 56.59 ? 186 ARG A CA  1 
ATOM   1293 C C   . ARG A 1 172 A 22.315  -4.345  -0.152  1.00 56.27 ? 186 ARG A C   1 
ATOM   1294 O O   . ARG A 1 172 A 23.058  -4.733  0.741   1.00 56.10 ? 186 ARG A O   1 
ATOM   1295 C CB  . ARG A 1 172 A 23.944  -3.223  -1.712  1.00 57.24 ? 186 ARG A CB  1 
ATOM   1296 C CG  . ARG A 1 172 A 24.777  -3.324  -3.014  1.00 60.33 ? 186 ARG A CG  1 
ATOM   1297 C CD  . ARG A 1 172 A 25.428  -1.969  -3.434  1.00 66.49 ? 186 ARG A CD  1 
ATOM   1298 N NE  . ARG A 1 172 A 25.698  -1.055  -2.303  1.00 70.56 ? 186 ARG A NE  1 
ATOM   1299 C CZ  . ARG A 1 172 A 26.881  -0.896  -1.698  1.00 71.38 ? 186 ARG A CZ  1 
ATOM   1300 N NH1 . ARG A 1 172 A 27.945  -1.586  -2.101  1.00 71.02 ? 186 ARG A NH1 1 
ATOM   1301 N NH2 . ARG A 1 172 A 27.001  -0.038  -0.685  1.00 71.78 ? 186 ARG A NH2 1 
ATOM   1302 N N   . LYS A 1 173 B 21.057  -3.974  0.059   1.00 56.13 ? 186 LYS A N   1 
ATOM   1303 C CA  . LYS A 1 173 B 20.464  -3.945  1.394   1.00 55.73 ? 186 LYS A CA  1 
ATOM   1304 C C   . LYS A 1 173 B 19.263  -4.900  1.492   1.00 55.12 ? 186 LYS A C   1 
ATOM   1305 O O   . LYS A 1 173 B 18.655  -5.276  0.479   1.00 54.42 ? 186 LYS A O   1 
ATOM   1306 C CB  . LYS A 1 173 B 20.036  -2.517  1.773   1.00 55.93 ? 186 LYS A CB  1 
ATOM   1307 C CG  . LYS A 1 173 B 21.167  -1.560  2.143   1.00 56.75 ? 186 LYS A CG  1 
ATOM   1308 C CD  . LYS A 1 173 B 20.628  -0.128  2.361   1.00 58.22 ? 186 LYS A CD  1 
ATOM   1309 C CE  . LYS A 1 173 B 21.732  0.819   2.869   1.00 60.15 ? 186 LYS A CE  1 
ATOM   1310 N NZ  . LYS A 1 173 B 21.370  2.280   2.812   1.00 60.29 1 186 LYS A NZ  1 
ATOM   1311 N N   . THR A 1 174 ? 18.932  -5.274  2.728   1.00 54.51 ? 187 THR A N   1 
ATOM   1312 C CA  . THR A 1 174 ? 17.836  -6.213  2.998   1.00 54.01 ? 187 THR A CA  1 
ATOM   1313 C C   . THR A 1 174 ? 16.443  -5.525  3.067   1.00 53.31 ? 187 THR A C   1 
ATOM   1314 O O   . THR A 1 174 ? 15.430  -6.189  2.848   1.00 53.25 ? 187 THR A O   1 
ATOM   1315 C CB  . THR A 1 174 ? 18.098  -7.065  4.289   1.00 53.94 ? 187 THR A CB  1 
ATOM   1316 O OG1 . THR A 1 174 ? 17.727  -6.324  5.456   1.00 53.96 ? 187 THR A OG1 1 
ATOM   1317 C CG2 . THR A 1 174 ? 19.566  -7.465  4.404   1.00 54.42 ? 187 THR A CG2 1 
ATOM   1318 N N   . LYS A 1 175 ? 16.430  -4.208  3.350   1.00 52.23 ? 188 LYS A N   1 
ATOM   1319 C CA  . LYS A 1 175 ? 15.230  -3.382  3.597   1.00 50.73 ? 188 LYS A CA  1 
ATOM   1320 C C   . LYS A 1 175 ? 14.275  -3.391  2.431   1.00 50.29 ? 188 LYS A C   1 
ATOM   1321 O O   . LYS A 1 175 ? 14.693  -3.158  1.289   1.00 50.68 ? 188 LYS A O   1 
ATOM   1322 C CB  . LYS A 1 175 ? 15.626  -1.932  3.868   1.00 50.53 ? 188 LYS A CB  1 
ATOM   1323 C CG  . LYS A 1 175 ? 16.686  -1.747  4.943   1.00 50.91 ? 188 LYS A CG  1 
ATOM   1324 C CD  . LYS A 1 175 ? 16.563  -0.405  5.669   1.00 51.43 ? 188 LYS A CD  1 
ATOM   1325 C CE  . LYS A 1 175 ? 17.046  0.751   4.812   1.00 52.88 ? 188 LYS A CE  1 
ATOM   1326 N NZ  . LYS A 1 175 ? 17.186  2.015   5.610   1.00 53.67 1 188 LYS A NZ  1 
ATOM   1327 N N   . SER A 1 176 ? 12.997  -3.651  2.707   1.00 49.28 ? 189 SER A N   1 
ATOM   1328 C CA  . SER A 1 176 ? 11.990  -3.657  1.643   1.00 48.67 ? 189 SER A CA  1 
ATOM   1329 C C   . SER A 1 176 ? 10.557  -3.809  2.122   1.00 48.12 ? 189 SER A C   1 
ATOM   1330 O O   . SER A 1 176 ? 10.306  -4.239  3.242   1.00 48.18 ? 189 SER A O   1 
ATOM   1331 C CB  . SER A 1 176 ? 12.272  -4.763  0.629   1.00 48.54 ? 189 SER A CB  1 
ATOM   1332 O OG  . SER A 1 176 ? 11.104  -5.016  -0.134  1.00 48.79 ? 189 SER A OG  1 
ATOM   1333 N N   . ALA A 1 177 ? 9.617   -3.474  1.248   1.00 47.44 ? 190 ALA A N   1 
ATOM   1334 C CA  . ALA A 1 177 ? 8.232   -3.829  1.484   1.00 47.29 ? 190 ALA A CA  1 
ATOM   1335 C C   . ALA A 1 177 ? 8.121   -5.287  1.099   1.00 47.31 ? 190 ALA A C   1 
ATOM   1336 O O   . ALA A 1 177 ? 8.859   -5.741  0.220   1.00 47.40 ? 190 ALA A O   1 
ATOM   1337 C CB  . ALA A 1 177 ? 7.323   -2.994  0.640   1.00 47.01 ? 190 ALA A CB  1 
ATOM   1338 N N   . PHE A 1 178 ? 7.229   -6.030  1.748   1.00 47.01 ? 191 PHE A N   1 
ATOM   1339 C CA  . PHE A 1 178 ? 7.107   -7.459  1.438   1.00 46.88 ? 191 PHE A CA  1 
ATOM   1340 C C   . PHE A 1 178 ? 5.660   -8.016  1.366   1.00 46.33 ? 191 PHE A C   1 
ATOM   1341 O O   . PHE A 1 178 ? 4.698   -7.251  1.283   1.00 46.32 ? 191 PHE A O   1 
ATOM   1342 C CB  . PHE A 1 178 ? 8.040   -8.293  2.334   1.00 47.06 ? 191 PHE A CB  1 
ATOM   1343 C CG  . PHE A 1 178 ? 8.433   -9.598  1.720   1.00 47.74 ? 191 PHE A CG  1 
ATOM   1344 C CD1 . PHE A 1 178 ? 8.958   -9.637  0.429   1.00 49.53 ? 191 PHE A CD1 1 
ATOM   1345 C CD2 . PHE A 1 178 ? 8.261   -10.785 2.410   1.00 48.08 ? 191 PHE A CD2 1 
ATOM   1346 C CE1 . PHE A 1 178 ? 9.306   -10.849 -0.167  1.00 50.49 ? 191 PHE A CE1 1 
ATOM   1347 C CE2 . PHE A 1 178 ? 8.608   -12.000 1.839   1.00 49.05 ? 191 PHE A CE2 1 
ATOM   1348 C CZ  . PHE A 1 178 ? 9.129   -12.035 0.539   1.00 49.74 ? 191 PHE A CZ  1 
ATOM   1349 N N   . LYS A 1 179 ? 5.503   -9.336  1.353   1.00 45.50 ? 192 LYS A N   1 
ATOM   1350 C CA  . LYS A 1 179 ? 4.164   -9.919  1.254   1.00 44.99 ? 192 LYS A CA  1 
ATOM   1351 C C   . LYS A 1 179 ? 3.232   -9.391  2.357   1.00 44.11 ? 192 LYS A C   1 
ATOM   1352 O O   . LYS A 1 179 ? 3.554   -9.477  3.538   1.00 44.05 ? 192 LYS A O   1 
ATOM   1353 C CB  . LYS A 1 179 ? 4.224   -11.459 1.298   1.00 45.32 ? 192 LYS A CB  1 
ATOM   1354 C CG  . LYS A 1 179 ? 4.495   -12.187 -0.041  1.00 45.18 ? 192 LYS A CG  1 
ATOM   1355 C CD  . LYS A 1 179 ? 5.916   -12.729 -0.115  1.00 46.05 ? 192 LYS A CD  1 
ATOM   1356 C CE  . LYS A 1 179 ? 5.969   -14.213 -0.521  1.00 47.12 ? 192 LYS A CE  1 
ATOM   1357 N NZ  . LYS A 1 179 ? 5.634   -14.452 -1.959  1.00 47.08 1 192 LYS A NZ  1 
ATOM   1358 N N   . GLY A 1 180 ? 2.079   -8.857  1.976   1.00 43.27 ? 193 GLY A N   1 
ATOM   1359 C CA  . GLY A 1 180 ? 1.169   -8.289  2.963   1.00 42.50 ? 193 GLY A CA  1 
ATOM   1360 C C   . GLY A 1 180 ? 1.308   -6.781  3.083   1.00 42.42 ? 193 GLY A C   1 
ATOM   1361 O O   . GLY A 1 180 ? 0.476   -6.124  3.698   1.00 42.63 ? 193 GLY A O   1 
ATOM   1362 N N   . ASP A 1 181 ? 2.362   -6.222  2.491   1.00 41.86 ? 194 ASP A N   1 
ATOM   1363 C CA  . ASP A 1 181 ? 2.520   -4.775  2.436   1.00 40.83 ? 194 ASP A CA  1 
ATOM   1364 C C   . ASP A 1 181 ? 1.798   -4.158  1.227   1.00 40.65 ? 194 ASP A C   1 
ATOM   1365 O O   . ASP A 1 181 ? 1.611   -2.928  1.175   1.00 41.10 ? 194 ASP A O   1 
ATOM   1366 C CB  . ASP A 1 181 ? 3.996   -4.386  2.473   1.00 40.30 ? 194 ASP A CB  1 
ATOM   1367 C CG  . ASP A 1 181 ? 4.688   -4.832  3.756   1.00 40.18 ? 194 ASP A CG  1 
ATOM   1368 O OD1 . ASP A 1 181 ? 4.022   -4.869  4.814   1.00 39.33 ? 194 ASP A OD1 1 
ATOM   1369 O OD2 . ASP A 1 181 ? 5.900   -5.144  3.710   1.00 38.35 ? 194 ASP A OD2 1 
ATOM   1370 N N   . SER A 1 182 ? 1.367   -4.993  0.275   1.00 39.62 ? 195 SER A N   1 
ATOM   1371 C CA  . SER A 1 182 ? 0.644   -4.494  -0.907  1.00 38.94 ? 195 SER A CA  1 
ATOM   1372 C C   . SER A 1 182 ? -0.397  -3.440  -0.568  1.00 38.56 ? 195 SER A C   1 
ATOM   1373 O O   . SER A 1 182 ? -1.075  -3.520  0.448   1.00 37.98 ? 195 SER A O   1 
ATOM   1374 C CB  . SER A 1 182 ? -0.033  -5.639  -1.661  1.00 38.99 ? 195 SER A CB  1 
ATOM   1375 O OG  . SER A 1 182 ? 0.915   -6.583  -2.113  1.00 38.90 ? 195 SER A OG  1 
ATOM   1376 N N   . GLY A 1 183 ? -0.538  -2.461  -1.445  1.00 39.06 ? 196 GLY A N   1 
ATOM   1377 C CA  . GLY A 1 183 ? -1.464  -1.344  -1.216  1.00 39.85 ? 196 GLY A CA  1 
ATOM   1378 C C   . GLY A 1 183 ? -0.909  -0.202  -0.359  1.00 40.19 ? 196 GLY A C   1 
ATOM   1379 O O   . GLY A 1 183 ? -1.511  0.874   -0.280  1.00 39.54 ? 196 GLY A O   1 
ATOM   1380 N N   . GLY A 1 184 ? 0.237   -0.447  0.282   1.00 40.89 ? 197 GLY A N   1 
ATOM   1381 C CA  . GLY A 1 184 ? 0.890   0.553   1.118   1.00 41.87 ? 197 GLY A CA  1 
ATOM   1382 C C   . GLY A 1 184 ? 1.381   1.714   0.272   1.00 42.91 ? 197 GLY A C   1 
ATOM   1383 O O   . GLY A 1 184 ? 1.761   1.513   -0.889  1.00 43.53 ? 197 GLY A O   1 
ATOM   1384 N N   . PRO A 1 185 ? 1.354   2.945   0.830   1.00 43.19 ? 198 PRO A N   1 
ATOM   1385 C CA  . PRO A 1 185 ? 1.870   4.134   0.153   1.00 42.80 ? 198 PRO A CA  1 
ATOM   1386 C C   . PRO A 1 185 ? 3.349   4.409   0.431   1.00 42.72 ? 198 PRO A C   1 
ATOM   1387 O O   . PRO A 1 185 ? 3.825   4.304   1.579   1.00 42.51 ? 198 PRO A O   1 
ATOM   1388 C CB  . PRO A 1 185 ? 1.019   5.244   0.746   1.00 42.57 ? 198 PRO A CB  1 
ATOM   1389 C CG  . PRO A 1 185 ? 0.819   4.800   2.148   1.00 42.90 ? 198 PRO A CG  1 
ATOM   1390 C CD  . PRO A 1 185 ? 0.646   3.305   2.074   1.00 43.31 ? 198 PRO A CD  1 
ATOM   1391 N N   . LEU A 1 186 ? 4.049   4.759   -0.643  1.00 42.74 ? 199 LEU A N   1 
ATOM   1392 C CA  . LEU A 1 186 ? 5.438   5.168   -0.613  1.00 42.79 ? 199 LEU A CA  1 
ATOM   1393 C C   . LEU A 1 186 ? 5.466   6.686   -0.587  1.00 43.30 ? 199 LEU A C   1 
ATOM   1394 O O   . LEU A 1 186 ? 4.845   7.336   -1.426  1.00 43.05 ? 199 LEU A O   1 
ATOM   1395 C CB  . LEU A 1 186 ? 6.138   4.661   -1.862  1.00 42.30 ? 199 LEU A CB  1 
ATOM   1396 C CG  . LEU A 1 186 ? 7.623   4.929   -2.057  1.00 41.91 ? 199 LEU A CG  1 
ATOM   1397 C CD1 . LEU A 1 186 ? 8.466   3.958   -1.243  1.00 39.99 ? 199 LEU A CD1 1 
ATOM   1398 C CD2 . LEU A 1 186 ? 7.922   4.796   -3.533  1.00 41.25 ? 199 LEU A CD2 1 
ATOM   1399 N N   . LEU A 1 187 ? 6.185   7.247   0.378   1.00 44.21 ? 200 LEU A N   1 
ATOM   1400 C CA  . LEU A 1 187 ? 6.169   8.694   0.600   1.00 45.11 ? 200 LEU A CA  1 
ATOM   1401 C C   . LEU A 1 187 ? 7.554   9.315   0.409   1.00 46.05 ? 200 LEU A C   1 
ATOM   1402 O O   . LEU A 1 187 ? 8.457   9.063   1.209   1.00 46.65 ? 200 LEU A O   1 
ATOM   1403 C CB  . LEU A 1 187 ? 5.672   9.007   2.015   1.00 45.00 ? 200 LEU A CB  1 
ATOM   1404 C CG  . LEU A 1 187 ? 4.183   9.170   2.315   1.00 44.12 ? 200 LEU A CG  1 
ATOM   1405 C CD1 . LEU A 1 187 ? 3.600   7.891   2.851   1.00 43.12 ? 200 LEU A CD1 1 
ATOM   1406 C CD2 . LEU A 1 187 ? 4.066   10.233  3.346   1.00 43.54 ? 200 LEU A CD2 1 
ATOM   1407 N N   . CYS A 1 188 ? 7.743   10.132  -0.624  1.00 46.48 ? 201 CYS A N   1 
ATOM   1408 C CA  . CYS A 1 188 ? 9.077   10.689  -0.838  1.00 47.16 ? 201 CYS A CA  1 
ATOM   1409 C C   . CYS A 1 188 ? 9.093   12.175  -0.521  1.00 47.41 ? 201 CYS A C   1 
ATOM   1410 O O   . CYS A 1 188 ? 8.292   12.932  -1.082  1.00 47.35 ? 201 CYS A O   1 
ATOM   1411 C CB  . CYS A 1 188 ? 9.605   10.352  -2.233  1.00 46.88 ? 201 CYS A CB  1 
ATOM   1412 S SG  . CYS A 1 188 ? 9.265   8.630   -2.651  1.00 48.13 ? 201 CYS A SG  1 
ATOM   1413 N N   . ALA A 1 189 ? 9.986   12.559  0.404   1.00 47.65 ? 202 ALA A N   1 
ATOM   1414 C CA  . ALA A 1 189 ? 9.969   13.876  1.060   1.00 48.08 ? 202 ALA A CA  1 
ATOM   1415 C C   . ALA A 1 189 ? 8.536   14.387  1.303   1.00 48.26 ? 202 ALA A C   1 
ATOM   1416 O O   . ALA A 1 189 ? 8.111   15.395  0.723   1.00 48.13 ? 202 ALA A O   1 
ATOM   1417 C CB  . ALA A 1 189 ? 10.789  14.893  0.269   1.00 48.02 ? 202 ALA A CB  1 
ATOM   1418 N N   . GLY A 1 190 ? 7.786   13.650  2.122   1.00 48.46 ? 207 GLY A N   1 
ATOM   1419 C CA  . GLY A 1 190 ? 6.419   14.026  2.485   1.00 48.67 ? 207 GLY A CA  1 
ATOM   1420 C C   . GLY A 1 190 ? 5.286   13.701  1.516   1.00 49.09 ? 207 GLY A C   1 
ATOM   1421 O O   . GLY A 1 190 ? 4.124   13.646  1.935   1.00 49.25 ? 207 GLY A O   1 
ATOM   1422 N N   . VAL A 1 191 ? 5.588   13.489  0.230   1.00 49.21 ? 208 VAL A N   1 
ATOM   1423 C CA  . VAL A 1 191 ? 4.522   13.260  -0.772  1.00 49.22 ? 208 VAL A CA  1 
ATOM   1424 C C   . VAL A 1 191 ? 4.364   11.790  -1.121  1.00 49.36 ? 208 VAL A C   1 
ATOM   1425 O O   . VAL A 1 191 ? 5.354   11.090  -1.367  1.00 50.07 ? 208 VAL A O   1 
ATOM   1426 C CB  . VAL A 1 191 ? 4.782   14.010  -2.090  1.00 49.17 ? 208 VAL A CB  1 
ATOM   1427 C CG1 . VAL A 1 191 ? 3.607   13.806  -3.060  1.00 49.04 ? 208 VAL A CG1 1 
ATOM   1428 C CG2 . VAL A 1 191 ? 5.014   15.468  -1.819  1.00 49.32 ? 208 VAL A CG2 1 
ATOM   1429 N N   . ALA A 1 192 ? 3.119   11.327  -1.169  1.00 48.81 ? 209 ALA A N   1 
ATOM   1430 C CA  . ALA A 1 192 ? 2.843   9.969   -1.594  1.00 48.02 ? 209 ALA A CA  1 
ATOM   1431 C C   . ALA A 1 192 ? 3.145   9.849   -3.084  1.00 47.88 ? 209 ALA A C   1 
ATOM   1432 O O   . ALA A 1 192 ? 2.470   10.465  -3.911  1.00 47.93 ? 209 ALA A O   1 
ATOM   1433 C CB  . ALA A 1 192 ? 1.405   9.606   -1.306  1.00 47.56 ? 209 ALA A CB  1 
ATOM   1434 N N   . GLN A 1 193 ? 4.156   9.045   -3.413  1.00 47.57 ? 210 GLN A N   1 
ATOM   1435 C CA  . GLN A 1 193 ? 4.610   8.868   -4.791  1.00 47.13 ? 210 GLN A CA  1 
ATOM   1436 C C   . GLN A 1 193 ? 4.367   7.490   -5.402  1.00 46.96 ? 210 GLN A C   1 
ATOM   1437 O O   . GLN A 1 193 ? 4.248   7.376   -6.627  1.00 47.18 ? 210 GLN A O   1 
ATOM   1438 C CB  . GLN A 1 193 ? 6.091   9.184   -4.871  1.00 47.03 ? 210 GLN A CB  1 
ATOM   1439 C CG  . GLN A 1 193 ? 6.394   10.637  -4.614  1.00 47.59 ? 210 GLN A CG  1 
ATOM   1440 C CD  . GLN A 1 193 ? 5.878   11.542  -5.717  1.00 48.35 ? 210 GLN A CD  1 
ATOM   1441 O OE1 . GLN A 1 193 ? 5.318   11.081  -6.714  1.00 48.07 ? 210 GLN A OE1 1 
ATOM   1442 N NE2 . GLN A 1 193 ? 6.066   12.842  -5.539  1.00 48.65 ? 210 GLN A NE2 1 
ATOM   1443 N N   . GLY A 1 194 ? 4.308   6.455   -4.559  1.00 46.68 ? 211 GLY A N   1 
ATOM   1444 C CA  . GLY A 1 194 ? 4.193   5.049   -5.021  1.00 46.00 ? 211 GLY A CA  1 
ATOM   1445 C C   . GLY A 1 194 ? 3.189   4.195   -4.249  1.00 45.39 ? 211 GLY A C   1 
ATOM   1446 O O   . GLY A 1 194 ? 2.701   4.586   -3.189  1.00 45.53 ? 211 GLY A O   1 
ATOM   1447 N N   . ILE A 1 195 ? 2.856   3.034   -4.794  1.00 44.82 ? 212 ILE A N   1 
ATOM   1448 C CA  . ILE A 1 195 ? 2.048   2.046   -4.068  1.00 44.18 ? 212 ILE A CA  1 
ATOM   1449 C C   . ILE A 1 195 ? 2.649   0.651   -4.211  1.00 43.73 ? 212 ILE A C   1 
ATOM   1450 O O   . ILE A 1 195 ? 2.859   0.166   -5.327  1.00 43.73 ? 212 ILE A O   1 
ATOM   1451 C CB  . ILE A 1 195 ? 0.600   1.970   -4.565  1.00 44.32 ? 212 ILE A CB  1 
ATOM   1452 C CG1 . ILE A 1 195 ? -0.083  3.339   -4.510  1.00 44.39 ? 212 ILE A CG1 1 
ATOM   1453 C CG2 . ILE A 1 195 ? -0.173  0.931   -3.750  1.00 43.72 ? 212 ILE A CG2 1 
ATOM   1454 C CD1 . ILE A 1 195 ? -1.285  3.431   -5.437  1.00 44.56 ? 212 ILE A CD1 1 
ATOM   1455 N N   . VAL A 1 196 ? 2.901   0.013   -3.074  1.00 42.94 ? 213 VAL A N   1 
ATOM   1456 C CA  . VAL A 1 196 ? 3.455   -1.328  -3.039  1.00 42.14 ? 213 VAL A CA  1 
ATOM   1457 C C   . VAL A 1 196 ? 2.670   -2.240  -3.980  1.00 42.10 ? 213 VAL A C   1 
ATOM   1458 O O   . VAL A 1 196 ? 1.461   -2.316  -3.900  1.00 41.38 ? 213 VAL A O   1 
ATOM   1459 C CB  . VAL A 1 196 ? 3.477   -1.911  -1.593  1.00 42.07 ? 213 VAL A CB  1 
ATOM   1460 C CG1 . VAL A 1 196 ? 4.285   -3.176  -1.571  1.00 41.75 ? 213 VAL A CG1 1 
ATOM   1461 C CG2 . VAL A 1 196 ? 4.054   -0.915  -0.566  1.00 40.20 ? 213 VAL A CG2 1 
ATOM   1462 N N   . SER A 1 197 ? 3.372   -2.911  -4.893  1.00 43.06 ? 214 SER A N   1 
ATOM   1463 C CA  . SER A 1 197 ? 2.738   -3.838  -5.844  1.00 43.49 ? 214 SER A CA  1 
ATOM   1464 C C   . SER A 1 197 ? 3.322   -5.246  -5.792  1.00 43.90 ? 214 SER A C   1 
ATOM   1465 O O   . SER A 1 197 ? 2.634   -6.192  -5.432  1.00 44.52 ? 214 SER A O   1 
ATOM   1466 C CB  . SER A 1 197 ? 2.838   -3.307  -7.258  1.00 43.27 ? 214 SER A CB  1 
ATOM   1467 O OG  . SER A 1 197 ? 2.204   -4.199  -8.143  1.00 43.25 ? 214 SER A OG  1 
ATOM   1468 N N   . TYR A 1 198 ? 4.589   -5.387  -6.156  1.00 44.42 ? 215 TYR A N   1 
ATOM   1469 C CA  . TYR A 1 198 ? 5.239   -6.700  -6.151  1.00 44.96 ? 215 TYR A CA  1 
ATOM   1470 C C   . TYR A 1 198 ? 6.760   -6.605  -6.129  1.00 44.77 ? 215 TYR A C   1 
ATOM   1471 O O   . TYR A 1 198 ? 7.310   -5.515  -6.157  1.00 44.95 ? 215 TYR A O   1 
ATOM   1472 C CB  . TYR A 1 198 ? 4.776   -7.555  -7.336  1.00 44.78 ? 215 TYR A CB  1 
ATOM   1473 C CG  . TYR A 1 198 ? 5.283   -7.143  -8.705  1.00 47.01 ? 215 TYR A CG  1 
ATOM   1474 C CD1 . TYR A 1 198 ? 6.488   -7.650  -9.220  1.00 47.86 ? 215 TYR A CD1 1 
ATOM   1475 C CD2 . TYR A 1 198 ? 4.534   -6.275  -9.510  1.00 48.90 ? 215 TYR A CD2 1 
ATOM   1476 C CE1 . TYR A 1 198 ? 6.946   -7.286  -10.504 1.00 48.75 ? 215 TYR A CE1 1 
ATOM   1477 C CE2 . TYR A 1 198 ? 4.973   -5.911  -10.794 1.00 50.39 ? 215 TYR A CE2 1 
ATOM   1478 C CZ  . TYR A 1 198 ? 6.183   -6.420  -11.291 1.00 50.35 ? 215 TYR A CZ  1 
ATOM   1479 O OH  . TYR A 1 198 ? 6.604   -6.046  -12.566 1.00 49.59 ? 215 TYR A OH  1 
ATOM   1480 N N   . GLY A 1 199 ? 7.408   -7.767  -6.077  1.00 45.03 ? 216 GLY A N   1 
ATOM   1481 C CA  . GLY A 1 199 ? 8.859   -7.923  -6.176  1.00 44.99 ? 216 GLY A CA  1 
ATOM   1482 C C   . GLY A 1 199 ? 9.165   -9.405  -6.259  1.00 45.24 ? 216 GLY A C   1 
ATOM   1483 O O   . GLY A 1 199 ? 8.273   -10.222 -6.472  1.00 45.18 ? 216 GLY A O   1 
ATOM   1484 N N   . ARG A 1 200 ? 10.423  -9.770  -6.077  1.00 45.80 ? 217 ARG A N   1 
ATOM   1485 C CA  . ARG A 1 200 ? 10.812  -11.172 -6.152  1.00 46.23 ? 217 ARG A CA  1 
ATOM   1486 C C   . ARG A 1 200 ? 10.482  -11.845 -4.849  1.00 46.78 ? 217 ARG A C   1 
ATOM   1487 O O   . ARG A 1 200 ? 10.775  -11.308 -3.770  1.00 46.88 ? 217 ARG A O   1 
ATOM   1488 C CB  . ARG A 1 200 ? 12.308  -11.320 -6.368  1.00 45.99 ? 217 ARG A CB  1 
ATOM   1489 C CG  . ARG A 1 200 ? 12.910  -10.420 -7.395  1.00 46.40 ? 217 ARG A CG  1 
ATOM   1490 C CD  . ARG A 1 200 ? 14.364  -10.188 -7.040  1.00 48.47 ? 217 ARG A CD  1 
ATOM   1491 N NE  . ARG A 1 200 ? 15.051  -11.435 -6.698  1.00 50.17 ? 217 ARG A NE  1 
ATOM   1492 C CZ  . ARG A 1 200 ? 15.435  -12.354 -7.588  1.00 50.24 ? 217 ARG A CZ  1 
ATOM   1493 N NH1 . ARG A 1 200 ? 15.196  -12.174 -8.886  1.00 49.93 ? 217 ARG A NH1 1 
ATOM   1494 N NH2 . ARG A 1 200 ? 16.045  -13.459 -7.171  1.00 48.91 ? 217 ARG A NH2 1 
ATOM   1495 N N   . SER A 1 201 ? 9.930   -13.051 -4.941  1.00 47.39 ? 218 SER A N   1 
ATOM   1496 C CA  . SER A 1 201 ? 9.551   -13.779 -3.748  1.00 47.87 ? 218 SER A CA  1 
ATOM   1497 C C   . SER A 1 201 ? 10.726  -14.090 -2.806  1.00 48.17 ? 218 SER A C   1 
ATOM   1498 O O   . SER A 1 201 ? 10.526  -14.550 -1.689  1.00 48.78 ? 218 SER A O   1 
ATOM   1499 C CB  . SER A 1 201 ? 8.785   -15.032 -4.128  1.00 47.81 ? 218 SER A CB  1 
ATOM   1500 O OG  . SER A 1 201 ? 9.674   -16.017 -4.588  1.00 49.75 ? 218 SER A OG  1 
ATOM   1501 N N   . ASP A 1 202 ? 11.954  -13.838 -3.225  1.00 48.66 ? 219 ASP A N   1 
ATOM   1502 C CA  . ASP A 1 202 ? 13.063  -14.065 -2.304  1.00 49.46 ? 219 ASP A CA  1 
ATOM   1503 C C   . ASP A 1 202 ? 13.459  -12.807 -1.528  1.00 49.74 ? 219 ASP A C   1 
ATOM   1504 O O   . ASP A 1 202 ? 14.436  -12.823 -0.755  1.00 49.49 ? 219 ASP A O   1 
ATOM   1505 C CB  . ASP A 1 202 ? 14.269  -14.735 -2.996  1.00 50.07 ? 219 ASP A CB  1 
ATOM   1506 C CG  . ASP A 1 202 ? 15.034  -13.795 -3.907  1.00 51.27 ? 219 ASP A CG  1 
ATOM   1507 O OD1 . ASP A 1 202 ? 16.063  -13.238 -3.467  1.00 53.19 ? 219 ASP A OD1 1 
ATOM   1508 O OD2 . ASP A 1 202 ? 14.606  -13.618 -5.061  1.00 53.28 ? 219 ASP A OD2 1 
ATOM   1509 N N   . ALA A 1 203 ? 12.691  -11.730 -1.744  1.00 49.80 ? 220 ALA A N   1 
ATOM   1510 C CA  . ALA A 1 203 ? 12.772  -10.511 -0.933  1.00 49.98 ? 220 ALA A CA  1 
ATOM   1511 C C   . ALA A 1 203 ? 13.850  -9.524  -1.371  1.00 50.44 ? 220 ALA A C   1 
ATOM   1512 O O   . ALA A 1 203 ? 13.864  -8.370  -0.906  1.00 50.81 ? 220 ALA A O   1 
ATOM   1513 C CB  . ALA A 1 203 ? 12.946  -10.857 0.542   1.00 49.75 ? 220 ALA A CB  1 
ATOM   1514 N N   . LYS A 1 204 ? 14.740  -9.975  -2.261  1.00 50.56 ? 221 LYS A N   1 
ATOM   1515 C CA  . LYS A 1 204 ? 15.865  -9.174  -2.783  1.00 50.26 ? 221 LYS A CA  1 
ATOM   1516 C C   . LYS A 1 204 ? 15.397  -7.876  -3.468  1.00 49.64 ? 221 LYS A C   1 
ATOM   1517 O O   . LYS A 1 204 ? 14.727  -7.924  -4.501  1.00 49.51 ? 221 LYS A O   1 
ATOM   1518 C CB  . LYS A 1 204 ? 16.689  -10.021 -3.765  1.00 50.65 ? 221 LYS A CB  1 
ATOM   1519 C CG  . LYS A 1 204 ? 18.190  -10.050 -3.507  1.00 51.68 ? 221 LYS A CG  1 
ATOM   1520 C CD  . LYS A 1 204 ? 18.907  -8.833  -4.092  1.00 53.61 ? 221 LYS A CD  1 
ATOM   1521 C CE  . LYS A 1 204 ? 20.410  -8.922  -3.824  1.00 55.15 ? 221 LYS A CE  1 
ATOM   1522 N NZ  . LYS A 1 204 ? 21.174  -7.934  -4.645  1.00 56.04 1 221 LYS A NZ  1 
ATOM   1523 N N   . PRO A 1 205 ? 15.732  -6.713  -2.881  1.00 49.20 ? 224 PRO A N   1 
ATOM   1524 C CA  . PRO A 1 205 ? 15.333  -5.452  -3.477  1.00 49.10 ? 224 PRO A CA  1 
ATOM   1525 C C   . PRO A 1 205 ? 16.078  -5.286  -4.797  1.00 49.31 ? 224 PRO A C   1 
ATOM   1526 O O   . PRO A 1 205 ? 17.143  -5.887  -4.955  1.00 49.89 ? 224 PRO A O   1 
ATOM   1527 C CB  . PRO A 1 205 ? 15.820  -4.425  -2.455  1.00 48.75 ? 224 PRO A CB  1 
ATOM   1528 C CG  . PRO A 1 205 ? 16.047  -5.194  -1.217  1.00 48.76 ? 224 PRO A CG  1 
ATOM   1529 C CD  . PRO A 1 205 ? 16.535  -6.492  -1.672  1.00 48.92 ? 224 PRO A CD  1 
ATOM   1530 N N   . PRO A 1 206 ? 15.554  -4.469  -5.737  1.00 49.29 ? 225 PRO A N   1 
ATOM   1531 C CA  . PRO A 1 206 ? 14.380  -3.589  -5.676  1.00 49.17 ? 225 PRO A CA  1 
ATOM   1532 C C   . PRO A 1 206 ? 13.024  -4.275  -5.847  1.00 48.78 ? 225 PRO A C   1 
ATOM   1533 O O   . PRO A 1 206 ? 12.942  -5.364  -6.417  1.00 48.94 ? 225 PRO A O   1 
ATOM   1534 C CB  . PRO A 1 206 ? 14.605  -2.639  -6.858  1.00 49.42 ? 225 PRO A CB  1 
ATOM   1535 C CG  . PRO A 1 206 ? 15.327  -3.457  -7.837  1.00 49.12 ? 225 PRO A CG  1 
ATOM   1536 C CD  . PRO A 1 206 ? 16.264  -4.312  -7.019  1.00 49.15 ? 225 PRO A CD  1 
ATOM   1537 N N   . ALA A 1 207 ? 11.978  -3.613  -5.355  1.00 48.15 ? 226 ALA A N   1 
ATOM   1538 C CA  . ALA A 1 207 ? 10.601  -4.051  -5.534  1.00 47.52 ? 226 ALA A CA  1 
ATOM   1539 C C   . ALA A 1 207 ? 9.928   -3.011  -6.411  1.00 47.45 ? 226 ALA A C   1 
ATOM   1540 O O   . ALA A 1 207 ? 10.349  -1.840  -6.424  1.00 47.72 ? 226 ALA A O   1 
ATOM   1541 C CB  . ALA A 1 207 ? 9.898   -4.155  -4.203  1.00 46.90 ? 226 ALA A CB  1 
ATOM   1542 N N   . VAL A 1 208 ? 8.915   -3.452  -7.160  1.00 46.59 ? 227 VAL A N   1 
ATOM   1543 C CA  . VAL A 1 208 ? 8.128   -2.603  -8.047  1.00 45.83 ? 227 VAL A CA  1 
ATOM   1544 C C   . VAL A 1 208 ? 6.977   -1.966  -7.270  1.00 45.60 ? 227 VAL A C   1 
ATOM   1545 O O   . VAL A 1 208 ? 6.285   -2.662  -6.527  1.00 45.72 ? 227 VAL A O   1 
ATOM   1546 C CB  . VAL A 1 208 ? 7.554   -3.442  -9.233  1.00 45.94 ? 227 VAL A CB  1 
ATOM   1547 C CG1 . VAL A 1 208 ? 6.530   -2.662  -10.047 1.00 45.21 ? 227 VAL A CG1 1 
ATOM   1548 C CG2 . VAL A 1 208 ? 8.672   -3.899  -10.130 1.00 45.90 ? 227 VAL A CG2 1 
ATOM   1549 N N   . PHE A 1 209 ? 6.774   -0.655  -7.433  1.00 44.89 ? 228 PHE A N   1 
ATOM   1550 C CA  . PHE A 1 209 ? 5.563   0.001   -6.936  1.00 44.38 ? 228 PHE A CA  1 
ATOM   1551 C C   . PHE A 1 209 ? 4.862   0.694   -8.080  1.00 45.04 ? 228 PHE A C   1 
ATOM   1552 O O   . PHE A 1 209 ? 5.504   1.101   -9.032  1.00 45.12 ? 228 PHE A O   1 
ATOM   1553 C CB  . PHE A 1 209 ? 5.883   1.081   -5.918  1.00 43.49 ? 228 PHE A CB  1 
ATOM   1554 C CG  . PHE A 1 209 ? 6.570   0.597   -4.683  1.00 41.69 ? 228 PHE A CG  1 
ATOM   1555 C CD1 . PHE A 1 209 ? 7.665   -0.251  -4.748  1.00 38.80 ? 228 PHE A CD1 1 
ATOM   1556 C CD2 . PHE A 1 209 ? 6.152   1.053   -3.438  1.00 39.76 ? 228 PHE A CD2 1 
ATOM   1557 C CE1 . PHE A 1 209 ? 8.291   -0.663  -3.594  1.00 38.52 ? 228 PHE A CE1 1 
ATOM   1558 C CE2 . PHE A 1 209 ? 6.791   0.655   -2.284  1.00 37.77 ? 228 PHE A CE2 1 
ATOM   1559 C CZ  . PHE A 1 209 ? 7.860   -0.200  -2.359  1.00 36.68 ? 228 PHE A CZ  1 
ATOM   1560 N N   . THR A 1 210 ? 3.547   0.855   -7.969  1.00 45.81 ? 229 THR A N   1 
ATOM   1561 C CA  . THR A 1 210 ? 2.781   1.655   -8.916  1.00 46.60 ? 229 THR A CA  1 
ATOM   1562 C C   . THR A 1 210 ? 3.100   3.151   -8.762  1.00 47.72 ? 229 THR A C   1 
ATOM   1563 O O   . THR A 1 210 ? 3.084   3.685   -7.645  1.00 48.05 ? 229 THR A O   1 
ATOM   1564 C CB  . THR A 1 210 ? 1.285   1.454   -8.692  1.00 46.46 ? 229 THR A CB  1 
ATOM   1565 O OG1 . THR A 1 210 ? 0.996   0.053   -8.639  1.00 46.34 ? 229 THR A OG1 1 
ATOM   1566 C CG2 . THR A 1 210 ? 0.488   2.096   -9.810  1.00 45.56 ? 229 THR A CG2 1 
ATOM   1567 N N   . ARG A 1 211 ? 3.385   3.830   -9.877  1.00 48.75 ? 230 ARG A N   1 
ATOM   1568 C CA  . ARG A 1 211 ? 3.672   5.269   -9.853  1.00 49.53 ? 230 ARG A CA  1 
ATOM   1569 C C   . ARG A 1 211 ? 2.348   5.990   -9.723  1.00 49.71 ? 230 ARG A C   1 
ATOM   1570 O O   . ARG A 1 211 ? 1.505   5.898   -10.621 1.00 50.09 ? 230 ARG A O   1 
ATOM   1571 C CB  . ARG A 1 211 ? 4.396   5.704   -11.131 1.00 49.77 ? 230 ARG A CB  1 
ATOM   1572 C CG  . ARG A 1 211 ? 4.920   7.137   -11.122 1.00 52.49 ? 230 ARG A CG  1 
ATOM   1573 C CD  . ARG A 1 211 ? 5.441   7.597   -12.484 1.00 55.22 ? 230 ARG A CD  1 
ATOM   1574 N NE  . ARG A 1 211 ? 6.699   6.950   -12.843 1.00 58.05 ? 230 ARG A NE  1 
ATOM   1575 C CZ  . ARG A 1 211 ? 7.874   7.574   -12.930 1.00 60.38 ? 230 ARG A CZ  1 
ATOM   1576 N NH1 . ARG A 1 211 ? 7.963   8.878   -12.693 1.00 61.77 ? 230 ARG A NH1 1 
ATOM   1577 N NH2 . ARG A 1 211 ? 8.967   6.889   -13.260 1.00 60.22 ? 230 ARG A NH2 1 
ATOM   1578 N N   . ILE A 1 212 ? 2.134   6.672   -8.600  1.00 49.80 ? 231 ILE A N   1 
ATOM   1579 C CA  . ILE A 1 212 ? 0.852   7.339   -8.390  1.00 50.24 ? 231 ILE A CA  1 
ATOM   1580 C C   . ILE A 1 212 ? 0.604   8.425   -9.455  1.00 50.43 ? 231 ILE A C   1 
ATOM   1581 O O   . ILE A 1 212 ? -0.495  8.508   -10.016 1.00 50.08 ? 231 ILE A O   1 
ATOM   1582 C CB  . ILE A 1 212 ? 0.715   7.907   -6.964  1.00 50.24 ? 231 ILE A CB  1 
ATOM   1583 C CG1 . ILE A 1 212 ? 0.678   6.776   -5.935  1.00 50.96 ? 231 ILE A CG1 1 
ATOM   1584 C CG2 . ILE A 1 212 ? -0.554  8.738   -6.840  1.00 50.67 ? 231 ILE A CG2 1 
ATOM   1585 C CD1 . ILE A 1 212 ? 0.659   7.252   -4.448  1.00 51.91 ? 231 ILE A CD1 1 
ATOM   1586 N N   . SER A 1 213 ? 1.635   9.220   -9.746  1.00 50.91 ? 232 SER A N   1 
ATOM   1587 C CA  . SER A 1 213 ? 1.544   10.318  -10.716 1.00 52.00 ? 232 SER A CA  1 
ATOM   1588 C C   . SER A 1 213 ? 0.835   9.945   -12.044 1.00 52.58 ? 232 SER A C   1 
ATOM   1589 O O   . SER A 1 213 ? 0.048   10.718  -12.587 1.00 52.52 ? 232 SER A O   1 
ATOM   1590 C CB  . SER A 1 213 ? 2.929   10.934  -10.974 1.00 51.90 ? 232 SER A CB  1 
ATOM   1591 O OG  . SER A 1 213 ? 3.814   9.989   -11.554 1.00 52.36 ? 232 SER A OG  1 
ATOM   1592 N N   . HIS A 1 214 ? 1.084   8.745   -12.542 1.00 53.27 ? 233 HIS A N   1 
ATOM   1593 C CA  . HIS A 1 214 ? 0.422   8.293   -13.750 1.00 54.12 ? 233 HIS A CA  1 
ATOM   1594 C C   . HIS A 1 214 ? -1.098  8.153   -13.602 1.00 54.40 ? 233 HIS A C   1 
ATOM   1595 O O   . HIS A 1 214 ? -1.817  8.135   -14.609 1.00 54.59 ? 233 HIS A O   1 
ATOM   1596 C CB  . HIS A 1 214 ? 1.044   6.970   -14.233 1.00 54.52 ? 233 HIS A CB  1 
ATOM   1597 C CG  . HIS A 1 214 ? 0.528   6.511   -15.566 1.00 55.77 ? 233 HIS A CG  1 
ATOM   1598 N ND1 . HIS A 1 214 ? 1.005   7.010   -16.762 1.00 57.09 ? 233 HIS A ND1 1 
ATOM   1599 C CD2 . HIS A 1 214 ? -0.440  5.621   -15.890 1.00 55.96 ? 233 HIS A CD2 1 
ATOM   1600 C CE1 . HIS A 1 214 ? 0.358   6.436   -17.763 1.00 57.73 ? 233 HIS A CE1 1 
ATOM   1601 N NE2 . HIS A 1 214 ? -0.520  5.585   -17.263 1.00 56.44 ? 233 HIS A NE2 1 
ATOM   1602 N N   . TYR A 1 215 ? -1.590  8.061   -12.364 1.00 54.65 ? 234 TYR A N   1 
ATOM   1603 C CA  . TYR A 1 215 ? -2.986  7.675   -12.150 1.00 54.99 ? 234 TYR A CA  1 
ATOM   1604 C C   . TYR A 1 215 ? -3.886  8.756   -11.563 1.00 56.24 ? 234 TYR A C   1 
ATOM   1605 O O   . TYR A 1 215 ? -5.103  8.554   -11.419 1.00 56.40 ? 234 TYR A O   1 
ATOM   1606 C CB  . TYR A 1 215 ? -3.081  6.373   -11.360 1.00 54.26 ? 234 TYR A CB  1 
ATOM   1607 C CG  . TYR A 1 215 ? -2.444  5.221   -12.094 1.00 53.11 ? 234 TYR A CG  1 
ATOM   1608 C CD1 . TYR A 1 215 ? -1.085  4.954   -11.952 1.00 52.06 ? 234 TYR A CD1 1 
ATOM   1609 C CD2 . TYR A 1 215 ? -3.182  4.417   -12.953 1.00 51.15 ? 234 TYR A CD2 1 
ATOM   1610 C CE1 . TYR A 1 215 ? -0.481  3.914   -12.639 1.00 50.31 ? 234 TYR A CE1 1 
ATOM   1611 C CE2 . TYR A 1 215 ? -2.582  3.367   -13.648 1.00 49.51 ? 234 TYR A CE2 1 
ATOM   1612 C CZ  . TYR A 1 215 ? -1.230  3.124   -13.483 1.00 49.62 ? 234 TYR A CZ  1 
ATOM   1613 O OH  . TYR A 1 215 ? -0.601  2.086   -14.150 1.00 50.15 ? 234 TYR A OH  1 
ATOM   1614 N N   . ARG A 1 216 ? -3.313  9.921   -11.276 1.00 57.55 ? 235 ARG A N   1 
ATOM   1615 C CA  . ARG A 1 216 ? -4.122  11.019  -10.748 1.00 59.15 ? 235 ARG A CA  1 
ATOM   1616 C C   . ARG A 1 216 ? -5.302  11.413  -11.667 1.00 59.34 ? 235 ARG A C   1 
ATOM   1617 O O   . ARG A 1 216 ? -6.346  11.829  -11.170 1.00 59.52 ? 235 ARG A O   1 
ATOM   1618 C CB  . ARG A 1 216 ? -3.248  12.212  -10.313 1.00 59.49 ? 235 ARG A CB  1 
ATOM   1619 C CG  . ARG A 1 216 ? -3.967  13.283  -9.445  1.00 62.31 ? 235 ARG A CG  1 
ATOM   1620 C CD  . ARG A 1 216 ? -3.308  13.524  -8.056  1.00 66.54 ? 235 ARG A CD  1 
ATOM   1621 N NE  . ARG A 1 216 ? -1.851  13.326  -8.065  1.00 70.86 ? 235 ARG A NE  1 
ATOM   1622 C CZ  . ARG A 1 216 ? -1.081  13.128  -6.987  1.00 72.49 ? 235 ARG A CZ  1 
ATOM   1623 N NH1 . ARG A 1 216 ? -1.603  13.099  -5.757  1.00 72.32 ? 235 ARG A NH1 1 
ATOM   1624 N NH2 . ARG A 1 216 ? 0.231   12.953  -7.143  1.00 72.20 ? 235 ARG A NH2 1 
ATOM   1625 N N   . PRO A 1 217 ? -5.164  11.247  -12.998 1.00 59.96 ? 236 PRO A N   1 
ATOM   1626 C CA  . PRO A 1 217 ? -6.355  11.525  -13.818 1.00 60.16 ? 236 PRO A CA  1 
ATOM   1627 C C   . PRO A 1 217 ? -7.458  10.492  -13.629 1.00 60.09 ? 236 PRO A C   1 
ATOM   1628 O O   . PRO A 1 217 ? -8.605  10.876  -13.410 1.00 60.29 ? 236 PRO A O   1 
ATOM   1629 C CB  . PRO A 1 217 ? -5.824  11.515  -15.259 1.00 60.06 ? 236 PRO A CB  1 
ATOM   1630 C CG  . PRO A 1 217 ? -4.575  10.688  -15.188 1.00 60.91 ? 236 PRO A CG  1 
ATOM   1631 C CD  . PRO A 1 217 ? -3.978  10.985  -13.836 1.00 60.23 ? 236 PRO A CD  1 
ATOM   1632 N N   . TRP A 1 218 ? -7.124  9.203   -13.688 1.00 60.17 ? 237 TRP A N   1 
ATOM   1633 C CA  . TRP A 1 218 ? -8.135  8.161   -13.488 1.00 60.19 ? 237 TRP A CA  1 
ATOM   1634 C C   . TRP A 1 218 ? -8.725  8.199   -12.070 1.00 60.90 ? 237 TRP A C   1 
ATOM   1635 O O   . TRP A 1 218 ? -9.899  7.863   -11.865 1.00 60.74 ? 237 TRP A O   1 
ATOM   1636 C CB  . TRP A 1 218 ? -7.578  6.784   -13.799 1.00 59.45 ? 237 TRP A CB  1 
ATOM   1637 C CG  . TRP A 1 218 ? -8.453  5.697   -13.293 1.00 58.48 ? 237 TRP A CG  1 
ATOM   1638 C CD1 . TRP A 1 218 ? -9.572  5.196   -13.894 1.00 58.13 ? 237 TRP A CD1 1 
ATOM   1639 C CD2 . TRP A 1 218 ? -8.304  4.978   -12.057 1.00 56.94 ? 237 TRP A CD2 1 
ATOM   1640 N NE1 . TRP A 1 218 ? -10.125 4.199   -13.116 1.00 57.38 ? 237 TRP A NE1 1 
ATOM   1641 C CE2 . TRP A 1 218 ? -9.366  4.050   -11.981 1.00 56.76 ? 237 TRP A CE2 1 
ATOM   1642 C CE3 . TRP A 1 218 ? -7.380  5.032   -11.005 1.00 55.07 ? 237 TRP A CE3 1 
ATOM   1643 C CZ2 . TRP A 1 218 ? -9.521  3.180   -10.895 1.00 55.48 ? 237 TRP A CZ2 1 
ATOM   1644 C CZ3 . TRP A 1 218 ? -7.534  4.168   -9.933  1.00 53.78 ? 237 TRP A CZ3 1 
ATOM   1645 C CH2 . TRP A 1 218 ? -8.596  3.255   -9.884  1.00 53.79 ? 237 TRP A CH2 1 
ATOM   1646 N N   . ILE A 1 219 ? -7.901  8.610   -11.108 1.00 61.57 ? 238 ILE A N   1 
ATOM   1647 C CA  . ILE A 1 219 ? -8.310  8.646   -9.720  1.00 62.54 ? 238 ILE A CA  1 
ATOM   1648 C C   . ILE A 1 219 ? -9.400  9.690   -9.532  1.00 63.79 ? 238 ILE A C   1 
ATOM   1649 O O   . ILE A 1 219 ? -10.530 9.340   -9.177  1.00 63.81 ? 238 ILE A O   1 
ATOM   1650 C CB  . ILE A 1 219 ? -7.106  8.887   -8.762  1.00 62.42 ? 238 ILE A CB  1 
ATOM   1651 C CG1 . ILE A 1 219 ? -6.208  7.651   -8.704  1.00 62.09 ? 238 ILE A CG1 1 
ATOM   1652 C CG2 . ILE A 1 219 ? -7.584  9.202   -7.350  1.00 62.28 ? 238 ILE A CG2 1 
ATOM   1653 C CD1 . ILE A 1 219 ? -4.903  7.861   -7.980  1.00 60.74 ? 238 ILE A CD1 1 
ATOM   1654 N N   . ASN A 1 220 ? -9.056  10.959  -9.790  1.00 65.36 ? 239 ASN A N   1 
ATOM   1655 C CA  . ASN A 1 220 ? -9.974  12.102  -9.651  1.00 66.57 ? 239 ASN A CA  1 
ATOM   1656 C C   . ASN A 1 220 ? -11.224 11.939  -10.492 1.00 66.69 ? 239 ASN A C   1 
ATOM   1657 O O   . ASN A 1 220 ? -12.211 12.646  -10.295 1.00 67.05 ? 239 ASN A O   1 
ATOM   1658 C CB  . ASN A 1 220 ? -9.272  13.411  -10.018 1.00 67.11 ? 239 ASN A CB  1 
ATOM   1659 C CG  . ASN A 1 220 ? -8.379  13.936  -8.888  1.00 70.82 ? 239 ASN A CG  1 
ATOM   1660 O OD1 . ASN A 1 220 ? -8.770  13.940  -7.706  1.00 74.15 ? 239 ASN A OD1 1 
ATOM   1661 N ND2 . ASN A 1 220 ? -7.174  14.395  -9.248  1.00 73.26 ? 239 ASN A ND2 1 
ATOM   1662 N N   . GLN A 1 221 ? -11.163 10.998  -11.429 1.00 66.70 ? 240 GLN A N   1 
ATOM   1663 C CA  . GLN A 1 221 ? -12.295 10.618  -12.246 1.00 66.93 ? 240 GLN A CA  1 
ATOM   1664 C C   . GLN A 1 221 ? -13.268 9.781   -11.429 1.00 67.16 ? 240 GLN A C   1 
ATOM   1665 O O   . GLN A 1 221 ? -14.482 9.984   -11.496 1.00 67.54 ? 240 GLN A O   1 
ATOM   1666 C CB  . GLN A 1 221 ? -11.777 9.798   -13.405 1.00 67.08 ? 240 GLN A CB  1 
ATOM   1667 C CG  . GLN A 1 221 ? -12.669 9.677   -14.601 1.00 67.40 ? 240 GLN A CG  1 
ATOM   1668 C CD  . GLN A 1 221 ? -11.896 9.090   -15.769 1.00 68.64 ? 240 GLN A CD  1 
ATOM   1669 O OE1 . GLN A 1 221 ? -12.266 8.046   -16.307 1.00 69.23 ? 240 GLN A OE1 1 
ATOM   1670 N NE2 . GLN A 1 221 ? -10.789 9.742   -16.145 1.00 67.77 ? 240 GLN A NE2 1 
ATOM   1671 N N   . ILE A 1 222 ? -12.732 8.840   -10.653 1.00 67.18 ? 241 ILE A N   1 
ATOM   1672 C CA  . ILE A 1 222 ? -13.551 7.986   -9.793  1.00 67.01 ? 241 ILE A CA  1 
ATOM   1673 C C   . ILE A 1 222 ? -14.215 8.817   -8.668  1.00 67.24 ? 241 ILE A C   1 
ATOM   1674 O O   . ILE A 1 222 ? -15.386 8.613   -8.343  1.00 66.95 ? 241 ILE A O   1 
ATOM   1675 C CB  . ILE A 1 222 ? -12.733 6.767   -9.250  1.00 66.77 ? 241 ILE A CB  1 
ATOM   1676 C CG1 . ILE A 1 222 ? -12.041 6.021   -10.393 1.00 66.30 ? 241 ILE A CG1 1 
ATOM   1677 C CG2 . ILE A 1 222 ? -13.619 5.793   -8.487  1.00 66.66 ? 241 ILE A CG2 1 
ATOM   1678 C CD1 . ILE A 1 222 ? -12.952 5.097   -11.204 1.00 66.05 ? 241 ILE A CD1 1 
ATOM   1679 N N   . LEU A 1 223 ? -13.474 9.778   -8.115  1.00 67.47 ? 242 LEU A N   1 
ATOM   1680 C CA  . LEU A 1 223 ? -13.975 10.616  -7.016  1.00 67.57 ? 242 LEU A CA  1 
ATOM   1681 C C   . LEU A 1 223 ? -14.956 11.704  -7.452  1.00 67.97 ? 242 LEU A C   1 
ATOM   1682 O O   . LEU A 1 223 ? -15.564 12.366  -6.605  1.00 68.16 ? 242 LEU A O   1 
ATOM   1683 C CB  . LEU A 1 223 ? -12.814 11.271  -6.266  1.00 67.13 ? 242 LEU A CB  1 
ATOM   1684 C CG  . LEU A 1 223 ? -11.701 10.359  -5.752  1.00 66.96 ? 242 LEU A CG  1 
ATOM   1685 C CD1 . LEU A 1 223 ? -10.597 11.180  -5.090  1.00 66.56 ? 242 LEU A CD1 1 
ATOM   1686 C CD2 . LEU A 1 223 ? -12.247 9.310   -4.791  1.00 66.30 ? 242 LEU A CD2 1 
ATOM   1687 N N   . GLN A 1 224 ? -15.103 11.905  -8.760  1.00 68.17 ? 243 GLN A N   1 
ATOM   1688 C CA  . GLN A 1 224 ? -15.996 12.946  -9.248  1.00 67.88 ? 243 GLN A CA  1 
ATOM   1689 C C   . GLN A 1 224 ? -17.406 12.474  -9.401  1.00 67.28 ? 243 GLN A C   1 
ATOM   1690 O O   . GLN A 1 224 ? -18.321 13.212  -9.053  1.00 67.72 ? 243 GLN A O   1 
ATOM   1691 C CB  . GLN A 1 224 ? -15.494 13.581  -10.521 1.00 68.19 ? 243 GLN A CB  1 
ATOM   1692 C CG  . GLN A 1 224 ? -14.938 14.938  -10.231 1.00 69.40 ? 243 GLN A CG  1 
ATOM   1693 C CD  . GLN A 1 224 ? -13.935 15.362  -11.258 1.00 72.10 ? 243 GLN A CD  1 
ATOM   1694 O OE1 . GLN A 1 224 ? -14.145 15.176  -12.464 1.00 73.56 ? 243 GLN A OE1 1 
ATOM   1695 N NE2 . GLN A 1 224 ? -12.822 15.928  -10.796 1.00 72.51 ? 243 GLN A NE2 1 
ATOM   1696 N N   . ALA A 1 225 ? -17.593 11.266  -9.928  1.00 66.48 ? 244 ALA A N   1 
ATOM   1697 C CA  . ALA A 1 225 ? -18.829 10.530  -9.655  1.00 66.02 ? 244 ALA A CA  1 
ATOM   1698 C C   . ALA A 1 225 ? -18.603 10.007  -8.241  1.00 65.72 ? 244 ALA A C   1 
ATOM   1699 O O   . ALA A 1 225 ? -17.671 10.465  -7.568  1.00 65.44 ? 244 ALA A O   1 
ATOM   1700 C CB  . ALA A 1 225 ? -19.021 9.386   -10.639 1.00 65.80 ? 244 ALA A CB  1 
ATOM   1701 N N   . ASN A 1 226 ? -19.434 9.076   -7.779  1.00 65.22 ? 245 ASN A N   1 
ATOM   1702 C CA  . ASN A 1 226 ? -19.175 8.378   -6.501  1.00 64.89 ? 245 ASN A CA  1 
ATOM   1703 C C   . ASN A 1 226 ? -18.915 9.275   -5.291  1.00 64.72 ? 245 ASN A C   1 
ATOM   1704 O O   . ASN A 1 226 ? -19.661 9.248   -4.329  1.00 64.97 ? 245 ASN A O   1 
ATOM   1705 C CB  . ASN A 1 226 ? -18.007 7.400   -6.647  1.00 64.50 ? 245 ASN A CB  1 
ATOM   1706 C CG  . ASN A 1 226 ? -18.042 6.645   -7.946  1.00 64.15 ? 245 ASN A CG  1 
ATOM   1707 O OD1 . ASN A 1 226 ? -18.815 5.708   -8.105  1.00 64.97 ? 245 ASN A OD1 1 
ATOM   1708 N ND2 . ASN A 1 226 ? -17.202 7.046   -8.892  1.00 63.40 ? 245 ASN A ND2 1 
ATOM   1709 O OXT . ASN A 1 226 ? -17.954 10.031  -5.199  1.00 64.72 ? 245 ASN A OXT 1 
HETATM 1710 O O27 . KPK B 2 .   ? -0.407  -8.965  -2.038  1.00 36.91 ? 301 KPK A O27 1 
HETATM 1711 C C24 . KPK B 2 .   ? -0.064  -9.283  -0.879  1.00 37.54 ? 301 KPK A C24 1 
HETATM 1712 O O26 . KPK B 2 .   ? 0.972   -8.898  -0.266  1.00 31.64 1 301 KPK A O26 1 
HETATM 1713 C C20 . KPK B 2 .   ? -1.009  -10.241 -0.212  1.00 40.73 ? 301 KPK A C20 1 
HETATM 1714 C C16 . KPK B 2 .   ? -0.942  -11.604 -0.913  1.00 43.14 ? 301 KPK A C16 1 
HETATM 1715 C C12 . KPK B 2 .   ? 0.323   -12.404 -0.577  1.00 42.36 ? 301 KPK A C12 1 
HETATM 1716 S S8  . KPK B 2 .   ? 1.730   -11.853 -1.508  1.00 44.76 ? 301 KPK A S8  1 
HETATM 1717 C C3  . KPK B 2 .   ? 1.318   -11.341 -3.132  1.00 41.18 ? 301 KPK A C3  1 
HETATM 1718 N N7  . KPK B 2 .   ? 0.427   -12.025 -3.879  1.00 39.98 ? 301 KPK A N7  1 
HETATM 1719 C C5  . KPK B 2 .   ? 0.379   -11.367 -5.053  1.00 37.32 ? 301 KPK A C5  1 
HETATM 1720 C C10 . KPK B 2 .   ? -0.350  -11.565 -6.220  1.00 36.05 ? 301 KPK A C10 1 
HETATM 1721 C C15 . KPK B 2 .   ? -0.188  -10.670 -7.280  1.00 37.09 ? 301 KPK A C15 1 
HETATM 1722 C C11 . KPK B 2 .   ? 0.703   -9.584  -7.178  1.00 37.29 ? 301 KPK A C11 1 
HETATM 1723 C C6  . KPK B 2 .   ? 1.458   -9.351  -6.018  1.00 37.54 ? 301 KPK A C6  1 
HETATM 1724 C C2  . KPK B 2 .   ? 1.324   -10.216 -4.930  1.00 38.76 ? 301 KPK A C2  1 
HETATM 1725 N N1  . KPK B 2 .   ? 1.873   -10.272 -3.699  1.00 40.37 ? 301 KPK A N1  1 
HETATM 1726 C C4  . KPK B 2 .   ? 2.839   -9.353  -3.100  1.00 40.19 ? 301 KPK A C4  1 
HETATM 1727 C C9  . KPK B 2 .   ? 4.254   -9.794  -3.330  1.00 41.32 ? 301 KPK A C9  1 
HETATM 1728 C C14 . KPK B 2 .   ? 4.577   -11.040 -3.882  1.00 41.30 ? 301 KPK A C14 1 
HETATM 1729 S S19 . KPK B 2 .   ? 6.308   -11.190 -3.999  1.00 42.61 ? 301 KPK A S19 1 
HETATM 1730 C C17 . KPK B 2 .   ? 6.681   -9.688  -3.378  1.00 42.48 ? 301 KPK A C17 1 
HETATM 1731 C C21 . KPK B 2 .   ? 7.972   -9.191  -3.197  1.00 42.47 ? 301 KPK A C21 1 
HETATM 1732 C C25 . KPK B 2 .   ? 8.120   -7.913  -2.671  1.00 42.57 ? 301 KPK A C25 1 
HETATM 1733 C C22 . KPK B 2 .   ? 7.004   -7.132  -2.309  1.00 42.28 ? 301 KPK A C22 1 
HETATM 1734 C C18 . KPK B 2 .   ? 5.679   -7.563  -2.445  1.00 41.25 ? 301 KPK A C18 1 
HETATM 1735 C C13 . KPK B 2 .   ? 5.462   -8.932  -3.014  1.00 41.70 ? 301 KPK A C13 1 
HETATM 1736 C C23 . KPK B 2 .   ? 4.542   -6.654  -2.022  1.00 38.42 ? 301 KPK A C23 1 
HETATM 1737 O O   . HOH C 3 .   ? -5.414  1.170   10.624  1.00 17.11 ? 401 HOH A O   1 
HETATM 1738 O O   . HOH C 3 .   ? -3.727  5.581   13.843  1.00 31.96 ? 402 HOH A O   1 
HETATM 1739 O O   . HOH C 3 .   ? 0.393   -3.443  5.396   1.00 28.63 ? 403 HOH A O   1 
HETATM 1740 O O   . HOH C 3 .   ? 14.675  -7.079  -6.927  1.00 39.61 ? 404 HOH A O   1 
HETATM 1741 O O   . HOH C 3 .   ? -11.211 -14.253 5.628   1.00 51.23 ? 405 HOH A O   1 
HETATM 1742 O O   . HOH C 3 .   ? 18.309  -8.711  -15.030 1.00 51.97 ? 406 HOH A O   1 
HETATM 1743 O O   . HOH C 3 .   ? 2.861   7.916   19.103  1.00 38.27 ? 407 HOH A O   1 
HETATM 1744 O O   . HOH C 3 .   ? 1.513   -1.232  3.659   1.00 45.26 ? 408 HOH A O   1 
HETATM 1745 O O   . HOH C 3 .   ? -9.460  -5.266  12.065  1.00 38.17 ? 409 HOH A O   1 
HETATM 1746 O O   . HOH C 3 .   ? 16.119  10.060  -8.970  1.00 50.93 ? 410 HOH A O   1 
HETATM 1747 O O   . HOH C 3 .   ? -4.706  7.455   -15.102 1.00 49.34 ? 411 HOH A O   1 
HETATM 1748 O O   . HOH C 3 .   ? 3.918   9.716   -8.047  1.00 43.04 ? 412 HOH A O   1 
# 
